data_9RNH
#
_entry.id   9RNH
#
_cell.length_a   1.00
_cell.length_b   1.00
_cell.length_c   1.00
_cell.angle_alpha   90.00
_cell.angle_beta   90.00
_cell.angle_gamma   90.00
#
_symmetry.space_group_name_H-M   'P 1'
#
loop_
_entity.id
_entity.type
_entity.pdbx_description
1 polymer 'Glutamate receptor'
2 polymer 'Voltage-dependent calcium channel gamma-2 subunit'
3 non-polymer 'PALMITIC ACID'
4 non-polymer '(2R)-2,3-dihydroxypropyl (9Z)-octadec-9-enoate'
5 water water
#
loop_
_entity_poly.entity_id
_entity_poly.type
_entity_poly.pdbx_seq_one_letter_code
_entity_poly.pdbx_strand_id
1 'polypeptide(L)'
;MRIICRQIVLLFSGFWGLAMGAFPSSVQIGGLFIRNTDQEYTAFRLAIFLHNTSPNASEAPFNLVPHVDNIETANSFAVT
NAFCSQYSRGVFAIFGLYDKRSVHTLTSFCSALHISLITPSFPTEGESQFVLQLRPSLRGALLSLLDHYEWNCFVFLYDT
DRGYSILQAIMEKAGQNGWHVSAICVENFNDVSYRQLLEELDRRQEKKFVIDCEIERLQNILEQIVSVGKHVKGYHYIIA
NLGFKDISLERFIHGGANVTGFQLVDFNTPMVTKLMDRWKKLDQREYPGSETPPKYTSALTYDGVLVMAETFRSLRRQKI
DISRRGNAGDCLANPAAPWGQGIDMERTLKQVRIQGLTGNVQFDHYGRRVNYTMDVFELKSTGPRKVGYWNDMDKLVLIQ
DMPTLGNDTAAIENRTVVVTTIMESPYVMYKKNHEMFEGNDKYEGYCVDLASEIAKHIGIKYKIAIVPDGKYGARDADTK
IWNGMVGELVYGKAEIAIAPLTITLVREEVIDFSKPFMSLGISIMIKKPQKSKPGVFSFLDPLAYEIWMCIVFAYIGVSV
VLFLVSRFSPYEWHTEEPEDGKEGPSDQPPNEFGIFNSLWFSLGAFMQQGCDISPRSLSGRIVGGVWWFFTLIIISSYTA
NLAAFLTVERMVSPIESAEDLAKQTEIAYGTLDSGSTKEFFRRSKIAVYEKMWTYMRSAEPSVFTRTTAEGVARVRKSKG
KFAFLLESTMNEYIEQRKPCDTMKVGGNLDSKGYGVATPKGSSLRTPVNLAVLKLSEAGVLDKLKNKWWYDKGECGPKDS
GSKDKTSALSLSNVAGVFYILVGGLGLAMLVALIEFCYKSRAEAKRMKLTFSEAIRNKARLSITGSVGENGRVLTPDCPK
AVHTGTAIRQSSGLAVIASDLP
;
A,B,C,D
2 'polypeptide(L)'
;MGLFDRGVQMLLTIVGAFAAFSLMTIAVGTDYWLYSRGVCKTKSVSENETSKKNEEVMTHSGLWRTCCLEGNFKGLCKQI
DHFPEDADYEADTAEYFLRAVRASSIFPILSVILLFMGGLCIAASEFYKTRHNIILSAGIFFVSAGLSNIIGIIVYISAN
AGDPSKSDSKKNSYSYGWSFYFGALSFIIAEMVGVLAVHMFIDRHKQLRATARATDYLQASAITRIPSYRYRYQRRSRSS
SRSTEPSHSRDASPVGVKGFNTLPSTEISMYTLSRDPLKAATTPTATYNSDRDNSFLQVHNCIQKDSKDSLHANTANRRT
TPV
;
E,F,G,H
#
loop_
_chem_comp.id
_chem_comp.type
_chem_comp.name
_chem_comp.formula
OLC non-polymer '(2R)-2,3-dihydroxypropyl (9Z)-octadec-9-enoate' 'C21 H40 O4'
PLM non-polymer 'PALMITIC ACID' 'C16 H32 O2'
#
# COMPACT_ATOMS: atom_id res chain seq x y z
N SER A 532 -12.50 25.21 -15.80
CA SER A 532 -12.97 26.19 -14.83
C SER A 532 -11.95 26.37 -13.70
N LYS A 533 -12.44 26.69 -12.50
CA LYS A 533 -11.62 26.99 -11.34
C LYS A 533 -11.85 25.92 -10.29
N PRO A 534 -11.10 24.81 -10.34
CA PRO A 534 -11.19 23.82 -9.26
C PRO A 534 -10.83 24.41 -7.91
N GLY A 535 -11.70 24.20 -6.93
CA GLY A 535 -11.48 24.77 -5.62
C GLY A 535 -10.19 24.29 -4.99
N VAL A 536 -9.64 25.13 -4.11
CA VAL A 536 -8.41 24.78 -3.40
C VAL A 536 -8.50 23.37 -2.83
N PHE A 537 -9.56 23.10 -2.07
CA PHE A 537 -9.76 21.80 -1.43
C PHE A 537 -10.71 20.94 -2.26
N SER A 538 -10.32 20.70 -3.51
CA SER A 538 -11.10 19.87 -4.42
C SER A 538 -10.60 18.44 -4.47
N PHE A 539 -9.68 18.06 -3.59
CA PHE A 539 -9.22 16.68 -3.50
C PHE A 539 -10.07 15.86 -2.55
N LEU A 540 -10.97 16.50 -1.80
CA LEU A 540 -11.86 15.83 -0.88
C LEU A 540 -13.23 15.55 -1.49
N ASP A 541 -13.39 15.83 -2.79
CA ASP A 541 -14.62 15.59 -3.51
C ASP A 541 -14.98 14.12 -3.63
N PRO A 542 -14.01 13.20 -3.92
CA PRO A 542 -14.37 11.79 -4.12
C PRO A 542 -15.20 11.17 -3.00
N LEU A 543 -15.31 11.86 -1.86
CA LEU A 543 -16.07 11.36 -0.72
C LEU A 543 -16.86 12.52 -0.13
N ALA A 544 -18.08 12.23 0.30
CA ALA A 544 -18.97 13.27 0.78
C ALA A 544 -18.48 13.83 2.11
N TYR A 545 -19.01 14.99 2.48
CA TYR A 545 -18.58 15.64 3.72
C TYR A 545 -18.82 14.74 4.93
N GLU A 546 -19.94 14.02 4.94
CA GLU A 546 -20.28 13.21 6.11
C GLU A 546 -19.33 12.01 6.24
N ILE A 547 -18.82 11.50 5.13
CA ILE A 547 -17.81 10.44 5.21
C ILE A 547 -16.51 11.00 5.79
N TRP A 548 -16.11 12.20 5.36
CA TRP A 548 -14.87 12.76 5.87
C TRP A 548 -15.00 13.12 7.34
N MET A 549 -16.22 13.37 7.80
CA MET A 549 -16.44 13.64 9.20
C MET A 549 -16.46 12.33 10.00
N CYS A 550 -17.25 11.35 9.55
CA CYS A 550 -17.35 10.09 10.27
C CYS A 550 -16.04 9.32 10.28
N ILE A 551 -15.13 9.60 9.35
CA ILE A 551 -13.82 8.95 9.38
C ILE A 551 -13.02 9.46 10.56
N VAL A 552 -13.04 10.78 10.79
CA VAL A 552 -12.37 11.36 11.95
C VAL A 552 -12.95 10.78 13.23
N PHE A 553 -14.28 10.70 13.31
CA PHE A 553 -14.94 10.14 14.49
C PHE A 553 -14.51 8.69 14.70
N ALA A 554 -14.52 7.90 13.62
CA ALA A 554 -14.12 6.50 13.74
C ALA A 554 -12.66 6.38 14.14
N TYR A 555 -11.81 7.31 13.68
CA TYR A 555 -10.40 7.28 14.03
C TYR A 555 -10.21 7.56 15.52
N ILE A 556 -10.85 8.61 16.03
CA ILE A 556 -10.78 8.93 17.46
C ILE A 556 -11.37 7.80 18.30
N GLY A 557 -12.26 7.00 17.73
CA GLY A 557 -12.90 5.94 18.49
C GLY A 557 -12.08 4.67 18.49
N VAL A 558 -11.47 4.34 17.37
CA VAL A 558 -10.61 3.15 17.31
C VAL A 558 -9.39 3.34 18.19
N SER A 559 -8.76 4.51 18.13
CA SER A 559 -7.60 4.79 18.96
C SER A 559 -7.93 4.62 20.44
N VAL A 560 -9.03 5.21 20.90
CA VAL A 560 -9.39 5.12 22.31
C VAL A 560 -9.70 3.68 22.70
N VAL A 561 -10.39 2.95 21.84
CA VAL A 561 -10.73 1.57 22.18
C VAL A 561 -9.48 0.70 22.15
N LEU A 562 -8.53 1.00 21.26
CA LEU A 562 -7.25 0.28 21.28
C LEU A 562 -6.48 0.58 22.56
N PHE A 563 -6.41 1.85 22.94
CA PHE A 563 -5.82 2.21 24.22
C PHE A 563 -6.50 1.47 25.37
N LEU A 564 -7.82 1.38 25.34
CA LEU A 564 -8.56 0.81 26.47
C LEU A 564 -8.22 -0.65 26.67
N VAL A 565 -8.35 -1.46 25.62
CA VAL A 565 -8.17 -2.89 25.75
C VAL A 565 -6.72 -3.24 26.08
N SER A 566 -5.77 -2.49 25.50
CA SER A 566 -4.36 -2.83 25.69
C SER A 566 -3.88 -2.55 27.11
N ARG A 567 -4.27 -1.43 27.70
CA ARG A 567 -3.71 -1.01 28.98
C ARG A 567 -4.73 -0.89 30.12
N PHE A 568 -5.85 -1.61 30.08
CA PHE A 568 -6.77 -1.56 31.21
C PHE A 568 -6.63 -2.76 32.14
N SER A 569 -5.78 -3.73 31.82
CA SER A 569 -5.62 -4.95 32.59
C SER A 569 -4.55 -4.83 33.68
N PRO A 570 -4.93 -4.61 34.94
CA PRO A 570 -3.93 -4.63 36.03
C PRO A 570 -3.13 -5.92 36.06
N TYR A 571 -3.68 -6.98 35.48
CA TYR A 571 -3.06 -8.31 35.48
C TYR A 571 -2.21 -8.55 34.24
N GLU A 572 -1.55 -7.51 33.77
CA GLU A 572 -0.66 -7.62 32.61
C GLU A 572 0.67 -6.90 32.79
N TRP A 573 0.76 -5.90 33.66
CA TRP A 573 1.96 -5.10 33.79
C TRP A 573 2.96 -5.80 34.69
N HIS A 574 4.19 -5.95 34.20
CA HIS A 574 5.23 -6.68 34.93
C HIS A 574 6.55 -5.94 34.90
N GLN A 588 6.33 -0.73 34.51
CA GLN A 588 6.70 -1.42 33.27
C GLN A 588 5.45 -1.79 32.47
N PRO A 589 5.16 -1.00 31.44
CA PRO A 589 3.96 -1.25 30.64
C PRO A 589 4.13 -2.44 29.73
N PRO A 590 3.09 -3.27 29.58
CA PRO A 590 3.25 -4.49 28.77
C PRO A 590 3.53 -4.21 27.31
N ASN A 591 2.70 -3.39 26.67
CA ASN A 591 2.85 -3.03 25.27
C ASN A 591 2.94 -1.52 25.14
N GLU A 592 3.63 -1.06 24.10
CA GLU A 592 3.77 0.36 23.84
C GLU A 592 2.55 0.97 23.16
N PHE A 593 1.35 0.60 23.59
CA PHE A 593 0.12 1.15 23.04
C PHE A 593 -0.55 2.03 24.08
N GLY A 594 0.08 3.15 24.39
CA GLY A 594 -0.51 4.13 25.28
C GLY A 594 -1.64 4.87 24.60
N ILE A 595 -1.85 6.13 24.96
CA ILE A 595 -2.85 6.93 24.27
C ILE A 595 -2.23 7.73 23.14
N PHE A 596 -0.94 8.02 23.21
CA PHE A 596 -0.26 8.79 22.17
C PHE A 596 0.27 7.89 21.06
N ASN A 597 0.67 6.66 21.39
CA ASN A 597 1.07 5.70 20.37
C ASN A 597 -0.10 4.94 19.78
N SER A 598 -1.29 5.01 20.38
CA SER A 598 -2.47 4.40 19.79
C SER A 598 -3.13 5.29 18.76
N LEU A 599 -2.79 6.57 18.75
CA LEU A 599 -3.25 7.49 17.72
C LEU A 599 -2.33 7.47 16.52
N TRP A 600 -1.02 7.37 16.76
CA TRP A 600 -0.07 7.18 15.67
C TRP A 600 -0.36 5.90 14.91
N PHE A 601 -0.61 4.80 15.62
CA PHE A 601 -0.93 3.54 14.97
C PHE A 601 -2.16 3.67 14.09
N SER A 602 -3.23 4.23 14.63
CA SER A 602 -4.47 4.39 13.86
C SER A 602 -4.23 5.29 12.66
N LEU A 603 -3.51 6.39 12.84
CA LEU A 603 -3.22 7.28 11.72
C LEU A 603 -2.39 6.58 10.66
N GLY A 604 -1.39 5.82 11.08
CA GLY A 604 -0.59 5.07 10.12
C GLY A 604 -1.40 4.02 9.39
N ALA A 605 -2.28 3.32 10.11
CA ALA A 605 -3.09 2.29 9.48
C ALA A 605 -4.03 2.86 8.43
N PHE A 606 -4.60 4.04 8.69
CA PHE A 606 -5.50 4.64 7.71
C PHE A 606 -4.74 5.13 6.50
N MET A 607 -3.65 5.85 6.70
CA MET A 607 -2.89 6.44 5.61
C MET A 607 -2.15 5.40 4.79
N GLN A 608 -2.25 4.13 5.17
CA GLN A 608 -1.54 3.01 4.57
C GLN A 608 -0.10 3.09 5.05
N GLN A 609 0.64 4.10 4.59
CA GLN A 609 1.97 4.40 5.11
C GLN A 609 2.00 4.20 6.61
N GLY A 610 2.91 3.37 7.08
CA GLY A 610 3.02 3.18 8.51
C GLY A 610 3.24 1.74 8.88
N CYS A 611 4.40 1.44 9.46
CA CYS A 611 4.70 0.08 9.88
C CYS A 611 5.75 0.06 10.98
N ASP A 612 5.31 0.23 12.23
CA ASP A 612 6.22 0.26 13.37
C ASP A 612 5.89 -0.84 14.38
N ILE A 613 4.79 -0.73 15.12
CA ILE A 613 4.39 -1.71 16.11
C ILE A 613 2.94 -2.09 15.89
N SER A 614 2.64 -3.38 16.01
CA SER A 614 1.30 -3.90 15.83
C SER A 614 0.81 -4.55 17.11
N PRO A 615 -0.51 -4.57 17.36
CA PRO A 615 -1.04 -5.25 18.55
C PRO A 615 -0.58 -6.69 18.68
N ARG A 616 -0.60 -7.24 19.90
CA ARG A 616 -0.15 -8.60 20.14
C ARG A 616 -1.11 -9.40 20.99
N SER A 617 -2.22 -8.81 21.43
CA SER A 617 -3.23 -9.51 22.21
C SER A 617 -4.43 -9.83 21.32
N LEU A 618 -5.39 -10.57 21.87
CA LEU A 618 -6.58 -10.89 21.10
C LEU A 618 -7.45 -9.66 20.91
N SER A 619 -7.70 -8.92 22.00
CA SER A 619 -8.56 -7.75 21.92
C SER A 619 -7.97 -6.68 21.02
N GLY A 620 -6.70 -6.33 21.24
CA GLY A 620 -6.05 -5.34 20.40
C GLY A 620 -6.06 -5.70 18.93
N ARG A 621 -5.86 -6.97 18.61
CA ARG A 621 -5.81 -7.39 17.21
C ARG A 621 -7.16 -7.24 16.54
N ILE A 622 -8.23 -7.67 17.21
CA ILE A 622 -9.58 -7.46 16.68
C ILE A 622 -9.78 -5.99 16.31
N VAL A 623 -9.39 -5.08 17.21
CA VAL A 623 -9.53 -3.65 16.92
C VAL A 623 -8.75 -3.29 15.67
N GLY A 624 -7.48 -3.70 15.61
CA GLY A 624 -6.67 -3.39 14.45
C GLY A 624 -7.11 -4.10 13.19
N GLY A 625 -7.82 -5.23 13.34
CA GLY A 625 -8.25 -5.97 12.16
C GLY A 625 -9.50 -5.43 11.51
N VAL A 626 -10.43 -4.87 12.28
CA VAL A 626 -11.57 -4.18 11.69
C VAL A 626 -11.15 -2.83 11.15
N TRP A 627 -10.26 -2.13 11.85
CA TRP A 627 -9.71 -0.87 11.34
C TRP A 627 -9.03 -1.09 10.00
N TRP A 628 -8.29 -2.18 9.86
CA TRP A 628 -7.62 -2.46 8.59
C TRP A 628 -8.63 -2.70 7.48
N PHE A 629 -9.69 -3.45 7.77
CA PHE A 629 -10.75 -3.64 6.79
C PHE A 629 -11.41 -2.31 6.44
N PHE A 630 -11.69 -1.49 7.45
CA PHE A 630 -12.27 -0.18 7.21
C PHE A 630 -11.40 0.62 6.25
N THR A 631 -10.10 0.73 6.54
CA THR A 631 -9.19 1.50 5.71
C THR A 631 -9.21 1.01 4.27
N LEU A 632 -9.12 -0.31 4.07
CA LEU A 632 -9.07 -0.87 2.72
C LEU A 632 -10.21 -0.34 1.86
N ILE A 633 -11.45 -0.57 2.30
CA ILE A 633 -12.62 -0.11 1.56
C ILE A 633 -12.57 1.39 1.33
N ILE A 634 -12.29 2.16 2.39
CA ILE A 634 -12.32 3.61 2.28
C ILE A 634 -11.24 4.11 1.33
N ILE A 635 -10.05 3.51 1.37
CA ILE A 635 -8.99 3.96 0.49
C ILE A 635 -9.15 3.41 -0.92
N SER A 636 -9.94 2.34 -1.08
CA SER A 636 -10.29 1.85 -2.41
C SER A 636 -11.56 2.51 -2.94
N SER A 637 -12.34 3.16 -2.08
CA SER A 637 -13.51 3.91 -2.55
C SER A 637 -13.10 5.29 -3.04
N TYR A 638 -12.22 5.97 -2.30
CA TYR A 638 -11.67 7.24 -2.76
C TYR A 638 -11.08 7.11 -4.16
N THR A 639 -10.09 6.23 -4.31
CA THR A 639 -9.44 6.04 -5.61
C THR A 639 -10.45 5.70 -6.69
N ALA A 640 -11.33 4.75 -6.42
CA ALA A 640 -12.28 4.32 -7.44
C ALA A 640 -13.24 5.43 -7.82
N ASN A 641 -13.77 6.15 -6.83
CA ASN A 641 -14.69 7.24 -7.15
C ASN A 641 -13.97 8.44 -7.75
N LEU A 642 -12.71 8.67 -7.36
CA LEU A 642 -11.95 9.73 -8.00
C LEU A 642 -11.74 9.43 -9.47
N ALA A 643 -11.46 8.18 -9.81
CA ALA A 643 -11.28 7.79 -11.20
C ALA A 643 -12.56 8.05 -12.00
N ALA A 644 -13.71 7.81 -11.38
CA ALA A 644 -14.99 8.02 -12.06
C ALA A 644 -15.16 9.48 -12.44
N PHE A 645 -14.86 10.40 -11.51
CA PHE A 645 -14.87 11.81 -11.83
C PHE A 645 -13.94 12.12 -12.99
N LEU A 646 -12.70 11.66 -12.91
CA LEU A 646 -11.71 12.00 -13.93
C LEU A 646 -12.01 11.32 -15.26
N THR A 647 -12.87 10.30 -15.26
CA THR A 647 -13.25 9.61 -16.48
C THR A 647 -14.55 10.18 -17.05
N VAL A 648 -15.57 10.29 -16.19
CA VAL A 648 -16.88 10.76 -16.64
C VAL A 648 -16.77 12.17 -17.20
N GLU A 649 -16.06 13.06 -16.48
CA GLU A 649 -15.96 14.44 -16.95
C GLU A 649 -15.05 14.56 -18.16
N ARG A 650 -14.29 13.52 -18.48
CA ARG A 650 -13.45 13.51 -19.68
C ARG A 650 -14.24 13.04 -20.89
N MET A 651 -15.08 12.01 -20.69
CA MET A 651 -15.86 11.46 -21.79
C MET A 651 -16.88 12.46 -22.32
N VAL A 652 -17.33 13.38 -21.46
CA VAL A 652 -18.27 14.45 -21.80
C VAL A 652 -17.94 15.06 -23.16
N SER A 653 -18.97 15.27 -23.97
CA SER A 653 -18.79 15.83 -25.31
C SER A 653 -19.02 17.34 -25.31
N ALA A 808 -4.80 15.31 -17.93
CA ALA A 808 -3.65 15.41 -17.05
C ALA A 808 -3.90 16.42 -15.93
N LEU A 809 -4.00 15.92 -14.70
CA LEU A 809 -4.27 16.78 -13.56
C LEU A 809 -3.27 17.92 -13.47
N SER A 810 -3.77 19.11 -13.15
CA SER A 810 -2.96 20.30 -13.01
C SER A 810 -2.63 20.53 -11.55
N LEU A 811 -1.59 21.34 -11.31
CA LEU A 811 -1.21 21.67 -9.94
C LEU A 811 -2.38 22.25 -9.16
N SER A 812 -3.27 22.97 -9.83
CA SER A 812 -4.42 23.57 -9.15
C SER A 812 -5.33 22.50 -8.55
N ASN A 813 -5.57 21.42 -9.29
CA ASN A 813 -6.46 20.36 -8.82
C ASN A 813 -6.02 19.82 -7.47
N VAL A 814 -4.71 19.67 -7.27
CA VAL A 814 -4.17 19.09 -6.04
C VAL A 814 -3.33 20.14 -5.31
N ALA A 815 -3.82 21.38 -5.27
CA ALA A 815 -3.08 22.46 -4.64
C ALA A 815 -3.54 22.73 -3.22
N GLY A 816 -4.64 22.14 -2.78
CA GLY A 816 -5.03 22.22 -1.39
C GLY A 816 -4.39 21.19 -0.51
N VAL A 817 -3.70 20.22 -1.12
CA VAL A 817 -2.94 19.25 -0.35
C VAL A 817 -1.51 19.72 -0.14
N PHE A 818 -1.04 20.67 -0.95
CA PHE A 818 0.30 21.21 -0.77
C PHE A 818 0.31 22.23 0.35
N TYR A 819 -0.72 23.10 0.39
CA TYR A 819 -0.85 24.03 1.50
C TYR A 819 -0.92 23.30 2.83
N ILE A 820 -1.71 22.23 2.88
CA ILE A 820 -1.81 21.43 4.10
C ILE A 820 -0.45 20.86 4.48
N LEU A 821 0.24 20.26 3.52
CA LEU A 821 1.58 19.74 3.77
C LEU A 821 2.51 20.82 4.30
N VAL A 822 2.61 21.94 3.57
CA VAL A 822 3.49 23.03 4.01
C VAL A 822 2.99 23.62 5.32
N GLY A 823 1.67 23.78 5.45
CA GLY A 823 1.12 24.28 6.69
C GLY A 823 1.42 23.36 7.87
N GLY A 824 1.37 22.05 7.64
CA GLY A 824 1.70 21.12 8.70
C GLY A 824 3.16 21.21 9.13
N LEU A 825 4.07 21.35 8.17
CA LEU A 825 5.48 21.53 8.49
C LEU A 825 5.68 22.77 9.34
N GLY A 826 4.94 23.85 9.05
CA GLY A 826 5.02 25.04 9.88
C GLY A 826 4.56 24.79 11.30
N LEU A 827 3.43 24.11 11.46
CA LEU A 827 2.94 23.78 12.79
C LEU A 827 3.93 22.90 13.54
N ALA A 828 4.57 21.95 12.84
CA ALA A 828 5.54 21.08 13.48
C ALA A 828 6.73 21.87 13.99
N MET A 829 7.24 22.80 13.20
CA MET A 829 8.36 23.62 13.63
C MET A 829 7.98 24.55 14.77
N LEU A 830 6.70 24.90 14.89
CA LEU A 830 6.25 25.72 16.01
C LEU A 830 6.11 24.88 17.28
N VAL A 831 5.64 23.65 17.15
CA VAL A 831 5.54 22.75 18.30
C VAL A 831 6.93 22.46 18.86
N ALA A 832 7.87 22.07 18.00
CA ALA A 832 9.22 21.75 18.44
C ALA A 832 9.87 22.95 19.14
N LEU A 833 9.80 24.12 18.52
CA LEU A 833 10.45 25.30 19.07
C LEU A 833 9.84 25.69 20.42
N ILE A 834 8.52 25.60 20.55
CA ILE A 834 7.87 25.89 21.83
C ILE A 834 8.47 25.03 22.93
N GLU A 835 8.54 23.71 22.72
CA GLU A 835 9.12 22.83 23.71
C GLU A 835 10.55 23.25 24.06
N PHE A 836 11.38 23.46 23.03
CA PHE A 836 12.77 23.88 23.21
C PHE A 836 12.86 25.06 24.17
N CYS A 837 12.11 26.10 23.85
CA CYS A 837 12.03 27.35 24.67
C CYS A 837 11.63 27.01 26.10
N TYR A 838 10.56 26.24 26.29
CA TYR A 838 10.08 25.92 27.63
C TYR A 838 11.06 25.04 28.39
N LYS A 839 11.83 24.22 27.67
CA LYS A 839 12.85 23.41 28.32
C LYS A 839 14.12 24.21 28.58
N SER A 840 14.41 25.22 27.75
CA SER A 840 15.58 26.04 27.96
C SER A 840 15.36 27.10 29.03
N ARG A 841 14.12 27.41 29.36
CA ARG A 841 13.84 28.39 30.40
C ARG A 841 13.98 27.76 31.79
N ALA A 842 13.59 26.50 31.93
CA ALA A 842 13.62 25.83 33.22
C ALA A 842 15.02 25.47 33.66
N GLU A 843 16.03 25.65 32.80
CA GLU A 843 17.41 25.34 33.14
C GLU A 843 18.34 26.46 32.71
N LYS B 533 -31.76 3.95 -2.96
CA LYS B 533 -30.78 3.78 -1.88
C LYS B 533 -30.13 2.40 -1.96
N PRO B 534 -28.82 2.36 -1.74
CA PRO B 534 -28.09 1.09 -1.83
C PRO B 534 -28.10 0.32 -0.52
N GLY B 535 -27.87 -0.98 -0.66
CA GLY B 535 -27.83 -1.85 0.51
C GLY B 535 -26.75 -1.43 1.49
N VAL B 536 -27.05 -1.62 2.78
CA VAL B 536 -26.09 -1.29 3.84
C VAL B 536 -24.71 -1.86 3.50
N PHE B 537 -24.66 -3.14 3.16
CA PHE B 537 -23.41 -3.79 2.78
C PHE B 537 -23.28 -3.86 1.26
N SER B 538 -23.22 -2.69 0.63
CA SER B 538 -23.07 -2.61 -0.81
C SER B 538 -21.62 -2.48 -1.24
N PHE B 539 -20.69 -2.31 -0.29
CA PHE B 539 -19.28 -2.26 -0.64
C PHE B 539 -18.73 -3.61 -1.08
N LEU B 540 -19.50 -4.69 -0.91
CA LEU B 540 -19.08 -6.02 -1.31
C LEU B 540 -19.67 -6.42 -2.66
N ASP B 541 -20.05 -5.43 -3.47
CA ASP B 541 -20.61 -5.62 -4.80
C ASP B 541 -19.56 -5.73 -5.92
N PRO B 542 -18.38 -5.09 -5.81
CA PRO B 542 -17.38 -5.28 -6.88
C PRO B 542 -16.73 -6.64 -6.90
N LEU B 543 -17.25 -7.58 -6.10
CA LEU B 543 -16.81 -8.97 -6.14
C LEU B 543 -18.01 -9.84 -5.84
N ALA B 544 -17.97 -11.07 -6.33
CA ALA B 544 -19.11 -11.97 -6.18
C ALA B 544 -19.05 -12.68 -4.84
N TYR B 545 -20.21 -13.23 -4.45
CA TYR B 545 -20.29 -13.97 -3.20
C TYR B 545 -19.30 -15.13 -3.19
N GLU B 546 -19.06 -15.76 -4.34
CA GLU B 546 -18.16 -16.90 -4.39
C GLU B 546 -16.69 -16.50 -4.30
N ILE B 547 -16.37 -15.22 -4.46
CA ILE B 547 -14.98 -14.80 -4.32
C ILE B 547 -14.68 -14.41 -2.88
N TRP B 548 -15.67 -13.93 -2.15
CA TRP B 548 -15.46 -13.60 -0.74
C TRP B 548 -15.44 -14.86 0.10
N MET B 549 -16.34 -15.80 -0.18
CA MET B 549 -16.30 -17.09 0.49
C MET B 549 -14.99 -17.82 0.22
N CYS B 550 -14.45 -17.70 -1.00
CA CYS B 550 -13.19 -18.34 -1.32
C CYS B 550 -11.99 -17.59 -0.74
N ILE B 551 -12.06 -16.26 -0.66
CA ILE B 551 -10.98 -15.51 -0.02
C ILE B 551 -10.82 -15.94 1.42
N VAL B 552 -11.94 -16.10 2.14
CA VAL B 552 -11.87 -16.55 3.53
C VAL B 552 -11.27 -17.95 3.60
N PHE B 553 -11.69 -18.85 2.71
CA PHE B 553 -11.14 -20.20 2.71
C PHE B 553 -9.65 -20.19 2.36
N ALA B 554 -9.25 -19.36 1.40
CA ALA B 554 -7.84 -19.25 1.06
C ALA B 554 -7.04 -18.67 2.21
N TYR B 555 -7.58 -17.64 2.86
CA TYR B 555 -6.93 -17.07 4.04
C TYR B 555 -6.68 -18.13 5.10
N ILE B 556 -7.73 -18.86 5.48
CA ILE B 556 -7.59 -19.92 6.49
C ILE B 556 -6.54 -20.93 6.04
N GLY B 557 -6.62 -21.37 4.79
CA GLY B 557 -5.67 -22.36 4.30
C GLY B 557 -4.24 -21.88 4.37
N VAL B 558 -3.99 -20.65 3.90
CA VAL B 558 -2.64 -20.10 3.93
C VAL B 558 -2.11 -20.03 5.35
N SER B 559 -2.95 -19.59 6.29
CA SER B 559 -2.49 -19.42 7.67
C SER B 559 -2.21 -20.77 8.33
N VAL B 560 -2.84 -21.84 7.87
CA VAL B 560 -2.56 -23.16 8.40
C VAL B 560 -1.41 -23.84 7.70
N VAL B 561 -1.12 -23.46 6.45
CA VAL B 561 0.06 -23.98 5.78
C VAL B 561 1.31 -23.26 6.28
N LEU B 562 1.21 -21.95 6.49
CA LEU B 562 2.34 -21.18 6.99
C LEU B 562 2.79 -21.70 8.37
N PHE B 563 1.85 -21.76 9.32
CA PHE B 563 2.12 -22.35 10.62
C PHE B 563 2.80 -23.71 10.48
N LEU B 564 2.18 -24.62 9.72
CA LEU B 564 2.68 -25.99 9.58
C LEU B 564 4.17 -26.02 9.23
N VAL B 565 4.51 -25.49 8.05
CA VAL B 565 5.90 -25.54 7.58
C VAL B 565 6.86 -25.00 8.65
N SER B 566 6.61 -23.79 9.10
CA SER B 566 7.49 -23.15 10.07
C SER B 566 7.77 -24.04 11.29
N ARG B 567 6.72 -24.52 11.95
CA ARG B 567 6.89 -25.18 13.24
C ARG B 567 6.83 -26.71 13.23
N PHE B 568 6.57 -27.37 12.10
CA PHE B 568 6.42 -28.83 12.19
C PHE B 568 7.75 -29.49 12.52
N SER B 569 8.82 -29.10 11.83
CA SER B 569 10.10 -29.78 11.95
C SER B 569 10.64 -29.70 13.37
N PRO B 570 11.04 -30.81 13.97
CA PRO B 570 11.65 -30.79 15.31
C PRO B 570 13.16 -30.64 15.31
N TYR B 571 13.76 -30.28 14.18
CA TYR B 571 15.20 -30.05 14.07
C TYR B 571 15.55 -28.57 14.08
N GLU B 572 14.60 -27.73 14.48
CA GLU B 572 14.81 -26.28 14.53
C GLU B 572 14.48 -25.68 15.88
N TRP B 573 13.66 -26.33 16.70
CA TRP B 573 13.36 -25.82 18.03
C TRP B 573 14.62 -25.82 18.90
N HIS B 574 14.87 -24.71 19.58
CA HIS B 574 16.00 -24.56 20.48
C HIS B 574 16.11 -25.72 21.47
N GLN B 588 13.00 -22.86 23.09
CA GLN B 588 12.40 -21.74 22.37
C GLN B 588 12.13 -22.11 20.92
N PRO B 589 11.17 -21.42 20.30
CA PRO B 589 10.76 -21.79 18.93
C PRO B 589 11.66 -21.13 17.90
N PRO B 590 11.88 -21.79 16.76
CA PRO B 590 12.79 -21.23 15.75
C PRO B 590 12.38 -19.86 15.26
N ASN B 591 11.08 -19.58 15.27
CA ASN B 591 10.54 -18.32 14.76
C ASN B 591 9.28 -17.97 15.56
N GLU B 592 8.68 -16.84 15.22
CA GLU B 592 7.48 -16.37 15.91
C GLU B 592 6.18 -16.77 15.20
N PHE B 593 6.26 -17.64 14.18
CA PHE B 593 5.09 -17.98 13.39
C PHE B 593 4.38 -19.18 14.01
N GLY B 594 3.61 -18.90 15.07
CA GLY B 594 2.71 -19.87 15.64
C GLY B 594 1.33 -19.73 15.02
N ILE B 595 0.42 -20.62 15.41
CA ILE B 595 -0.90 -20.62 14.82
C ILE B 595 -1.57 -19.25 14.98
N PHE B 596 -1.56 -18.71 16.20
CA PHE B 596 -2.21 -17.44 16.45
C PHE B 596 -1.57 -16.33 15.63
N ASN B 597 -0.24 -16.25 15.64
CA ASN B 597 0.45 -15.22 14.87
C ASN B 597 0.30 -15.42 13.37
N SER B 598 0.20 -16.67 12.90
CA SER B 598 0.09 -16.91 11.47
C SER B 598 -1.19 -16.29 10.90
N LEU B 599 -2.32 -16.46 11.59
CA LEU B 599 -3.55 -15.78 11.19
C LEU B 599 -3.33 -14.27 11.12
N TRP B 600 -2.64 -13.70 12.12
CA TRP B 600 -2.42 -12.27 12.15
C TRP B 600 -1.56 -11.81 10.97
N PHE B 601 -0.53 -12.58 10.63
CA PHE B 601 0.35 -12.17 9.53
C PHE B 601 -0.32 -12.37 8.19
N SER B 602 -1.25 -13.32 8.08
CA SER B 602 -1.95 -13.52 6.82
C SER B 602 -3.10 -12.53 6.65
N LEU B 603 -3.70 -12.10 7.76
CA LEU B 603 -4.69 -11.03 7.66
C LEU B 603 -4.01 -9.70 7.37
N GLY B 604 -2.88 -9.44 8.05
CA GLY B 604 -2.17 -8.20 7.80
C GLY B 604 -1.69 -8.10 6.37
N ALA B 605 -1.10 -9.18 5.86
CA ALA B 605 -0.63 -9.19 4.49
C ALA B 605 -1.76 -8.89 3.50
N PHE B 606 -2.93 -9.49 3.72
CA PHE B 606 -4.05 -9.27 2.81
C PHE B 606 -4.51 -7.83 2.82
N MET B 607 -4.49 -7.19 4.00
CA MET B 607 -4.95 -5.82 4.13
C MET B 607 -3.90 -4.80 3.72
N GLN B 608 -2.74 -5.24 3.20
CA GLN B 608 -1.69 -4.33 2.73
C GLN B 608 -1.26 -3.39 3.85
N GLN B 609 -1.20 -3.92 5.07
CA GLN B 609 -0.81 -3.18 6.25
C GLN B 609 0.60 -3.55 6.73
N GLY B 610 0.98 -2.92 7.83
CA GLY B 610 2.32 -2.94 8.41
C GLY B 610 2.89 -4.29 8.78
N CYS B 611 4.04 -4.28 9.46
CA CYS B 611 4.78 -5.49 9.76
C CYS B 611 4.89 -5.70 11.26
N ASP B 612 4.91 -6.97 11.67
CA ASP B 612 5.35 -7.32 13.01
C ASP B 612 6.43 -8.39 12.94
N ILE B 613 6.32 -9.28 11.95
CA ILE B 613 7.28 -10.35 11.70
C ILE B 613 7.37 -10.59 10.21
N SER B 614 8.42 -11.30 9.78
CA SER B 614 8.58 -11.69 8.39
C SER B 614 9.25 -13.06 8.31
N PRO B 615 8.71 -13.99 7.52
CA PRO B 615 9.29 -15.34 7.46
C PRO B 615 10.76 -15.29 7.06
N ARG B 616 11.55 -16.19 7.66
CA ARG B 616 12.98 -16.27 7.37
C ARG B 616 13.41 -17.62 6.81
N SER B 617 12.49 -18.55 6.60
CA SER B 617 12.81 -19.85 6.04
C SER B 617 12.49 -19.86 4.54
N LEU B 618 12.87 -20.94 3.88
CA LEU B 618 12.55 -21.08 2.46
C LEU B 618 11.08 -21.44 2.28
N SER B 619 10.66 -22.56 2.87
CA SER B 619 9.27 -22.99 2.78
C SER B 619 8.31 -21.88 3.20
N GLY B 620 8.57 -21.27 4.37
CA GLY B 620 7.72 -20.19 4.82
C GLY B 620 7.67 -19.02 3.85
N ARG B 621 8.80 -18.70 3.22
CA ARG B 621 8.84 -17.56 2.32
C ARG B 621 8.05 -17.84 1.04
N ILE B 622 8.02 -19.09 0.59
CA ILE B 622 7.17 -19.45 -0.56
C ILE B 622 5.72 -19.11 -0.26
N VAL B 623 5.23 -19.52 0.92
CA VAL B 623 3.86 -19.22 1.31
C VAL B 623 3.62 -17.71 1.28
N GLY B 624 4.50 -16.95 1.94
CA GLY B 624 4.41 -15.51 1.90
C GLY B 624 4.33 -14.96 0.48
N GLY B 625 5.23 -15.43 -0.39
CA GLY B 625 5.29 -14.90 -1.75
C GLY B 625 4.00 -15.09 -2.52
N VAL B 626 3.46 -16.31 -2.52
CA VAL B 626 2.23 -16.57 -3.25
C VAL B 626 1.07 -15.79 -2.63
N TRP B 627 1.07 -15.66 -1.30
CA TRP B 627 0.00 -14.93 -0.65
C TRP B 627 0.04 -13.45 -1.01
N TRP B 628 1.25 -12.88 -1.07
CA TRP B 628 1.37 -11.49 -1.48
C TRP B 628 0.89 -11.28 -2.91
N PHE B 629 1.24 -12.21 -3.81
CA PHE B 629 0.77 -12.12 -5.18
C PHE B 629 -0.73 -12.23 -5.26
N PHE B 630 -1.31 -13.20 -4.54
CA PHE B 630 -2.75 -13.34 -4.47
C PHE B 630 -3.40 -12.04 -4.02
N THR B 631 -2.91 -11.48 -2.92
CA THR B 631 -3.46 -10.23 -2.40
C THR B 631 -3.42 -9.13 -3.45
N LEU B 632 -2.25 -8.91 -4.06
CA LEU B 632 -2.09 -7.89 -5.08
C LEU B 632 -3.22 -7.93 -6.09
N ILE B 633 -3.32 -9.04 -6.84
CA ILE B 633 -4.38 -9.22 -7.83
C ILE B 633 -5.75 -8.87 -7.24
N ILE B 634 -6.11 -9.54 -6.15
CA ILE B 634 -7.46 -9.39 -5.58
C ILE B 634 -7.74 -7.94 -5.22
N ILE B 635 -6.83 -7.30 -4.48
CA ILE B 635 -7.05 -5.92 -4.06
C ILE B 635 -7.13 -5.00 -5.27
N SER B 636 -6.25 -5.21 -6.25
CA SER B 636 -6.32 -4.43 -7.48
C SER B 636 -7.65 -4.66 -8.19
N SER B 637 -8.09 -5.92 -8.28
CA SER B 637 -9.35 -6.23 -8.95
C SER B 637 -10.52 -5.51 -8.29
N TYR B 638 -10.59 -5.58 -6.95
CA TYR B 638 -11.64 -4.88 -6.22
C TYR B 638 -11.69 -3.40 -6.61
N THR B 639 -10.59 -2.69 -6.39
CA THR B 639 -10.54 -1.26 -6.72
C THR B 639 -10.89 -1.02 -8.18
N ALA B 640 -10.30 -1.81 -9.08
CA ALA B 640 -10.56 -1.63 -10.50
C ALA B 640 -12.03 -1.86 -10.83
N ASN B 641 -12.61 -2.94 -10.31
CA ASN B 641 -14.01 -3.23 -10.61
C ASN B 641 -14.96 -2.30 -9.87
N LEU B 642 -14.56 -1.80 -8.70
CA LEU B 642 -15.38 -0.81 -8.03
C LEU B 642 -15.50 0.46 -8.87
N ALA B 643 -14.38 0.91 -9.45
CA ALA B 643 -14.41 2.09 -10.30
C ALA B 643 -15.30 1.87 -11.52
N ALA B 644 -15.24 0.67 -12.10
CA ALA B 644 -16.14 0.32 -13.19
C ALA B 644 -17.60 0.51 -12.77
N PHE B 645 -17.98 -0.05 -11.63
CA PHE B 645 -19.35 0.09 -11.13
C PHE B 645 -19.74 1.56 -11.00
N LEU B 646 -18.87 2.36 -10.37
CA LEU B 646 -19.15 3.78 -10.18
C LEU B 646 -19.27 4.52 -11.52
N THR B 647 -18.31 4.29 -12.42
CA THR B 647 -18.31 5.04 -13.68
C THR B 647 -19.51 4.69 -14.55
N VAL B 648 -19.85 3.41 -14.66
CA VAL B 648 -21.00 3.02 -15.47
C VAL B 648 -22.29 3.51 -14.84
N GLU B 649 -22.36 3.50 -13.50
CA GLU B 649 -23.55 3.98 -12.83
C GLU B 649 -23.70 5.49 -12.97
N ARG B 650 -22.58 6.21 -13.05
CA ARG B 650 -22.63 7.66 -13.13
C ARG B 650 -22.93 8.13 -14.56
N MET B 651 -22.87 7.23 -15.54
CA MET B 651 -23.11 7.53 -16.94
C MET B 651 -24.51 7.09 -17.38
N VAL B 652 -25.31 6.54 -16.47
CA VAL B 652 -26.64 6.05 -16.81
C VAL B 652 -27.68 6.72 -15.92
N THR B 806 -22.11 17.26 -7.31
CA THR B 806 -21.44 16.21 -8.08
C THR B 806 -21.97 14.81 -7.69
N SER B 807 -21.17 13.78 -7.93
CA SER B 807 -21.52 12.41 -7.56
C SER B 807 -20.60 11.87 -6.48
N ALA B 808 -20.33 12.70 -5.46
CA ALA B 808 -19.51 12.27 -4.34
C ALA B 808 -20.17 11.13 -3.60
N LEU B 809 -19.38 10.14 -3.20
CA LEU B 809 -19.93 8.97 -2.54
C LEU B 809 -20.65 9.36 -1.27
N SER B 810 -21.96 9.13 -1.23
CA SER B 810 -22.73 9.42 -0.03
C SER B 810 -22.44 8.37 1.04
N LEU B 811 -22.78 8.71 2.28
CA LEU B 811 -22.52 7.77 3.37
C LEU B 811 -23.41 6.54 3.24
N SER B 812 -24.59 6.68 2.64
CA SER B 812 -25.45 5.51 2.42
C SER B 812 -24.75 4.47 1.56
N ASN B 813 -23.91 4.91 0.61
CA ASN B 813 -23.21 3.96 -0.24
C ASN B 813 -22.23 3.11 0.54
N VAL B 814 -21.46 3.74 1.44
CA VAL B 814 -20.52 3.00 2.26
C VAL B 814 -20.93 3.17 3.72
N ALA B 815 -21.94 2.42 4.14
CA ALA B 815 -22.42 2.46 5.52
C ALA B 815 -22.30 1.13 6.24
N GLY B 816 -21.85 0.08 5.56
CA GLY B 816 -21.69 -1.20 6.21
C GLY B 816 -20.31 -1.38 6.79
N VAL B 817 -19.34 -0.65 6.24
CA VAL B 817 -18.00 -0.70 6.79
C VAL B 817 -17.94 0.02 8.13
N PHE B 818 -18.91 0.91 8.40
CA PHE B 818 -18.93 1.62 9.67
C PHE B 818 -19.61 0.78 10.75
N TYR B 819 -20.72 0.13 10.40
CA TYR B 819 -21.36 -0.78 11.34
C TYR B 819 -20.41 -1.90 11.75
N ILE B 820 -19.75 -2.51 10.77
CA ILE B 820 -18.73 -3.52 11.05
C ILE B 820 -17.67 -2.96 11.99
N LEU B 821 -17.17 -1.76 11.68
CA LEU B 821 -16.10 -1.17 12.49
C LEU B 821 -16.53 -1.00 13.94
N VAL B 822 -17.68 -0.36 14.16
CA VAL B 822 -18.15 -0.15 15.53
C VAL B 822 -18.52 -1.48 16.16
N GLY B 823 -19.07 -2.41 15.37
CA GLY B 823 -19.38 -3.73 15.89
C GLY B 823 -18.13 -4.46 16.34
N GLY B 824 -17.06 -4.38 15.55
CA GLY B 824 -15.81 -5.01 15.94
C GLY B 824 -15.23 -4.37 17.20
N LEU B 825 -15.31 -3.04 17.30
CA LEU B 825 -14.89 -2.37 18.52
C LEU B 825 -15.72 -2.82 19.71
N GLY B 826 -17.03 -2.99 19.51
CA GLY B 826 -17.86 -3.53 20.57
C GLY B 826 -17.43 -4.94 20.98
N LEU B 827 -17.24 -5.82 20.00
CA LEU B 827 -16.77 -7.16 20.30
C LEU B 827 -15.42 -7.15 20.99
N ALA B 828 -14.50 -6.29 20.53
CA ALA B 828 -13.17 -6.25 21.09
C ALA B 828 -13.21 -5.92 22.58
N MET B 829 -13.96 -4.88 22.95
CA MET B 829 -14.09 -4.52 24.35
C MET B 829 -14.67 -5.68 25.16
N LEU B 830 -15.71 -6.31 24.63
CA LEU B 830 -16.35 -7.42 25.33
C LEU B 830 -15.35 -8.54 25.58
N VAL B 831 -14.58 -8.91 24.54
CA VAL B 831 -13.57 -9.96 24.69
C VAL B 831 -12.58 -9.60 25.78
N ALA B 832 -12.11 -8.36 25.77
CA ALA B 832 -11.17 -7.90 26.79
C ALA B 832 -11.76 -8.03 28.19
N LEU B 833 -13.02 -7.59 28.36
CA LEU B 833 -13.63 -7.65 29.68
C LEU B 833 -13.88 -9.08 30.13
N ILE B 834 -14.16 -9.99 29.20
CA ILE B 834 -14.31 -11.40 29.57
C ILE B 834 -12.99 -11.94 30.10
N GLU B 835 -11.90 -11.65 29.39
CA GLU B 835 -10.58 -12.03 29.90
C GLU B 835 -10.33 -11.42 31.27
N PHE B 836 -10.61 -10.12 31.41
CA PHE B 836 -10.38 -9.44 32.69
C PHE B 836 -11.22 -10.08 33.80
N CYS B 837 -12.52 -10.24 33.56
CA CYS B 837 -13.41 -10.80 34.57
C CYS B 837 -12.94 -12.19 35.01
N TYR B 838 -12.57 -13.04 34.04
CA TYR B 838 -12.08 -14.37 34.35
C TYR B 838 -10.91 -14.30 35.32
N LYS B 839 -9.84 -13.57 34.93
CA LYS B 839 -8.66 -13.48 35.78
C LYS B 839 -8.98 -12.80 37.10
N SER B 840 -9.84 -11.79 37.08
CA SER B 840 -10.17 -11.06 38.30
C SER B 840 -10.81 -11.98 39.33
N ARG B 841 -11.77 -12.81 38.89
CA ARG B 841 -12.41 -13.75 39.81
C ARG B 841 -11.40 -14.77 40.34
N ALA B 842 -10.54 -15.28 39.46
CA ALA B 842 -9.54 -16.28 39.85
C ALA B 842 -8.73 -15.81 41.05
N GLU B 843 -8.20 -14.60 40.97
CA GLU B 843 -7.37 -13.96 42.00
C GLU B 843 -7.62 -14.43 43.44
N LYS C 533 -16.06 -17.35 -22.60
CA LYS C 533 -15.75 -17.51 -21.18
C LYS C 533 -14.37 -16.95 -20.87
N PRO C 534 -14.25 -16.24 -19.74
CA PRO C 534 -12.97 -15.62 -19.38
C PRO C 534 -11.95 -16.66 -18.98
N GLY C 535 -10.80 -16.65 -19.67
CA GLY C 535 -9.75 -17.61 -19.44
C GLY C 535 -9.33 -17.75 -17.99
N VAL C 536 -8.81 -18.92 -17.63
CA VAL C 536 -8.31 -19.14 -16.26
C VAL C 536 -7.35 -18.04 -15.85
N PHE C 537 -6.34 -17.80 -16.69
CA PHE C 537 -5.32 -16.79 -16.38
C PHE C 537 -5.69 -15.47 -17.05
N SER C 538 -6.76 -14.87 -16.54
CA SER C 538 -7.25 -13.59 -17.05
C SER C 538 -6.91 -12.43 -16.12
N PHE C 539 -5.99 -12.64 -15.18
CA PHE C 539 -5.49 -11.58 -14.32
C PHE C 539 -4.13 -11.07 -14.81
N LEU C 540 -3.75 -11.43 -16.04
CA LEU C 540 -2.51 -10.99 -16.65
C LEU C 540 -2.77 -10.26 -17.95
N ASP C 541 -4.02 -9.92 -18.23
CA ASP C 541 -4.42 -9.26 -19.46
C ASP C 541 -4.08 -7.77 -19.45
N PRO C 542 -4.25 -7.03 -18.33
CA PRO C 542 -3.85 -5.62 -18.31
C PRO C 542 -2.47 -5.37 -18.90
N LEU C 543 -1.45 -6.01 -18.36
CA LEU C 543 -0.10 -5.87 -18.86
C LEU C 543 0.21 -6.95 -19.89
N ALA C 544 1.03 -6.59 -20.87
CA ALA C 544 1.35 -7.52 -21.94
C ALA C 544 2.32 -8.59 -21.46
N TYR C 545 2.42 -9.66 -22.25
CA TYR C 545 3.35 -10.74 -21.93
C TYR C 545 4.77 -10.21 -21.77
N GLU C 546 5.16 -9.25 -22.62
CA GLU C 546 6.51 -8.72 -22.53
C GLU C 546 6.75 -8.03 -21.20
N ILE C 547 5.81 -7.17 -20.79
CA ILE C 547 5.91 -6.50 -19.50
C ILE C 547 6.11 -7.51 -18.38
N TRP C 548 5.30 -8.57 -18.38
CA TRP C 548 5.42 -9.60 -17.35
C TRP C 548 6.78 -10.27 -17.40
N MET C 549 7.22 -10.64 -18.60
CA MET C 549 8.55 -11.24 -18.76
C MET C 549 9.64 -10.28 -18.31
N CYS C 550 9.52 -9.00 -18.66
CA CYS C 550 10.56 -8.04 -18.32
C CYS C 550 10.59 -7.74 -16.82
N ILE C 551 9.43 -7.76 -16.15
CA ILE C 551 9.41 -7.59 -14.71
C ILE C 551 10.23 -8.68 -14.03
N VAL C 552 10.05 -9.93 -14.47
CA VAL C 552 10.82 -11.04 -13.92
C VAL C 552 12.32 -10.81 -14.16
N PHE C 553 12.67 -10.36 -15.37
CA PHE C 553 14.08 -10.13 -15.67
C PHE C 553 14.63 -8.98 -14.85
N ALA C 554 13.81 -7.95 -14.62
CA ALA C 554 14.26 -6.82 -13.82
C ALA C 554 14.33 -7.18 -12.33
N TYR C 555 13.42 -8.05 -11.88
CA TYR C 555 13.48 -8.51 -10.49
C TYR C 555 14.78 -9.24 -10.21
N ILE C 556 15.13 -10.21 -11.06
CA ILE C 556 16.41 -10.91 -10.92
C ILE C 556 17.56 -9.91 -10.93
N GLY C 557 17.55 -8.99 -11.90
CA GLY C 557 18.59 -7.98 -12.01
C GLY C 557 18.76 -7.16 -10.75
N VAL C 558 17.66 -6.56 -10.28
CA VAL C 558 17.72 -5.73 -9.07
C VAL C 558 18.27 -6.52 -7.90
N SER C 559 17.79 -7.75 -7.72
CA SER C 559 18.22 -8.57 -6.60
C SER C 559 19.73 -8.80 -6.63
N VAL C 560 20.25 -9.20 -7.79
CA VAL C 560 21.68 -9.46 -7.92
C VAL C 560 22.48 -8.21 -7.61
N VAL C 561 22.04 -7.05 -8.14
CA VAL C 561 22.78 -5.81 -7.92
C VAL C 561 22.72 -5.41 -6.44
N LEU C 562 21.55 -5.55 -5.82
CA LEU C 562 21.44 -5.19 -4.41
C LEU C 562 22.28 -6.08 -3.53
N PHE C 563 22.49 -7.33 -3.95
CA PHE C 563 23.39 -8.22 -3.22
C PHE C 563 24.85 -7.83 -3.46
N LEU C 564 25.19 -7.50 -4.70
CA LEU C 564 26.57 -7.18 -5.04
C LEU C 564 27.03 -5.94 -4.30
N VAL C 565 26.36 -4.81 -4.51
CA VAL C 565 26.75 -3.53 -3.93
C VAL C 565 26.77 -3.55 -2.41
N SER C 566 26.13 -4.53 -1.78
CA SER C 566 26.01 -4.57 -0.34
C SER C 566 27.03 -5.47 0.34
N ARG C 567 27.50 -6.53 -0.34
CA ARG C 567 28.41 -7.48 0.28
C ARG C 567 29.78 -7.60 -0.39
N PHE C 568 30.05 -6.93 -1.52
CA PHE C 568 31.34 -7.14 -2.15
C PHE C 568 32.47 -6.42 -1.43
N SER C 569 32.15 -5.37 -0.69
CA SER C 569 33.17 -4.53 -0.09
C SER C 569 33.97 -5.30 0.94
N PRO C 570 35.29 -5.42 0.78
CA PRO C 570 36.10 -6.10 1.80
C PRO C 570 36.33 -5.28 3.05
N TYR C 571 35.95 -4.00 3.05
CA TYR C 571 36.27 -3.09 4.14
C TYR C 571 35.04 -2.73 4.97
N GLU C 572 34.02 -3.58 4.96
CA GLU C 572 32.86 -3.40 5.81
C GLU C 572 32.60 -4.59 6.74
N TRP C 573 33.06 -5.78 6.37
CA TRP C 573 32.93 -6.96 7.23
C TRP C 573 33.78 -6.76 8.48
N HIS C 574 33.12 -6.62 9.62
CA HIS C 574 33.84 -6.41 10.87
C HIS C 574 34.01 -7.72 11.62
N GLN C 588 31.48 -11.35 10.52
CA GLN C 588 30.20 -10.67 10.66
C GLN C 588 29.92 -9.78 9.45
N PRO C 589 28.98 -10.19 8.61
CA PRO C 589 28.69 -9.42 7.40
C PRO C 589 28.13 -8.06 7.76
N PRO C 590 28.31 -7.06 6.89
CA PRO C 590 27.86 -5.70 7.23
C PRO C 590 26.35 -5.55 7.35
N ASN C 591 25.58 -6.52 6.88
CA ASN C 591 24.12 -6.44 6.88
C ASN C 591 23.58 -7.80 6.46
N GLU C 592 22.25 -7.93 6.49
CA GLU C 592 21.56 -9.16 6.13
C GLU C 592 21.05 -9.12 4.69
N PHE C 593 21.94 -8.85 3.74
CA PHE C 593 21.56 -8.68 2.33
C PHE C 593 22.39 -9.62 1.45
N GLY C 594 22.35 -10.90 1.76
CA GLY C 594 22.95 -11.89 0.90
C GLY C 594 22.08 -12.16 -0.31
N ILE C 595 22.44 -13.22 -1.04
CA ILE C 595 21.71 -13.50 -2.28
C ILE C 595 20.31 -13.99 -2.01
N PHE C 596 20.04 -14.50 -0.81
CA PHE C 596 18.70 -15.00 -0.49
C PHE C 596 17.80 -13.89 0.03
N ASN C 597 18.30 -13.08 0.97
CA ASN C 597 17.49 -11.99 1.52
C ASN C 597 17.30 -10.87 0.49
N SER C 598 18.26 -10.66 -0.40
CA SER C 598 18.08 -9.67 -1.46
C SER C 598 16.91 -10.04 -2.35
N LEU C 599 16.79 -11.33 -2.71
CA LEU C 599 15.65 -11.77 -3.49
C LEU C 599 14.34 -11.55 -2.74
N TRP C 600 14.33 -11.83 -1.44
CA TRP C 600 13.13 -11.62 -0.64
C TRP C 600 12.76 -10.15 -0.57
N PHE C 601 13.74 -9.27 -0.32
CA PHE C 601 13.46 -7.84 -0.26
C PHE C 601 12.87 -7.35 -1.57
N SER C 602 13.55 -7.65 -2.69
CA SER C 602 13.07 -7.22 -4.00
C SER C 602 11.66 -7.75 -4.26
N LEU C 603 11.43 -9.03 -3.98
CA LEU C 603 10.11 -9.61 -4.21
C LEU C 603 9.07 -8.90 -3.37
N GLY C 604 9.34 -8.69 -2.09
CA GLY C 604 8.39 -8.01 -1.23
C GLY C 604 8.13 -6.58 -1.67
N ALA C 605 9.18 -5.89 -2.12
CA ALA C 605 9.02 -4.49 -2.52
C ALA C 605 8.13 -4.36 -3.74
N PHE C 606 8.17 -5.34 -4.65
CA PHE C 606 7.30 -5.28 -5.82
C PHE C 606 5.84 -5.47 -5.42
N MET C 607 5.58 -6.39 -4.49
CA MET C 607 4.22 -6.71 -4.06
C MET C 607 3.59 -5.62 -3.19
N GLN C 608 4.37 -4.65 -2.72
CA GLN C 608 3.90 -3.55 -1.87
C GLN C 608 3.74 -4.01 -0.43
N GLN C 609 4.42 -5.10 -0.08
CA GLN C 609 4.37 -5.70 1.24
C GLN C 609 5.78 -6.04 1.69
N GLY C 610 5.92 -6.44 2.93
CA GLY C 610 7.19 -6.92 3.41
C GLY C 610 7.97 -5.81 4.10
N CYS C 611 8.04 -5.91 5.42
CA CYS C 611 8.71 -4.90 6.22
C CYS C 611 9.79 -5.57 7.06
N ASP C 612 10.58 -6.43 6.43
CA ASP C 612 11.62 -7.15 7.15
C ASP C 612 12.85 -6.29 7.40
N ILE C 613 13.53 -5.90 6.32
CA ILE C 613 14.75 -5.09 6.38
C ILE C 613 14.76 -4.09 5.24
N SER C 614 15.53 -3.02 5.42
CA SER C 614 15.73 -2.02 4.38
C SER C 614 17.21 -1.61 4.37
N PRO C 615 17.77 -1.35 3.17
CA PRO C 615 19.20 -1.04 3.07
C PRO C 615 19.66 0.10 3.97
N ARG C 616 20.95 0.11 4.32
CA ARG C 616 21.51 1.16 5.17
C ARG C 616 22.79 1.72 4.56
N SER C 617 22.90 1.71 3.23
CA SER C 617 24.09 2.17 2.54
C SER C 617 23.68 2.92 1.28
N LEU C 618 24.36 4.04 1.02
CA LEU C 618 24.08 4.83 -0.17
C LEU C 618 24.00 3.96 -1.42
N SER C 619 24.97 3.06 -1.59
CA SER C 619 24.97 2.18 -2.75
C SER C 619 23.73 1.30 -2.75
N GLY C 620 23.38 0.73 -1.60
CA GLY C 620 22.22 -0.14 -1.52
C GLY C 620 20.90 0.56 -1.45
N ARG C 621 20.91 1.88 -1.24
CA ARG C 621 19.67 2.65 -1.17
C ARG C 621 19.29 3.26 -2.52
N ILE C 622 20.25 3.43 -3.42
CA ILE C 622 19.92 3.82 -4.79
C ILE C 622 19.13 2.70 -5.47
N VAL C 623 19.61 1.45 -5.32
CA VAL C 623 18.87 0.32 -5.85
C VAL C 623 17.47 0.25 -5.27
N GLY C 624 17.37 0.37 -3.94
CA GLY C 624 16.06 0.39 -3.31
C GLY C 624 15.14 1.43 -3.90
N GLY C 625 15.62 2.68 -3.99
CA GLY C 625 14.77 3.76 -4.44
C GLY C 625 14.25 3.58 -5.86
N VAL C 626 15.15 3.21 -6.78
CA VAL C 626 14.73 3.02 -8.17
C VAL C 626 13.76 1.84 -8.28
N TRP C 627 14.02 0.77 -7.54
CA TRP C 627 13.11 -0.38 -7.55
C TRP C 627 11.74 0.01 -7.01
N TRP C 628 11.71 0.83 -5.96
CA TRP C 628 10.43 1.28 -5.43
C TRP C 628 9.69 2.16 -6.42
N PHE C 629 10.41 3.02 -7.14
CA PHE C 629 9.78 3.83 -8.18
C PHE C 629 9.23 2.96 -9.30
N PHE C 630 10.05 2.04 -9.82
CA PHE C 630 9.59 1.10 -10.83
C PHE C 630 8.33 0.40 -10.39
N THR C 631 8.33 -0.16 -9.18
CA THR C 631 7.17 -0.85 -8.65
C THR C 631 5.93 0.02 -8.67
N LEU C 632 6.03 1.23 -8.08
CA LEU C 632 4.91 2.15 -8.01
C LEU C 632 4.22 2.30 -9.36
N ILE C 633 4.99 2.71 -10.38
CA ILE C 633 4.45 2.88 -11.73
C ILE C 633 3.76 1.62 -12.19
N ILE C 634 4.47 0.48 -12.16
CA ILE C 634 3.93 -0.76 -12.71
C ILE C 634 2.66 -1.19 -12.00
N ILE C 635 2.65 -1.11 -10.67
CA ILE C 635 1.47 -1.56 -9.92
C ILE C 635 0.29 -0.63 -10.18
N SER C 636 0.55 0.67 -10.29
CA SER C 636 -0.51 1.60 -10.67
C SER C 636 -1.00 1.33 -12.08
N SER C 637 -0.08 0.99 -12.99
CA SER C 637 -0.47 0.68 -14.35
C SER C 637 -1.41 -0.53 -14.41
N TYR C 638 -1.12 -1.56 -13.61
CA TYR C 638 -1.97 -2.73 -13.62
C TYR C 638 -3.33 -2.44 -12.99
N THR C 639 -3.36 -1.61 -11.95
CA THR C 639 -4.61 -1.30 -11.29
C THR C 639 -5.46 -0.32 -12.10
N ALA C 640 -4.83 0.42 -13.02
CA ALA C 640 -5.54 1.39 -13.84
C ALA C 640 -5.99 0.78 -15.17
N ASN C 641 -5.12 0.03 -15.83
CA ASN C 641 -5.51 -0.62 -17.08
C ASN C 641 -6.53 -1.71 -16.85
N LEU C 642 -6.49 -2.38 -15.70
CA LEU C 642 -7.54 -3.35 -15.39
C LEU C 642 -8.90 -2.67 -15.31
N ALA C 643 -8.96 -1.51 -14.66
CA ALA C 643 -10.23 -0.80 -14.55
C ALA C 643 -10.72 -0.35 -15.90
N ALA C 644 -9.82 -0.13 -16.86
CA ALA C 644 -10.22 0.18 -18.21
C ALA C 644 -10.87 -1.02 -18.89
N PHE C 645 -10.29 -2.21 -18.68
CA PHE C 645 -10.87 -3.42 -19.26
C PHE C 645 -12.28 -3.66 -18.74
N LEU C 646 -12.43 -3.63 -17.41
CA LEU C 646 -13.73 -3.85 -16.80
C LEU C 646 -14.76 -2.83 -17.25
N THR C 647 -14.39 -1.54 -17.24
CA THR C 647 -15.36 -0.49 -17.55
C THR C 647 -15.80 -0.54 -19.01
N VAL C 648 -14.93 -0.97 -19.92
CA VAL C 648 -15.21 -1.01 -21.35
C VAL C 648 -15.16 -2.46 -21.78
N GLU C 649 -16.34 -3.10 -21.90
CA GLU C 649 -16.46 -4.49 -22.29
C GLU C 649 -15.53 -4.83 -23.44
N ARG C 650 -14.62 -5.78 -23.20
CA ARG C 650 -13.66 -6.22 -24.21
C ARG C 650 -14.23 -7.41 -24.98
N MET C 651 -15.25 -7.11 -25.78
CA MET C 651 -15.85 -8.13 -26.65
C MET C 651 -15.16 -8.16 -28.01
N LYS C 805 -25.30 -1.42 -17.58
CA LYS C 805 -24.84 -1.67 -16.23
C LYS C 805 -23.61 -2.58 -16.24
N THR C 806 -22.98 -2.73 -15.08
CA THR C 806 -21.80 -3.58 -14.93
C THR C 806 -22.13 -4.76 -14.04
N SER C 807 -21.35 -5.83 -14.18
CA SER C 807 -21.52 -7.03 -13.40
C SER C 807 -20.40 -7.12 -12.37
N ALA C 808 -20.57 -8.05 -11.44
CA ALA C 808 -19.62 -8.26 -10.36
C ALA C 808 -18.67 -9.40 -10.74
N LEU C 809 -17.37 -9.16 -10.57
CA LEU C 809 -16.38 -10.17 -10.93
C LEU C 809 -16.74 -11.50 -10.31
N SER C 810 -16.67 -12.56 -11.11
CA SER C 810 -16.99 -13.90 -10.66
C SER C 810 -15.71 -14.70 -10.46
N LEU C 811 -15.85 -15.82 -9.74
CA LEU C 811 -14.69 -16.68 -9.48
C LEU C 811 -14.03 -17.12 -10.78
N SER C 812 -14.80 -17.24 -11.86
CA SER C 812 -14.24 -17.63 -13.14
C SER C 812 -13.22 -16.60 -13.64
N ASN C 813 -13.43 -15.32 -13.32
CA ASN C 813 -12.52 -14.29 -13.81
C ASN C 813 -11.18 -14.36 -13.11
N VAL C 814 -11.19 -14.35 -11.77
CA VAL C 814 -9.96 -14.51 -11.01
C VAL C 814 -9.84 -15.95 -10.56
N ALA C 815 -9.51 -16.84 -11.48
CA ALA C 815 -9.42 -18.26 -11.18
C ALA C 815 -8.00 -18.78 -11.11
N GLY C 816 -7.09 -18.24 -11.92
CA GLY C 816 -5.72 -18.68 -11.89
C GLY C 816 -4.92 -18.15 -10.73
N VAL C 817 -5.50 -17.25 -9.94
CA VAL C 817 -4.81 -16.74 -8.76
C VAL C 817 -5.08 -17.63 -7.55
N PHE C 818 -6.09 -18.49 -7.62
CA PHE C 818 -6.35 -19.47 -6.58
C PHE C 818 -5.65 -20.79 -6.85
N TYR C 819 -5.42 -21.11 -8.13
CA TYR C 819 -4.62 -22.28 -8.48
C TYR C 819 -3.16 -22.03 -8.13
N ILE C 820 -2.62 -20.88 -8.52
CA ILE C 820 -1.27 -20.49 -8.13
C ILE C 820 -1.11 -20.56 -6.62
N LEU C 821 -2.03 -19.92 -5.89
CA LEU C 821 -1.95 -19.92 -4.43
C LEU C 821 -1.93 -21.33 -3.88
N VAL C 822 -2.89 -22.17 -4.30
CA VAL C 822 -2.95 -23.53 -3.79
C VAL C 822 -1.74 -24.33 -4.28
N GLY C 823 -1.36 -24.13 -5.54
CA GLY C 823 -0.16 -24.79 -6.04
C GLY C 823 1.08 -24.34 -5.30
N GLY C 824 1.15 -23.06 -4.94
CA GLY C 824 2.29 -22.57 -4.17
C GLY C 824 2.31 -23.17 -2.77
N LEU C 825 1.16 -23.25 -2.12
CA LEU C 825 1.07 -23.89 -0.80
C LEU C 825 1.53 -25.34 -0.88
N GLY C 826 1.11 -26.06 -1.92
CA GLY C 826 1.60 -27.42 -2.10
C GLY C 826 3.10 -27.47 -2.25
N LEU C 827 3.67 -26.60 -3.10
CA LEU C 827 5.11 -26.58 -3.29
C LEU C 827 5.82 -26.23 -2.00
N ALA C 828 5.25 -25.34 -1.20
CA ALA C 828 5.87 -24.94 0.06
C ALA C 828 5.99 -26.14 1.01
N MET C 829 4.89 -26.86 1.20
CA MET C 829 4.94 -28.04 2.06
C MET C 829 5.95 -29.06 1.54
N LEU C 830 5.97 -29.29 0.22
CA LEU C 830 6.90 -30.25 -0.36
C LEU C 830 8.33 -29.87 -0.04
N VAL C 831 8.70 -28.61 -0.28
CA VAL C 831 10.03 -28.13 0.05
C VAL C 831 10.33 -28.38 1.53
N ALA C 832 9.39 -28.03 2.40
CA ALA C 832 9.59 -28.23 3.83
C ALA C 832 9.83 -29.70 4.16
N LEU C 833 8.97 -30.59 3.64
CA LEU C 833 9.07 -32.00 3.98
C LEU C 833 10.36 -32.63 3.49
N ILE C 834 10.80 -32.30 2.27
CA ILE C 834 12.03 -32.89 1.76
C ILE C 834 13.22 -32.46 2.60
N GLU C 835 13.25 -31.18 3.01
CA GLU C 835 14.29 -30.72 3.92
C GLU C 835 14.24 -31.50 5.23
N PHE C 836 13.05 -31.66 5.79
CA PHE C 836 12.91 -32.41 7.04
C PHE C 836 13.25 -33.89 6.82
N CYS C 837 12.80 -34.46 5.70
CA CYS C 837 13.15 -35.85 5.40
C CYS C 837 14.66 -36.02 5.26
N TYR C 838 15.31 -35.09 4.58
CA TYR C 838 16.75 -35.17 4.41
C TYR C 838 17.47 -35.08 5.76
N LYS C 839 17.05 -34.14 6.60
CA LYS C 839 17.65 -34.01 7.92
C LYS C 839 17.37 -35.25 8.76
N SER C 840 16.22 -35.89 8.57
CA SER C 840 15.88 -37.07 9.35
C SER C 840 16.66 -38.30 8.91
N ARG C 841 17.17 -38.30 7.67
CA ARG C 841 18.05 -39.37 7.20
C ARG C 841 19.51 -39.09 7.52
N ALA C 842 19.82 -37.93 8.10
CA ALA C 842 21.17 -37.57 8.50
C ALA C 842 21.39 -37.73 10.00
N GLU C 843 20.51 -38.47 10.68
CA GLU C 843 20.65 -38.72 12.10
C GLU C 843 20.75 -40.21 12.39
N SER D 532 -2.53 7.99 -31.98
CA SER D 532 -2.08 7.00 -31.01
C SER D 532 -0.59 6.71 -31.19
N LYS D 533 0.21 7.12 -30.22
CA LYS D 533 1.66 6.98 -30.31
C LYS D 533 2.29 7.03 -28.92
N PRO D 534 3.10 6.04 -28.56
CA PRO D 534 3.65 5.99 -27.21
C PRO D 534 5.02 6.64 -27.10
N GLY D 535 5.29 7.18 -25.91
CA GLY D 535 6.55 7.84 -25.66
C GLY D 535 7.33 7.18 -24.56
N VAL D 536 8.66 7.36 -24.56
CA VAL D 536 9.51 6.70 -23.57
C VAL D 536 9.07 7.08 -22.17
N PHE D 537 9.11 8.36 -21.84
CA PHE D 537 8.71 8.84 -20.52
C PHE D 537 7.24 9.29 -20.54
N SER D 538 6.38 8.37 -20.95
CA SER D 538 4.94 8.63 -21.02
C SER D 538 4.21 8.08 -19.81
N PHE D 539 4.93 7.56 -18.81
CA PHE D 539 4.31 7.17 -17.56
C PHE D 539 4.05 8.38 -16.67
N LEU D 540 4.62 9.52 -16.98
CA LEU D 540 4.45 10.76 -16.22
C LEU D 540 3.29 11.59 -16.74
N ASP D 541 2.53 11.08 -17.70
CA ASP D 541 1.46 11.86 -18.31
C ASP D 541 0.36 12.25 -17.33
N PRO D 542 -0.21 11.34 -16.49
CA PRO D 542 -1.27 11.76 -15.55
C PRO D 542 -0.98 13.04 -14.80
N LEU D 543 0.09 13.08 -14.02
CA LEU D 543 0.44 14.27 -13.27
C LEU D 543 1.22 15.24 -14.14
N ALA D 544 0.81 16.51 -14.12
CA ALA D 544 1.44 17.52 -14.96
C ALA D 544 2.89 17.74 -14.54
N TYR D 545 3.61 18.48 -15.39
CA TYR D 545 5.01 18.80 -15.10
C TYR D 545 5.14 19.50 -13.76
N GLU D 546 4.27 20.49 -13.50
CA GLU D 546 4.38 21.26 -12.26
C GLU D 546 4.17 20.38 -11.04
N ILE D 547 3.19 19.47 -11.09
CA ILE D 547 2.94 18.56 -9.98
C ILE D 547 4.20 17.77 -9.65
N TRP D 548 4.84 17.19 -10.68
CA TRP D 548 6.07 16.43 -10.46
C TRP D 548 7.16 17.31 -9.87
N MET D 549 7.30 18.54 -10.40
CA MET D 549 8.30 19.45 -9.88
C MET D 549 8.07 19.78 -8.41
N CYS D 550 6.81 20.06 -8.04
CA CYS D 550 6.52 20.45 -6.67
C CYS D 550 6.63 19.27 -5.70
N ILE D 551 6.43 18.05 -6.19
CA ILE D 551 6.65 16.87 -5.35
C ILE D 551 8.11 16.80 -4.93
N VAL D 552 9.03 17.03 -5.88
CA VAL D 552 10.44 17.06 -5.55
C VAL D 552 10.72 18.14 -4.52
N PHE D 553 10.13 19.33 -4.68
CA PHE D 553 10.37 20.40 -3.72
C PHE D 553 9.80 20.07 -2.35
N ALA D 554 8.63 19.42 -2.32
CA ALA D 554 8.04 19.04 -1.05
C ALA D 554 8.81 17.91 -0.39
N TYR D 555 9.42 17.02 -1.19
CA TYR D 555 10.26 15.97 -0.62
C TYR D 555 11.51 16.56 0.00
N ILE D 556 12.18 17.48 -0.70
CA ILE D 556 13.36 18.12 -0.16
C ILE D 556 13.03 18.96 1.05
N GLY D 557 11.77 19.36 1.21
CA GLY D 557 11.37 20.22 2.31
C GLY D 557 10.98 19.41 3.53
N VAL D 558 10.10 18.43 3.35
CA VAL D 558 9.70 17.56 4.45
C VAL D 558 10.92 16.92 5.09
N SER D 559 11.83 16.40 4.25
CA SER D 559 13.04 15.75 4.77
C SER D 559 13.84 16.71 5.65
N VAL D 560 14.14 17.90 5.15
CA VAL D 560 14.90 18.87 5.94
C VAL D 560 14.17 19.20 7.24
N VAL D 561 12.86 19.47 7.15
CA VAL D 561 12.10 19.83 8.33
C VAL D 561 12.06 18.68 9.33
N LEU D 562 11.91 17.45 8.82
CA LEU D 562 11.93 16.28 9.69
C LEU D 562 13.25 16.17 10.43
N PHE D 563 14.36 16.26 9.68
CA PHE D 563 15.68 16.32 10.30
C PHE D 563 15.73 17.38 11.39
N LEU D 564 15.42 18.63 11.04
CA LEU D 564 15.53 19.76 11.95
C LEU D 564 14.91 19.46 13.30
N VAL D 565 13.59 19.26 13.32
CA VAL D 565 12.87 19.04 14.59
C VAL D 565 13.55 17.95 15.40
N SER D 566 13.69 16.76 14.82
CA SER D 566 14.26 15.61 15.53
C SER D 566 15.56 15.94 16.24
N ARG D 567 16.51 16.56 15.52
CA ARG D 567 17.89 16.67 16.00
C ARG D 567 18.31 18.07 16.45
N PHE D 568 17.46 19.08 16.36
CA PHE D 568 17.93 20.42 16.70
C PHE D 568 18.00 20.65 18.20
N SER D 569 17.18 19.95 18.97
CA SER D 569 17.10 20.23 20.40
C SER D 569 18.31 19.68 21.12
N PRO D 570 19.05 20.50 21.88
CA PRO D 570 20.21 19.99 22.61
C PRO D 570 19.87 19.43 23.98
N TYR D 571 18.58 19.18 24.23
CA TYR D 571 18.11 18.64 25.50
C TYR D 571 17.55 17.24 25.33
N GLU D 572 17.96 16.55 24.26
CA GLU D 572 17.48 15.22 23.95
C GLU D 572 18.60 14.21 23.79
N TRP D 573 19.83 14.66 23.53
CA TRP D 573 20.97 13.78 23.36
C TRP D 573 21.57 13.44 24.71
N HIS D 574 22.07 12.22 24.84
CA HIS D 574 22.62 11.75 26.11
C HIS D 574 23.95 11.05 25.91
N GLN D 588 24.26 11.16 22.79
CA GLN D 588 24.22 10.45 21.51
C GLN D 588 22.89 10.73 20.81
N PRO D 589 22.85 10.55 19.48
CA PRO D 589 21.59 10.68 18.72
C PRO D 589 20.41 10.13 19.48
N PRO D 590 19.46 10.98 19.86
CA PRO D 590 18.24 10.47 20.50
C PRO D 590 17.44 9.54 19.61
N ASN D 591 17.53 9.73 18.30
CA ASN D 591 16.79 8.94 17.32
C ASN D 591 17.70 8.71 16.13
N GLU D 592 17.15 8.12 15.07
CA GLU D 592 17.92 7.81 13.88
C GLU D 592 17.62 8.76 12.72
N PHE D 593 16.98 9.89 12.99
CA PHE D 593 16.57 10.81 11.93
C PHE D 593 17.65 11.85 11.67
N GLY D 594 18.75 11.38 11.10
CA GLY D 594 19.80 12.27 10.66
C GLY D 594 19.39 13.03 9.42
N ILE D 595 20.36 13.54 8.67
CA ILE D 595 20.05 14.14 7.38
C ILE D 595 19.96 13.09 6.29
N PHE D 596 20.56 11.92 6.49
CA PHE D 596 20.54 10.86 5.50
C PHE D 596 19.34 9.94 5.68
N ASN D 597 19.04 9.53 6.91
CA ASN D 597 17.88 8.68 7.17
C ASN D 597 16.57 9.41 6.91
N SER D 598 16.52 10.72 7.18
CA SER D 598 15.32 11.50 6.90
C SER D 598 14.96 11.43 5.42
N LEU D 599 15.95 11.62 4.54
CA LEU D 599 15.70 11.53 3.11
C LEU D 599 15.17 10.15 2.75
N TRP D 600 15.75 9.10 3.33
CA TRP D 600 15.30 7.74 3.05
C TRP D 600 13.87 7.51 3.55
N PHE D 601 13.56 8.00 4.75
CA PHE D 601 12.21 7.81 5.28
C PHE D 601 11.18 8.52 4.43
N SER D 602 11.47 9.76 4.01
CA SER D 602 10.54 10.48 3.15
C SER D 602 10.31 9.75 1.84
N LEU D 603 11.40 9.34 1.19
CA LEU D 603 11.28 8.57 -0.05
C LEU D 603 10.48 7.30 0.17
N GLY D 604 10.78 6.57 1.24
CA GLY D 604 10.05 5.36 1.56
C GLY D 604 8.56 5.61 1.68
N ALA D 605 8.18 6.51 2.58
CA ALA D 605 6.80 6.95 2.73
C ALA D 605 6.10 7.14 1.38
N PHE D 606 6.70 7.97 0.52
CA PHE D 606 6.08 8.28 -0.77
C PHE D 606 5.87 7.02 -1.61
N MET D 607 6.87 6.14 -1.65
CA MET D 607 6.80 4.93 -2.45
C MET D 607 5.93 3.84 -1.82
N GLN D 608 5.29 4.13 -0.69
CA GLN D 608 4.39 3.17 -0.03
C GLN D 608 5.13 1.89 0.36
N GLN D 609 6.35 2.04 0.87
CA GLN D 609 7.16 0.91 1.28
C GLN D 609 7.37 0.89 2.80
N GLY D 610 8.23 -0.03 3.24
CA GLY D 610 8.52 -0.30 4.64
C GLY D 610 8.94 0.88 5.49
N CYS D 611 8.97 0.69 6.81
CA CYS D 611 9.26 1.75 7.77
C CYS D 611 10.49 1.29 8.57
N ASP D 612 11.68 1.61 8.10
CA ASP D 612 12.85 1.22 8.88
C ASP D 612 12.83 1.94 10.22
N ILE D 613 13.06 3.25 10.21
CA ILE D 613 12.90 4.12 11.35
C ILE D 613 11.50 4.74 11.32
N SER D 614 10.93 4.97 12.50
CA SER D 614 9.60 5.57 12.61
C SER D 614 9.66 6.74 13.59
N PRO D 615 9.13 7.91 13.23
CA PRO D 615 9.15 9.05 14.16
C PRO D 615 8.46 8.72 15.48
N ARG D 616 9.01 9.27 16.56
CA ARG D 616 8.48 9.01 17.89
C ARG D 616 8.16 10.26 18.69
N SER D 617 8.72 11.42 18.35
CA SER D 617 8.39 12.65 19.05
C SER D 617 7.05 13.19 18.53
N LEU D 618 6.63 14.33 19.08
CA LEU D 618 5.39 14.94 18.60
C LEU D 618 5.60 15.75 17.33
N SER D 619 6.74 16.41 17.20
CA SER D 619 7.00 17.22 16.03
C SER D 619 7.34 16.36 14.82
N GLY D 620 8.10 15.29 15.03
CA GLY D 620 8.34 14.33 13.96
C GLY D 620 7.05 13.73 13.43
N ARG D 621 6.15 13.34 14.33
CA ARG D 621 4.93 12.65 13.91
C ARG D 621 4.02 13.57 13.10
N ILE D 622 3.90 14.84 13.50
CA ILE D 622 3.15 15.80 12.71
C ILE D 622 3.70 15.87 11.29
N VAL D 623 5.03 15.96 11.15
CA VAL D 623 5.65 15.97 9.83
C VAL D 623 5.32 14.68 9.09
N GLY D 624 5.50 13.54 9.76
CA GLY D 624 5.16 12.27 9.14
C GLY D 624 3.71 12.20 8.70
N GLY D 625 2.80 12.62 9.60
CA GLY D 625 1.38 12.50 9.30
C GLY D 625 0.96 13.25 8.05
N VAL D 626 1.36 14.52 7.93
CA VAL D 626 0.99 15.31 6.77
C VAL D 626 1.62 14.74 5.50
N TRP D 627 2.87 14.26 5.62
CA TRP D 627 3.54 13.65 4.47
C TRP D 627 2.80 12.41 4.00
N TRP D 628 2.28 11.62 4.94
CA TRP D 628 1.53 10.42 4.58
C TRP D 628 0.21 10.78 3.92
N PHE D 629 -0.42 11.87 4.36
CA PHE D 629 -1.66 12.30 3.73
C PHE D 629 -1.41 12.82 2.32
N PHE D 630 -0.39 13.67 2.16
CA PHE D 630 0.02 14.12 0.83
C PHE D 630 0.25 12.95 -0.11
N THR D 631 1.17 12.06 0.26
CA THR D 631 1.45 10.86 -0.51
C THR D 631 0.16 10.17 -0.95
N LEU D 632 -0.73 9.89 0.01
CA LEU D 632 -1.97 9.18 -0.27
C LEU D 632 -2.73 9.83 -1.42
N ILE D 633 -3.11 11.10 -1.24
CA ILE D 633 -3.83 11.83 -2.29
C ILE D 633 -3.08 11.77 -3.62
N ILE D 634 -1.79 12.08 -3.59
CA ILE D 634 -1.02 12.15 -4.83
C ILE D 634 -0.94 10.79 -5.50
N ILE D 635 -0.74 9.73 -4.73
CA ILE D 635 -0.62 8.41 -5.34
C ILE D 635 -1.98 7.89 -5.78
N SER D 636 -3.05 8.30 -5.11
CA SER D 636 -4.39 7.94 -5.57
C SER D 636 -4.78 8.73 -6.81
N SER D 637 -4.24 9.94 -6.96
CA SER D 637 -4.58 10.77 -8.11
C SER D 637 -3.90 10.26 -9.37
N TYR D 638 -2.63 9.85 -9.26
CA TYR D 638 -1.93 9.26 -10.39
C TYR D 638 -2.68 8.04 -10.91
N THR D 639 -2.95 7.07 -10.04
CA THR D 639 -3.69 5.87 -10.45
C THR D 639 -5.05 6.22 -11.02
N ALA D 640 -5.79 7.09 -10.33
CA ALA D 640 -7.13 7.46 -10.79
C ALA D 640 -7.08 8.09 -12.18
N ASN D 641 -6.11 8.98 -12.42
CA ASN D 641 -6.03 9.64 -13.71
C ASN D 641 -5.43 8.76 -14.78
N LEU D 642 -4.61 7.77 -14.39
CA LEU D 642 -4.10 6.82 -15.37
C LEU D 642 -5.23 5.93 -15.88
N ALA D 643 -6.18 5.59 -15.01
CA ALA D 643 -7.34 4.81 -15.46
C ALA D 643 -8.18 5.59 -16.45
N ALA D 644 -8.20 6.93 -16.31
CA ALA D 644 -8.92 7.75 -17.27
C ALA D 644 -8.16 7.80 -18.59
N PHE D 645 -6.84 8.00 -18.53
CA PHE D 645 -6.01 8.05 -19.72
C PHE D 645 -6.09 6.77 -20.53
N LEU D 646 -6.41 5.64 -19.90
CA LEU D 646 -6.45 4.35 -20.56
C LEU D 646 -7.86 3.96 -21.00
N THR D 647 -8.86 4.75 -20.61
CA THR D 647 -10.23 4.61 -21.08
C THR D 647 -10.53 5.86 -21.91
N VAL D 648 -11.74 5.90 -22.49
CA VAL D 648 -12.24 7.02 -23.30
C VAL D 648 -11.10 7.62 -24.12
N GLU D 649 -10.51 6.81 -24.99
CA GLU D 649 -9.47 7.31 -25.89
C GLU D 649 -10.00 8.48 -26.71
N ARG D 650 -9.26 9.58 -26.68
CA ARG D 650 -9.63 10.81 -27.38
C ARG D 650 -8.45 11.30 -28.19
N MET D 651 -8.69 11.65 -29.45
CA MET D 651 -7.65 12.21 -30.30
C MET D 651 -8.06 13.57 -30.86
N THR D 806 -10.31 -1.09 -25.77
CA THR D 806 -9.18 -1.08 -24.84
C THR D 806 -8.17 -2.16 -25.21
N SER D 807 -6.89 -1.85 -25.04
CA SER D 807 -5.81 -2.77 -25.38
C SER D 807 -4.92 -2.99 -24.17
N ALA D 808 -4.26 -4.15 -24.16
CA ALA D 808 -3.32 -4.49 -23.11
C ALA D 808 -2.06 -3.64 -23.23
N LEU D 809 -1.76 -2.87 -22.18
CA LEU D 809 -0.52 -2.08 -22.13
C LEU D 809 0.65 -2.87 -22.66
N SER D 810 1.42 -2.25 -23.56
CA SER D 810 2.59 -2.88 -24.14
C SER D 810 3.85 -2.35 -23.48
N LEU D 811 4.98 -2.96 -23.84
CA LEU D 811 6.25 -2.56 -23.21
C LEU D 811 6.60 -1.13 -23.56
N SER D 812 6.16 -0.63 -24.72
CA SER D 812 6.48 0.73 -25.12
C SER D 812 5.83 1.78 -24.22
N ASN D 813 4.79 1.41 -23.48
CA ASN D 813 4.10 2.37 -22.62
C ASN D 813 4.81 2.55 -21.28
N VAL D 814 5.42 1.48 -20.77
CA VAL D 814 6.13 1.52 -19.50
C VAL D 814 7.58 1.13 -19.73
N ALA D 815 8.19 1.67 -20.78
CA ALA D 815 9.59 1.36 -21.08
C ALA D 815 10.54 2.42 -20.55
N GLY D 816 10.08 3.65 -20.37
CA GLY D 816 10.92 4.65 -19.72
C GLY D 816 11.29 4.26 -18.31
N VAL D 817 10.36 3.62 -17.60
CA VAL D 817 10.64 3.18 -16.23
C VAL D 817 11.76 2.15 -16.23
N PHE D 818 11.75 1.21 -17.19
CA PHE D 818 12.81 0.21 -17.24
C PHE D 818 14.17 0.86 -17.45
N TYR D 819 14.23 1.90 -18.28
CA TYR D 819 15.48 2.60 -18.52
C TYR D 819 15.98 3.24 -17.22
N ILE D 820 15.08 3.89 -16.48
CA ILE D 820 15.45 4.50 -15.21
C ILE D 820 15.90 3.43 -14.23
N LEU D 821 15.24 2.27 -14.23
CA LEU D 821 15.60 1.20 -13.31
C LEU D 821 17.00 0.69 -13.59
N VAL D 822 17.30 0.38 -14.86
CA VAL D 822 18.63 -0.09 -15.21
C VAL D 822 19.65 1.03 -15.00
N GLY D 823 19.28 2.26 -15.31
CA GLY D 823 20.18 3.38 -15.07
C GLY D 823 20.53 3.51 -13.59
N GLY D 824 19.53 3.35 -12.72
CA GLY D 824 19.79 3.42 -11.29
C GLY D 824 20.73 2.31 -10.82
N LEU D 825 20.51 1.09 -11.31
CA LEU D 825 21.39 -0.01 -10.96
C LEU D 825 22.82 0.27 -11.39
N GLY D 826 23.00 0.78 -12.61
CA GLY D 826 24.33 1.15 -13.06
C GLY D 826 24.96 2.22 -12.17
N LEU D 827 24.20 3.26 -11.85
CA LEU D 827 24.72 4.32 -10.99
C LEU D 827 25.08 3.79 -9.61
N ALA D 828 24.25 2.90 -9.06
CA ALA D 828 24.53 2.34 -7.74
C ALA D 828 25.84 1.57 -7.74
N MET D 829 26.06 0.72 -8.74
CA MET D 829 27.30 -0.03 -8.82
C MET D 829 28.50 0.90 -8.91
N LEU D 830 28.37 1.99 -9.67
CA LEU D 830 29.45 2.96 -9.78
C LEU D 830 29.74 3.60 -8.43
N VAL D 831 28.70 4.10 -7.76
CA VAL D 831 28.84 4.72 -6.45
C VAL D 831 29.46 3.75 -5.44
N ALA D 832 29.27 2.45 -5.65
CA ALA D 832 29.81 1.46 -4.73
C ALA D 832 31.27 1.15 -5.04
N LEU D 833 31.65 1.19 -6.31
CA LEU D 833 33.03 0.91 -6.69
C LEU D 833 33.92 2.13 -6.53
N ILE D 834 33.37 3.34 -6.71
CA ILE D 834 34.13 4.56 -6.43
C ILE D 834 34.59 4.56 -4.98
N GLU D 835 33.64 4.41 -4.05
CA GLU D 835 34.00 4.28 -2.64
C GLU D 835 35.04 3.19 -2.43
N PHE D 836 34.77 1.99 -2.93
CA PHE D 836 35.67 0.84 -2.79
C PHE D 836 37.12 1.21 -3.10
N CYS D 837 37.32 1.72 -4.31
CA CYS D 837 38.64 2.23 -4.77
C CYS D 837 39.21 3.22 -3.75
N TYR D 838 38.44 4.23 -3.36
CA TYR D 838 38.87 5.22 -2.38
C TYR D 838 39.36 4.55 -1.11
N LYS D 839 38.57 3.62 -0.57
CA LYS D 839 39.02 2.86 0.60
C LYS D 839 40.28 2.06 0.28
N SER D 840 40.36 1.51 -0.93
CA SER D 840 41.49 0.65 -1.28
C SER D 840 42.81 1.42 -1.29
N ARG D 841 42.81 2.64 -1.83
CA ARG D 841 44.05 3.42 -1.84
C ARG D 841 44.46 3.80 -0.43
N ALA D 842 43.50 4.18 0.43
CA ALA D 842 43.82 4.47 1.82
C ALA D 842 44.48 3.30 2.52
N GLU D 843 44.16 2.07 2.11
CA GLU D 843 44.81 0.89 2.66
C GLU D 843 46.22 0.73 2.11
N GLY E 7 34.80 25.60 10.85
CA GLY E 7 35.57 26.51 10.02
C GLY E 7 35.21 26.44 8.55
N VAL E 8 35.58 25.33 7.92
CA VAL E 8 35.22 25.14 6.51
C VAL E 8 33.71 25.02 6.35
N GLN E 9 33.04 24.40 7.33
CA GLN E 9 31.59 24.26 7.26
C GLN E 9 30.90 25.62 7.32
N MET E 10 31.43 26.53 8.13
CA MET E 10 30.88 27.88 8.18
C MET E 10 31.15 28.64 6.89
N LEU E 11 32.28 28.37 6.24
CA LEU E 11 32.58 29.04 4.96
C LEU E 11 31.58 28.63 3.89
N LEU E 12 31.32 27.33 3.77
CA LEU E 12 30.27 26.87 2.85
C LEU E 12 28.94 27.53 3.15
N THR E 13 28.59 27.62 4.44
CA THR E 13 27.33 28.22 4.83
C THR E 13 27.25 29.68 4.38
N ILE E 14 28.30 30.46 4.64
CA ILE E 14 28.32 31.87 4.22
C ILE E 14 28.12 31.97 2.71
N VAL E 15 28.90 31.22 1.94
CA VAL E 15 28.80 31.29 0.48
C VAL E 15 27.40 30.86 0.04
N GLY E 16 26.90 29.76 0.61
CA GLY E 16 25.58 29.29 0.23
C GLY E 16 24.48 30.26 0.62
N ALA E 17 24.59 30.87 1.80
CA ALA E 17 23.62 31.86 2.23
C ALA E 17 23.52 33.00 1.22
N PHE E 18 24.66 33.59 0.86
CA PHE E 18 24.65 34.69 -0.10
C PHE E 18 24.06 34.25 -1.43
N ALA E 19 24.48 33.08 -1.92
CA ALA E 19 24.00 32.57 -3.21
C ALA E 19 22.48 32.53 -3.25
N ALA E 20 21.86 31.89 -2.24
CA ALA E 20 20.40 31.76 -2.24
C ALA E 20 19.73 33.12 -2.16
N PHE E 21 20.21 33.98 -1.26
CA PHE E 21 19.69 35.35 -1.20
C PHE E 21 19.83 36.05 -2.54
N SER E 22 21.04 36.04 -3.11
CA SER E 22 21.26 36.68 -4.41
C SER E 22 20.34 36.10 -5.47
N LEU E 23 20.31 34.77 -5.59
CA LEU E 23 19.46 34.14 -6.59
C LEU E 23 18.00 34.53 -6.43
N MET E 24 17.51 34.55 -5.19
CA MET E 24 16.10 34.85 -4.96
C MET E 24 15.79 36.33 -5.23
N THR E 25 16.71 37.23 -4.87
CA THR E 25 16.51 38.64 -5.16
C THR E 25 16.53 38.91 -6.67
N ILE E 26 17.30 38.12 -7.41
CA ILE E 26 17.33 38.28 -8.87
C ILE E 26 16.08 37.70 -9.50
N ALA E 27 15.40 36.76 -8.83
CA ALA E 27 14.16 36.21 -9.36
C ALA E 27 12.99 37.15 -9.13
N VAL E 28 12.83 37.65 -7.91
CA VAL E 28 11.74 38.58 -7.60
C VAL E 28 11.87 39.88 -8.36
N GLY E 29 13.07 40.18 -8.90
CA GLY E 29 13.27 41.45 -9.56
C GLY E 29 13.21 41.39 -11.08
N THR E 30 13.53 40.24 -11.65
CA THR E 30 13.53 40.10 -13.10
C THR E 30 12.11 39.85 -13.62
N ASP E 31 12.01 39.63 -14.93
CA ASP E 31 10.73 39.47 -15.59
C ASP E 31 10.61 38.20 -16.42
N TYR E 32 11.66 37.37 -16.47
CA TYR E 32 11.68 36.19 -17.34
C TYR E 32 11.16 34.96 -16.58
N TRP E 33 9.92 35.07 -16.12
CA TRP E 33 9.29 33.97 -15.37
C TRP E 33 8.52 33.02 -16.27
N LEU E 34 7.67 33.56 -17.16
CA LEU E 34 6.75 32.74 -17.94
C LEU E 34 6.67 33.29 -19.35
N TYR E 35 7.20 32.54 -20.31
CA TYR E 35 7.10 32.91 -21.73
C TYR E 35 5.69 32.59 -22.18
N SER E 36 4.80 33.56 -22.03
CA SER E 36 3.38 33.38 -22.33
C SER E 36 3.10 33.85 -23.76
N ARG E 37 1.82 34.06 -24.10
CA ARG E 37 1.42 34.59 -25.40
C ARG E 37 0.27 35.56 -25.15
N GLY E 38 0.62 36.85 -25.02
CA GLY E 38 -0.38 37.86 -24.76
C GLY E 38 -0.08 39.18 -25.45
N VAL E 39 -0.30 40.29 -24.75
CA VAL E 39 -0.07 41.63 -25.28
C VAL E 39 0.74 42.43 -24.27
N CYS E 40 1.13 43.63 -24.69
CA CYS E 40 1.92 44.52 -23.85
C CYS E 40 1.34 45.92 -23.70
N LYS E 41 0.39 46.31 -24.55
CA LYS E 41 -0.14 47.66 -24.57
C LYS E 41 -1.58 47.64 -24.05
N THR E 42 -2.27 48.76 -24.23
CA THR E 42 -3.64 48.91 -23.72
C THR E 42 -4.55 49.42 -24.82
N LYS E 43 -5.65 50.07 -24.44
CA LYS E 43 -6.62 50.53 -25.42
C LYS E 43 -6.05 51.72 -26.21
N SER E 44 -6.64 51.96 -27.38
CA SER E 44 -6.19 53.03 -28.24
C SER E 44 -7.35 53.46 -29.14
N VAL E 45 -7.25 54.69 -29.64
CA VAL E 45 -8.26 55.25 -30.54
C VAL E 45 -8.46 54.34 -31.75
N LYS E 53 -7.07 46.43 -33.07
CA LYS E 53 -6.71 45.03 -32.82
C LYS E 53 -5.49 44.93 -31.92
N ASN E 54 -5.23 43.74 -31.41
CA ASN E 54 -4.12 43.49 -30.50
C ASN E 54 -2.98 42.80 -31.25
N GLU E 55 -1.88 42.55 -30.54
CA GLU E 55 -0.69 41.93 -31.10
C GLU E 55 -0.26 40.77 -30.18
N GLU E 56 -0.89 39.61 -30.37
CA GLU E 56 -0.52 38.43 -29.61
C GLU E 56 0.82 37.90 -30.05
N VAL E 57 1.88 38.31 -29.35
CA VAL E 57 3.24 37.88 -29.63
C VAL E 57 3.82 37.30 -28.35
N MET E 58 4.90 36.53 -28.49
CA MET E 58 5.57 35.94 -27.34
C MET E 58 5.94 37.03 -26.34
N THR E 59 5.59 36.82 -25.08
CA THR E 59 5.76 37.84 -24.04
C THR E 59 6.33 37.21 -22.78
N HIS E 60 7.63 37.41 -22.54
CA HIS E 60 8.24 36.99 -21.28
C HIS E 60 7.66 37.82 -20.14
N SER E 61 6.82 37.20 -19.32
CA SER E 61 6.10 37.90 -18.27
C SER E 61 6.56 37.42 -16.91
N GLY E 62 6.97 38.35 -16.06
CA GLY E 62 7.46 38.06 -14.73
C GLY E 62 6.38 38.17 -13.68
N LEU E 63 6.76 38.66 -12.50
CA LEU E 63 5.81 38.84 -11.42
C LEU E 63 5.09 40.19 -11.53
N TRP E 64 5.85 41.27 -11.75
CA TRP E 64 5.30 42.61 -11.75
C TRP E 64 5.13 43.21 -13.15
N ARG E 65 6.01 42.86 -14.09
CA ARG E 65 5.99 43.49 -15.41
C ARG E 65 5.91 42.42 -16.49
N THR E 66 5.59 42.87 -17.71
CA THR E 66 5.51 41.98 -18.86
C THR E 66 5.96 42.71 -20.12
N CYS E 67 7.16 42.41 -20.61
CA CYS E 67 7.65 42.92 -21.88
C CYS E 67 7.47 41.89 -22.99
N CYS E 68 7.14 42.37 -24.19
CA CYS E 68 6.96 41.53 -25.36
C CYS E 68 8.33 41.17 -25.94
N LEU E 69 8.72 39.89 -25.81
CA LEU E 69 9.98 39.41 -26.40
C LEU E 69 10.13 39.87 -27.84
N GLU E 70 9.23 39.45 -28.70
CA GLU E 70 9.23 39.78 -30.12
C GLU E 70 8.16 40.83 -30.40
N GLY E 71 7.82 41.01 -31.68
CA GLY E 71 6.74 41.89 -32.07
C GLY E 71 7.16 43.34 -32.21
N ASN E 72 6.22 44.13 -32.74
CA ASN E 72 6.46 45.54 -33.02
C ASN E 72 6.74 46.35 -31.75
N PHE E 73 6.38 45.84 -30.58
CA PHE E 73 6.59 46.56 -29.33
C PHE E 73 7.56 45.81 -28.43
N LYS E 74 8.70 45.42 -29.00
CA LYS E 74 9.70 44.64 -28.28
C LYS E 74 10.32 45.49 -27.17
N GLY E 75 10.07 45.11 -25.93
CA GLY E 75 10.64 45.78 -24.78
C GLY E 75 9.72 46.71 -24.02
N LEU E 76 8.43 46.71 -24.33
CA LEU E 76 7.46 47.52 -23.60
C LEU E 76 6.85 46.70 -22.47
N CYS E 77 7.16 47.06 -21.23
CA CYS E 77 6.66 46.35 -20.06
C CYS E 77 5.42 47.05 -19.52
N LYS E 78 4.39 46.26 -19.23
CA LYS E 78 3.14 46.74 -18.67
C LYS E 78 3.06 46.32 -17.19
N GLN E 79 1.97 46.70 -16.54
CA GLN E 79 1.71 46.33 -15.16
C GLN E 79 0.67 45.22 -15.15
N ILE E 80 1.11 44.00 -14.85
CA ILE E 80 0.20 42.86 -14.76
C ILE E 80 -1.00 43.22 -13.90
N ASP E 81 -2.20 43.02 -14.44
CA ASP E 81 -3.45 43.32 -13.74
C ASP E 81 -3.97 42.03 -13.10
N HIS E 82 -3.69 41.86 -11.81
CA HIS E 82 -4.07 40.64 -11.10
C HIS E 82 -5.55 40.61 -10.74
N PHE E 83 -6.28 41.71 -10.92
CA PHE E 83 -7.69 41.82 -10.55
C PHE E 83 -8.50 42.21 -11.78
N PRO E 84 -8.68 41.29 -12.75
CA PRO E 84 -9.42 41.61 -13.96
C PRO E 84 -10.93 41.54 -13.76
N THR E 93 -14.77 34.62 -2.93
CA THR E 93 -14.61 34.11 -1.56
C THR E 93 -13.23 33.50 -1.36
N ALA E 94 -13.02 32.33 -1.94
CA ALA E 94 -11.71 31.68 -1.92
C ALA E 94 -10.85 32.03 -3.13
N GLU E 95 -11.41 32.74 -4.11
CA GLU E 95 -10.63 33.18 -5.26
C GLU E 95 -10.07 34.58 -5.06
N TYR E 96 -10.78 35.46 -4.36
CA TYR E 96 -10.24 36.77 -4.04
C TYR E 96 -8.96 36.66 -3.21
N PHE E 97 -8.97 35.78 -2.21
CA PHE E 97 -7.81 35.64 -1.34
C PHE E 97 -6.59 35.20 -2.14
N LEU E 98 -6.77 34.26 -3.07
CA LEU E 98 -5.65 33.80 -3.88
C LEU E 98 -5.06 34.94 -4.70
N ARG E 99 -5.93 35.72 -5.36
CA ARG E 99 -5.48 36.85 -6.15
C ARG E 99 -4.64 37.80 -5.30
N ALA E 100 -5.17 38.20 -4.14
CA ALA E 100 -4.48 39.15 -3.27
C ALA E 100 -3.08 38.66 -2.92
N VAL E 101 -2.97 37.39 -2.53
CA VAL E 101 -1.66 36.82 -2.21
C VAL E 101 -0.77 36.80 -3.44
N ARG E 102 -1.33 36.33 -4.57
CA ARG E 102 -0.56 36.31 -5.81
C ARG E 102 -0.18 37.72 -6.27
N ALA E 103 -1.04 38.70 -6.01
CA ALA E 103 -0.77 40.05 -6.50
C ALA E 103 0.29 40.74 -5.67
N SER E 104 0.32 40.51 -4.37
CA SER E 104 1.28 41.16 -3.49
C SER E 104 2.58 40.40 -3.38
N SER E 105 2.68 39.22 -4.00
CA SER E 105 3.84 38.34 -3.90
C SER E 105 4.45 38.36 -2.51
N ILE E 106 3.60 38.16 -1.50
CA ILE E 106 4.06 38.15 -0.12
C ILE E 106 5.03 37.01 0.10
N PHE E 107 4.71 35.81 -0.40
CA PHE E 107 5.58 34.66 -0.16
C PHE E 107 6.92 34.79 -0.86
N PRO E 108 7.01 35.09 -2.16
CA PRO E 108 8.33 35.30 -2.76
C PRO E 108 9.08 36.48 -2.18
N ILE E 109 8.39 37.42 -1.53
CA ILE E 109 9.07 38.55 -0.90
C ILE E 109 9.41 38.24 0.55
N LEU E 110 8.67 37.34 1.19
CA LEU E 110 8.96 36.98 2.56
C LEU E 110 10.13 36.00 2.62
N SER E 111 10.30 35.19 1.58
CA SER E 111 11.50 34.36 1.48
C SER E 111 12.75 35.23 1.42
N VAL E 112 12.68 36.35 0.68
CA VAL E 112 13.82 37.24 0.60
C VAL E 112 14.06 37.95 1.92
N ILE E 113 12.98 38.21 2.67
CA ILE E 113 13.14 38.82 3.99
C ILE E 113 13.71 37.82 4.98
N LEU E 114 13.37 36.54 4.82
CA LEU E 114 13.86 35.53 5.76
C LEU E 114 15.29 35.14 5.46
N LEU E 115 15.65 35.03 4.17
CA LEU E 115 17.04 34.73 3.81
C LEU E 115 17.97 35.84 4.26
N PHE E 116 17.53 37.10 4.15
CA PHE E 116 18.36 38.21 4.60
C PHE E 116 18.54 38.16 6.11
N MET E 117 17.47 37.84 6.85
CA MET E 117 17.61 37.71 8.30
C MET E 117 18.48 36.53 8.67
N GLY E 118 18.51 35.49 7.83
CA GLY E 118 19.41 34.39 8.08
C GLY E 118 20.87 34.81 7.95
N GLY E 119 21.17 35.69 6.99
CA GLY E 119 22.52 36.18 6.85
C GLY E 119 22.95 37.02 8.04
N LEU E 120 22.05 37.89 8.54
CA LEU E 120 22.35 38.65 9.73
C LEU E 120 22.66 37.74 10.91
N CYS E 121 21.87 36.69 11.08
CA CYS E 121 22.10 35.75 12.18
C CYS E 121 23.45 35.06 12.03
N ILE E 122 23.79 34.66 10.80
CA ILE E 122 25.07 34.02 10.55
C ILE E 122 26.21 34.99 10.81
N ALA E 123 26.05 36.24 10.39
CA ALA E 123 27.09 37.24 10.62
C ALA E 123 27.21 37.58 12.10
N ALA E 124 26.07 37.70 12.79
CA ALA E 124 26.11 37.97 14.23
C ALA E 124 26.84 36.87 14.98
N SER E 125 26.68 35.62 14.54
CA SER E 125 27.35 34.50 15.21
C SER E 125 28.85 34.46 14.93
N GLU E 126 29.37 35.36 14.10
CA GLU E 126 30.81 35.46 13.87
C GLU E 126 31.48 36.47 14.78
N PHE E 127 30.70 37.32 15.45
CA PHE E 127 31.23 38.27 16.42
C PHE E 127 30.86 37.95 17.86
N TYR E 128 29.87 37.08 18.08
CA TYR E 128 29.44 36.67 19.41
C TYR E 128 29.44 35.13 19.44
N LYS E 129 30.61 34.56 19.66
CA LYS E 129 30.74 33.10 19.63
C LYS E 129 30.09 32.43 20.83
N THR E 130 29.92 33.15 21.94
CA THR E 130 29.39 32.54 23.16
C THR E 130 27.95 32.10 22.98
N ARG E 131 27.14 32.87 22.27
CA ARG E 131 25.73 32.57 22.10
C ARG E 131 25.58 31.52 20.99
N HIS E 132 25.30 30.28 21.39
CA HIS E 132 25.08 29.20 20.44
C HIS E 132 23.69 29.22 19.82
N ASN E 133 22.76 30.00 20.37
CA ASN E 133 21.39 30.03 19.86
C ASN E 133 21.22 30.97 18.67
N ILE E 134 22.25 31.77 18.33
CA ILE E 134 22.18 32.59 17.14
C ILE E 134 22.46 31.78 15.88
N ILE E 135 22.98 30.57 16.03
CA ILE E 135 23.22 29.70 14.89
C ILE E 135 21.98 28.88 14.57
N LEU E 136 21.28 28.39 15.59
CA LEU E 136 20.02 27.69 15.36
C LEU E 136 19.00 28.61 14.70
N SER E 137 18.97 29.88 15.11
CA SER E 137 18.06 30.84 14.50
C SER E 137 18.29 30.92 13.01
N ALA E 138 19.55 31.03 12.59
CA ALA E 138 19.87 31.06 11.17
C ALA E 138 19.28 29.86 10.45
N GLY E 139 19.45 28.67 11.01
CA GLY E 139 18.92 27.47 10.37
C GLY E 139 17.43 27.53 10.17
N ILE E 140 16.69 27.93 11.21
CA ILE E 140 15.24 28.01 11.12
C ILE E 140 14.83 29.04 10.07
N PHE E 141 15.49 30.20 10.06
CA PHE E 141 15.18 31.23 9.08
C PHE E 141 15.34 30.70 7.66
N PHE E 142 16.48 30.06 7.38
CA PHE E 142 16.71 29.50 6.05
C PHE E 142 15.68 28.43 5.71
N VAL E 143 15.41 27.52 6.65
CA VAL E 143 14.45 26.46 6.39
C VAL E 143 13.06 27.04 6.17
N SER E 144 12.66 28.02 6.99
CA SER E 144 11.37 28.66 6.81
C SER E 144 11.32 29.47 5.52
N ALA E 145 12.43 30.07 5.13
CA ALA E 145 12.49 30.79 3.85
C ALA E 145 12.23 29.83 2.70
N GLY E 146 12.84 28.64 2.73
CA GLY E 146 12.56 27.66 1.71
C GLY E 146 11.09 27.26 1.66
N LEU E 147 10.47 27.11 2.84
CA LEU E 147 9.07 26.73 2.88
C LEU E 147 8.17 27.84 2.35
N SER E 148 8.55 29.10 2.57
CA SER E 148 7.78 30.21 2.03
C SER E 148 7.94 30.34 0.53
N ASN E 149 9.04 29.82 -0.02
CA ASN E 149 9.23 29.83 -1.46
C ASN E 149 8.52 28.68 -2.16
N ILE E 150 8.03 27.70 -1.41
CA ILE E 150 7.19 26.66 -2.01
C ILE E 150 5.77 27.18 -2.20
N ILE E 151 5.23 27.86 -1.18
CA ILE E 151 3.92 28.46 -1.30
C ILE E 151 3.91 29.49 -2.42
N GLY E 152 5.02 30.23 -2.56
CA GLY E 152 5.14 31.16 -3.68
C GLY E 152 5.01 30.47 -5.02
N ILE E 153 5.74 29.37 -5.20
CA ILE E 153 5.67 28.63 -6.46
C ILE E 153 4.25 28.15 -6.73
N ILE E 154 3.63 27.51 -5.75
CA ILE E 154 2.28 26.99 -5.96
C ILE E 154 1.29 28.13 -6.22
N VAL E 155 1.34 29.18 -5.41
CA VAL E 155 0.45 30.32 -5.60
C VAL E 155 0.62 30.89 -7.01
N TYR E 156 1.87 31.18 -7.39
CA TYR E 156 2.16 31.62 -8.75
C TYR E 156 1.47 30.74 -9.79
N ILE E 157 1.85 29.47 -9.82
CA ILE E 157 1.32 28.56 -10.84
C ILE E 157 -0.20 28.46 -10.76
N SER E 158 -0.74 28.26 -9.56
CA SER E 158 -2.18 28.08 -9.40
C SER E 158 -2.95 29.29 -9.91
N ALA E 159 -2.56 30.49 -9.47
CA ALA E 159 -3.26 31.69 -9.92
C ALA E 159 -3.04 31.95 -11.40
N ASN E 160 -1.81 31.74 -11.88
CA ASN E 160 -1.52 31.95 -13.30
C ASN E 160 -2.38 31.07 -14.20
N ALA E 161 -2.77 29.89 -13.71
CA ALA E 161 -3.64 29.01 -14.48
C ALA E 161 -4.97 29.67 -14.78
N GLY E 162 -5.76 29.95 -13.74
CA GLY E 162 -7.10 30.49 -13.91
C GLY E 162 -7.15 32.00 -13.95
N SER E 173 -0.11 27.99 -24.70
CA SER E 173 1.14 27.31 -24.40
C SER E 173 2.13 28.26 -23.73
N TYR E 174 2.82 27.76 -22.72
CA TYR E 174 3.75 28.55 -21.92
C TYR E 174 5.04 27.77 -21.71
N SER E 175 6.02 28.45 -21.13
CA SER E 175 7.32 27.83 -20.86
C SER E 175 8.06 28.69 -19.85
N TYR E 176 8.30 28.14 -18.66
CA TYR E 176 8.96 28.89 -17.59
C TYR E 176 10.38 29.26 -18.00
N GLY E 177 10.84 30.41 -17.51
CA GLY E 177 12.15 30.93 -17.86
C GLY E 177 13.14 30.84 -16.72
N TRP E 178 14.27 31.53 -16.90
CA TRP E 178 15.35 31.40 -15.92
C TRP E 178 15.00 32.07 -14.60
N SER E 179 14.16 33.11 -14.62
CA SER E 179 13.82 33.79 -13.37
C SER E 179 13.06 32.85 -12.44
N PHE E 180 12.13 32.07 -13.00
CA PHE E 180 11.40 31.11 -12.18
C PHE E 180 12.33 30.03 -11.64
N TYR E 181 13.34 29.65 -12.42
CA TYR E 181 14.25 28.59 -11.99
C TYR E 181 15.22 29.08 -10.94
N PHE E 182 15.58 30.36 -10.94
CA PHE E 182 16.35 30.90 -9.82
C PHE E 182 15.57 30.80 -8.52
N GLY E 183 14.28 31.15 -8.56
CA GLY E 183 13.44 30.95 -7.40
C GLY E 183 13.42 29.51 -6.95
N ALA E 184 13.26 28.59 -7.91
CA ALA E 184 13.33 27.16 -7.58
C ALA E 184 14.72 26.77 -7.10
N LEU E 185 15.76 27.27 -7.77
CA LEU E 185 17.13 26.96 -7.36
C LEU E 185 17.46 27.57 -6.00
N SER E 186 16.91 28.75 -5.70
CA SER E 186 17.13 29.37 -4.41
C SER E 186 16.71 28.43 -3.28
N PHE E 187 15.49 27.89 -3.37
CA PHE E 187 15.00 26.90 -2.42
C PHE E 187 16.04 25.82 -2.10
N ILE E 188 16.54 25.15 -3.14
CA ILE E 188 17.49 24.06 -2.94
C ILE E 188 18.72 24.56 -2.18
N ILE E 189 19.31 25.66 -2.65
CA ILE E 189 20.48 26.23 -1.99
C ILE E 189 20.15 26.59 -0.54
N ALA E 190 18.98 27.21 -0.32
CA ALA E 190 18.59 27.60 1.04
C ALA E 190 18.41 26.38 1.93
N GLU E 191 17.69 25.38 1.45
CA GLU E 191 17.48 24.16 2.23
C GLU E 191 18.81 23.51 2.60
N MET E 192 19.77 23.51 1.68
CA MET E 192 21.08 22.94 1.98
C MET E 192 21.81 23.75 3.05
N VAL E 193 21.74 25.07 2.96
CA VAL E 193 22.27 25.91 4.03
C VAL E 193 21.51 25.65 5.33
N GLY E 194 20.20 25.40 5.24
CA GLY E 194 19.42 25.14 6.44
C GLY E 194 19.91 23.93 7.22
N VAL E 195 20.09 22.80 6.54
CA VAL E 195 20.61 21.61 7.21
C VAL E 195 22.03 21.85 7.72
N LEU E 196 22.84 22.56 6.93
CA LEU E 196 24.22 22.81 7.32
C LEU E 196 24.26 23.63 8.60
N ALA E 197 23.39 24.63 8.73
CA ALA E 197 23.37 25.46 9.93
C ALA E 197 22.93 24.65 11.14
N VAL E 198 21.92 23.78 10.97
CA VAL E 198 21.52 22.89 12.06
C VAL E 198 22.68 22.00 12.48
N HIS E 199 23.41 21.46 11.50
CA HIS E 199 24.58 20.64 11.83
C HIS E 199 25.59 21.42 12.65
N MET E 200 25.83 22.68 12.28
CA MET E 200 26.77 23.50 13.04
C MET E 200 26.27 23.71 14.46
N PHE E 201 24.98 23.99 14.62
CA PHE E 201 24.39 24.15 15.96
C PHE E 201 24.65 22.90 16.81
N ILE E 202 24.36 21.72 16.25
CA ILE E 202 24.57 20.48 16.99
C ILE E 202 26.04 20.30 17.33
N ASP E 203 26.93 20.66 16.41
CA ASP E 203 28.35 20.46 16.63
C ASP E 203 28.85 21.30 17.79
N ARG E 204 28.42 22.56 17.88
CA ARG E 204 28.77 23.39 19.04
C ARG E 204 28.35 22.72 20.33
N HIS E 205 27.10 22.27 20.41
CA HIS E 205 26.61 21.67 21.65
C HIS E 205 27.27 20.34 21.95
N LYS E 206 27.71 19.62 20.92
CA LYS E 206 28.42 18.37 21.18
C LYS E 206 29.78 18.63 21.82
N GLN E 207 30.45 19.70 21.41
CA GLN E 207 31.70 20.08 22.05
C GLN E 207 31.48 20.40 23.53
N LEU E 208 30.36 21.05 23.85
CA LEU E 208 30.09 21.40 25.24
C LEU E 208 29.74 20.19 26.07
N ARG E 209 29.13 19.17 25.46
CA ARG E 209 28.78 17.96 26.19
C ARG E 209 29.96 17.00 26.33
N ALA E 210 31.08 17.29 25.68
CA ALA E 210 32.29 16.50 25.84
C ALA E 210 33.31 17.16 26.77
N THR E 211 33.26 18.48 26.91
CA THR E 211 34.13 19.23 27.81
C THR E 211 33.41 19.64 29.09
N ALA E 212 32.53 18.78 29.59
CA ALA E 212 31.82 19.04 30.83
C ALA E 212 31.22 17.75 31.39
N GLY F 7 38.10 -25.54 -7.00
CA GLY F 7 36.99 -26.11 -6.25
C GLY F 7 35.76 -26.35 -7.10
N VAL F 8 34.68 -26.80 -6.45
CA VAL F 8 33.43 -27.03 -7.18
C VAL F 8 32.88 -25.71 -7.71
N GLN F 9 32.98 -24.64 -6.92
CA GLN F 9 32.45 -23.35 -7.35
C GLN F 9 33.14 -22.84 -8.59
N MET F 10 34.46 -22.99 -8.66
CA MET F 10 35.21 -22.50 -9.82
C MET F 10 34.75 -23.19 -11.09
N LEU F 11 34.52 -24.49 -11.03
CA LEU F 11 34.12 -25.24 -12.22
C LEU F 11 32.79 -24.72 -12.76
N LEU F 12 31.81 -24.51 -11.88
CA LEU F 12 30.53 -23.96 -12.31
C LEU F 12 30.71 -22.57 -12.91
N THR F 13 31.47 -21.71 -12.24
CA THR F 13 31.72 -20.36 -12.73
C THR F 13 32.32 -20.39 -14.14
N ILE F 14 33.07 -21.43 -14.46
CA ILE F 14 33.69 -21.52 -15.78
C ILE F 14 32.70 -22.06 -16.80
N VAL F 15 32.07 -23.19 -16.49
CA VAL F 15 31.06 -23.76 -17.38
C VAL F 15 29.92 -22.77 -17.59
N GLY F 16 29.43 -22.17 -16.50
CA GLY F 16 28.39 -21.17 -16.63
C GLY F 16 28.78 -20.01 -17.54
N ALA F 17 30.01 -19.50 -17.37
CA ALA F 17 30.48 -18.39 -18.20
C ALA F 17 30.46 -18.77 -19.67
N PHE F 18 30.98 -19.95 -20.00
CA PHE F 18 30.96 -20.41 -21.38
C PHE F 18 29.54 -20.49 -21.91
N ALA F 19 28.65 -21.14 -21.16
CA ALA F 19 27.24 -21.24 -21.56
C ALA F 19 26.66 -19.87 -21.85
N ALA F 20 26.82 -18.93 -20.92
CA ALA F 20 26.31 -17.57 -21.11
C ALA F 20 26.86 -16.96 -22.39
N PHE F 21 28.19 -16.87 -22.49
CA PHE F 21 28.83 -16.31 -23.68
C PHE F 21 28.36 -17.00 -24.96
N SER F 22 28.41 -18.33 -24.98
CA SER F 22 28.01 -19.08 -26.18
C SER F 22 26.58 -18.78 -26.56
N LEU F 23 25.64 -18.97 -25.62
CA LEU F 23 24.23 -18.70 -25.87
C LEU F 23 24.03 -17.32 -26.47
N MET F 24 24.58 -16.29 -25.84
CA MET F 24 24.35 -14.92 -26.28
C MET F 24 24.95 -14.67 -27.66
N THR F 25 26.13 -15.23 -27.92
CA THR F 25 26.75 -15.09 -29.24
C THR F 25 25.87 -15.73 -30.32
N ILE F 26 25.37 -16.94 -30.05
CA ILE F 26 24.44 -17.59 -30.96
C ILE F 26 23.23 -16.69 -31.21
N ALA F 27 22.68 -16.11 -30.15
CA ALA F 27 21.51 -15.26 -30.28
C ALA F 27 21.77 -14.09 -31.23
N VAL F 28 22.81 -13.31 -30.96
CA VAL F 28 23.13 -12.15 -31.78
C VAL F 28 23.35 -12.55 -33.24
N GLY F 29 23.84 -13.77 -33.47
CA GLY F 29 24.21 -14.17 -34.81
C GLY F 29 23.13 -14.89 -35.60
N THR F 30 22.11 -15.41 -34.92
CA THR F 30 21.09 -16.21 -35.59
C THR F 30 20.06 -15.31 -36.25
N ASP F 31 18.95 -15.90 -36.71
CA ASP F 31 17.97 -15.19 -37.50
C ASP F 31 16.53 -15.44 -37.04
N TYR F 32 16.33 -16.08 -35.89
CA TYR F 32 14.99 -16.52 -35.48
C TYR F 32 14.56 -15.84 -34.20
N TRP F 33 14.67 -14.51 -34.15
CA TRP F 33 14.27 -13.77 -32.97
C TRP F 33 12.76 -13.64 -32.86
N LEU F 34 12.10 -13.14 -33.91
CA LEU F 34 10.66 -12.90 -33.87
C LEU F 34 10.02 -13.37 -35.17
N TYR F 35 9.13 -14.36 -35.07
CA TYR F 35 8.36 -14.84 -36.21
C TYR F 35 7.24 -13.85 -36.50
N SER F 36 7.37 -13.11 -37.59
CA SER F 36 6.38 -12.11 -37.97
C SER F 36 5.73 -12.51 -39.29
N ARG F 37 4.96 -11.58 -39.86
CA ARG F 37 4.36 -11.75 -41.19
C ARG F 37 4.60 -10.45 -41.95
N GLY F 38 5.52 -10.48 -42.90
CA GLY F 38 5.90 -9.30 -43.63
C GLY F 38 6.47 -9.66 -44.98
N VAL F 39 7.31 -8.77 -45.51
CA VAL F 39 7.87 -8.94 -46.85
C VAL F 39 9.30 -9.45 -46.70
N CYS F 40 9.72 -10.24 -47.69
CA CYS F 40 11.05 -10.84 -47.71
C CYS F 40 11.82 -10.49 -48.97
N LYS F 41 11.37 -9.49 -49.72
CA LYS F 41 12.01 -9.04 -50.95
C LYS F 41 11.80 -7.53 -51.12
N GLU F 56 3.36 -11.11 -49.16
CA GLU F 56 3.49 -11.00 -47.71
C GLU F 56 3.16 -12.33 -47.04
N VAL F 57 4.16 -12.93 -46.40
CA VAL F 57 4.04 -14.22 -45.73
C VAL F 57 4.88 -14.17 -44.46
N MET F 58 4.79 -15.26 -43.68
CA MET F 58 5.60 -15.38 -42.47
C MET F 58 7.07 -15.16 -42.78
N THR F 59 7.77 -14.50 -41.85
CA THR F 59 9.18 -14.16 -42.03
C THR F 59 9.85 -14.15 -40.67
N HIS F 60 10.65 -15.18 -40.39
CA HIS F 60 11.41 -15.23 -39.15
C HIS F 60 12.54 -14.20 -39.14
N SER F 61 12.26 -13.01 -38.64
CA SER F 61 13.26 -11.95 -38.61
C SER F 61 14.28 -12.20 -37.49
N GLY F 62 15.36 -11.44 -37.54
CA GLY F 62 16.41 -11.52 -36.54
C GLY F 62 16.90 -10.15 -36.13
N LEU F 63 18.18 -10.05 -35.74
CA LEU F 63 18.75 -8.76 -35.38
C LEU F 63 19.41 -8.05 -36.55
N TRP F 64 19.71 -8.78 -37.63
CA TRP F 64 20.38 -8.22 -38.78
C TRP F 64 19.74 -8.60 -40.10
N ARG F 65 18.95 -9.66 -40.15
CA ARG F 65 18.36 -10.14 -41.39
C ARG F 65 16.93 -10.58 -41.13
N THR F 66 16.09 -10.42 -42.15
CA THR F 66 14.69 -10.87 -42.11
C THR F 66 14.54 -11.91 -43.21
N CYS F 67 14.65 -13.19 -42.84
CA CYS F 67 14.76 -14.25 -43.81
C CYS F 67 13.38 -14.85 -44.07
N CYS F 68 13.05 -15.02 -45.35
CA CYS F 68 11.71 -15.41 -45.76
C CYS F 68 11.39 -16.81 -45.24
N LEU F 69 10.10 -17.05 -44.97
CA LEU F 69 9.62 -18.32 -44.43
C LEU F 69 8.53 -18.86 -45.34
N GLU F 70 8.84 -19.92 -46.08
CA GLU F 70 7.92 -20.56 -47.01
C GLU F 70 7.54 -19.62 -48.15
N GLY F 71 6.71 -20.11 -49.07
CA GLY F 71 6.32 -19.33 -50.23
C GLY F 71 7.01 -19.79 -51.50
N ASN F 72 6.94 -18.92 -52.51
CA ASN F 72 7.54 -19.22 -53.81
C ASN F 72 9.01 -19.57 -53.68
N PHE F 73 9.71 -18.96 -52.72
CA PHE F 73 11.15 -19.15 -52.57
C PHE F 73 11.53 -19.89 -51.30
N LYS F 74 10.87 -19.57 -50.19
CA LYS F 74 11.02 -20.18 -48.88
C LYS F 74 12.30 -19.69 -48.20
N GLY F 75 13.38 -19.51 -48.96
CA GLY F 75 14.61 -19.05 -48.36
C GLY F 75 15.16 -17.81 -49.02
N LEU F 76 15.06 -16.65 -48.36
CA LEU F 76 15.70 -15.44 -48.88
C LEU F 76 15.99 -14.52 -47.68
N CYS F 77 17.18 -14.66 -47.12
CA CYS F 77 17.53 -13.85 -45.95
C CYS F 77 17.86 -12.43 -46.41
N LYS F 78 16.81 -11.62 -46.54
CA LYS F 78 16.95 -10.21 -46.89
C LYS F 78 17.58 -9.45 -45.71
N GLN F 79 17.94 -8.20 -45.96
CA GLN F 79 18.44 -7.33 -44.91
C GLN F 79 17.29 -6.51 -44.32
N ILE F 80 17.54 -5.90 -43.18
CA ILE F 80 16.52 -5.11 -42.50
C ILE F 80 16.69 -3.65 -42.89
N ASP F 81 15.56 -2.96 -43.03
CA ASP F 81 15.54 -1.52 -43.30
C ASP F 81 15.30 -0.74 -42.01
N HIS F 82 16.28 -0.85 -41.11
CA HIS F 82 16.18 -0.22 -39.79
C HIS F 82 15.89 1.28 -39.88
N PHE F 83 16.43 1.95 -40.90
CA PHE F 83 16.20 3.37 -41.13
C PHE F 83 15.34 3.54 -42.39
N PRO F 84 14.00 3.51 -42.26
CA PRO F 84 13.05 3.63 -43.37
C PRO F 84 13.35 4.81 -44.31
N THR F 93 14.63 14.42 -30.42
CA THR F 93 15.07 13.23 -31.15
C THR F 93 14.89 11.97 -30.31
N ALA F 94 13.65 11.46 -30.27
CA ALA F 94 13.33 10.28 -29.51
C ALA F 94 13.10 9.05 -30.37
N GLU F 95 13.00 9.20 -31.69
CA GLU F 95 12.88 8.07 -32.60
C GLU F 95 14.15 7.84 -33.42
N TYR F 96 15.10 8.76 -33.40
CA TYR F 96 16.39 8.53 -34.04
C TYR F 96 17.37 7.84 -33.11
N PHE F 97 17.36 8.21 -31.83
CA PHE F 97 18.20 7.54 -30.85
C PHE F 97 17.78 6.08 -30.67
N LEU F 98 16.48 5.85 -30.51
CA LEU F 98 15.98 4.48 -30.38
C LEU F 98 16.35 3.65 -31.60
N ARG F 99 16.08 4.17 -32.80
CA ARG F 99 16.43 3.46 -34.02
C ARG F 99 17.92 3.15 -34.07
N ALA F 100 18.76 4.19 -33.88
CA ALA F 100 20.21 4.03 -33.90
C ALA F 100 20.64 2.84 -33.04
N VAL F 101 20.20 2.83 -31.78
CA VAL F 101 20.53 1.73 -30.87
C VAL F 101 20.06 0.40 -31.47
N ARG F 102 18.75 0.27 -31.69
CA ARG F 102 18.18 -0.94 -32.26
C ARG F 102 18.97 -1.40 -33.48
N ALA F 103 19.20 -0.48 -34.43
CA ALA F 103 19.92 -0.83 -35.65
C ALA F 103 21.33 -1.31 -35.34
N SER F 104 22.14 -0.44 -34.73
CA SER F 104 23.50 -0.81 -34.37
C SER F 104 23.54 -2.01 -33.45
N SER F 105 22.47 -2.25 -32.68
CA SER F 105 22.40 -3.38 -31.75
C SER F 105 23.54 -3.34 -30.73
N ILE F 106 23.97 -2.11 -30.39
CA ILE F 106 25.09 -1.94 -29.47
C ILE F 106 24.90 -2.78 -28.20
N PHE F 107 23.74 -2.67 -27.57
CA PHE F 107 23.55 -3.33 -26.27
C PHE F 107 23.66 -4.85 -26.35
N PRO F 108 22.96 -5.56 -27.24
CA PRO F 108 23.20 -7.00 -27.37
C PRO F 108 24.66 -7.33 -27.61
N ILE F 109 25.32 -6.58 -28.50
CA ILE F 109 26.74 -6.82 -28.77
C ILE F 109 27.59 -6.49 -27.55
N LEU F 110 27.19 -5.45 -26.81
CA LEU F 110 27.96 -5.04 -25.64
C LEU F 110 27.93 -6.12 -24.56
N SER F 111 26.80 -6.80 -24.39
CA SER F 111 26.72 -7.90 -23.45
C SER F 111 27.74 -8.99 -23.81
N VAL F 112 27.83 -9.33 -25.10
CA VAL F 112 28.77 -10.37 -25.53
C VAL F 112 30.19 -9.97 -25.16
N ILE F 113 30.56 -8.71 -25.42
CA ILE F 113 31.90 -8.24 -25.07
C ILE F 113 32.14 -8.39 -23.58
N LEU F 114 31.17 -7.97 -22.76
CA LEU F 114 31.36 -8.03 -21.31
C LEU F 114 31.43 -9.46 -20.82
N LEU F 115 30.64 -10.36 -21.40
CA LEU F 115 30.74 -11.77 -21.05
C LEU F 115 32.11 -12.32 -21.41
N PHE F 116 32.63 -11.93 -22.59
CA PHE F 116 33.97 -12.35 -22.98
C PHE F 116 35.01 -11.82 -22.02
N MET F 117 34.89 -10.55 -21.62
CA MET F 117 35.86 -9.97 -20.69
C MET F 117 35.78 -10.63 -19.32
N GLY F 118 34.58 -11.04 -18.90
CA GLY F 118 34.46 -11.77 -17.66
C GLY F 118 35.15 -13.12 -17.72
N GLY F 119 35.11 -13.77 -18.87
CA GLY F 119 35.77 -15.06 -19.01
C GLY F 119 37.28 -14.94 -18.91
N LEU F 120 37.86 -13.94 -19.57
CA LEU F 120 39.29 -13.67 -19.43
C LEU F 120 39.69 -13.53 -17.97
N CYS F 121 38.90 -12.78 -17.19
CA CYS F 121 39.23 -12.55 -15.79
C CYS F 121 39.30 -13.85 -15.02
N ILE F 122 38.28 -14.71 -15.17
CA ILE F 122 38.32 -16.04 -14.56
C ILE F 122 39.61 -16.76 -14.95
N ALA F 123 39.92 -16.76 -16.25
CA ALA F 123 41.15 -17.41 -16.70
C ALA F 123 42.38 -16.73 -16.13
N ALA F 124 42.37 -15.40 -16.05
CA ALA F 124 43.47 -14.69 -15.41
C ALA F 124 43.50 -14.94 -13.91
N SER F 125 42.36 -15.26 -13.31
CA SER F 125 42.32 -15.52 -11.87
C SER F 125 43.11 -16.76 -11.49
N GLU F 126 43.33 -17.68 -12.44
CA GLU F 126 44.11 -18.89 -12.14
C GLU F 126 45.60 -18.57 -12.08
N PHE F 127 46.14 -18.04 -13.17
CA PHE F 127 47.55 -17.62 -13.19
C PHE F 127 47.90 -16.75 -12.00
N TYR F 128 47.24 -15.59 -11.88
CA TYR F 128 47.55 -14.62 -10.83
C TYR F 128 46.66 -14.84 -9.61
N LYS F 129 46.93 -15.94 -8.91
CA LYS F 129 46.14 -16.29 -7.73
C LYS F 129 46.17 -15.16 -6.70
N THR F 130 47.38 -14.76 -6.28
CA THR F 130 47.58 -13.72 -5.28
C THR F 130 46.61 -12.56 -5.42
N ARG F 131 46.53 -11.96 -6.61
CA ARG F 131 45.64 -10.83 -6.84
C ARG F 131 44.19 -11.25 -6.79
N HIS F 132 43.57 -11.15 -5.62
CA HIS F 132 42.17 -11.52 -5.44
C HIS F 132 41.21 -10.51 -6.06
N ASN F 133 41.70 -9.35 -6.47
CA ASN F 133 40.84 -8.30 -7.01
C ASN F 133 40.43 -8.58 -8.46
N ILE F 134 40.97 -9.62 -9.08
CA ILE F 134 40.56 -9.97 -10.43
C ILE F 134 39.23 -10.71 -10.43
N ILE F 135 38.97 -11.51 -9.38
CA ILE F 135 37.71 -12.25 -9.31
C ILE F 135 36.53 -11.29 -9.26
N LEU F 136 36.65 -10.21 -8.48
CA LEU F 136 35.56 -9.25 -8.40
C LEU F 136 35.27 -8.61 -9.75
N SER F 137 36.33 -8.29 -10.50
CA SER F 137 36.15 -7.72 -11.84
C SER F 137 35.27 -8.62 -12.69
N ALA F 138 35.51 -9.94 -12.64
CA ALA F 138 34.65 -10.86 -13.38
C ALA F 138 33.21 -10.75 -12.93
N GLY F 139 32.98 -10.63 -11.62
CA GLY F 139 31.62 -10.50 -11.12
C GLY F 139 30.92 -9.27 -11.67
N ILE F 140 31.59 -8.12 -11.63
CA ILE F 140 31.01 -6.89 -12.14
C ILE F 140 30.74 -7.01 -13.64
N PHE F 141 31.69 -7.58 -14.38
CA PHE F 141 31.50 -7.77 -15.82
C PHE F 141 30.26 -8.60 -16.10
N PHE F 142 30.13 -9.75 -15.43
CA PHE F 142 28.97 -10.60 -15.65
C PHE F 142 27.67 -9.91 -15.25
N VAL F 143 27.68 -9.24 -14.10
CA VAL F 143 26.47 -8.54 -13.64
C VAL F 143 26.12 -7.42 -14.62
N SER F 144 27.12 -6.65 -15.05
CA SER F 144 26.86 -5.57 -15.99
C SER F 144 26.46 -6.12 -17.36
N ALA F 145 26.99 -7.29 -17.73
CA ALA F 145 26.56 -7.93 -18.98
C ALA F 145 25.07 -8.22 -18.96
N GLY F 146 24.57 -8.73 -17.83
CA GLY F 146 23.14 -8.96 -17.72
C GLY F 146 22.32 -7.69 -17.89
N LEU F 147 22.80 -6.58 -17.32
CA LEU F 147 22.06 -5.33 -17.41
C LEU F 147 22.05 -4.80 -18.84
N SER F 148 23.14 -4.98 -19.57
CA SER F 148 23.16 -4.60 -20.98
C SER F 148 22.15 -5.44 -21.77
N ASN F 149 22.08 -6.74 -21.47
CA ASN F 149 21.14 -7.60 -22.16
C ASN F 149 19.70 -7.20 -21.87
N ILE F 150 19.42 -6.71 -20.65
CA ILE F 150 18.07 -6.25 -20.33
C ILE F 150 17.68 -5.09 -21.23
N ILE F 151 18.59 -4.11 -21.38
CA ILE F 151 18.31 -2.98 -22.27
C ILE F 151 18.12 -3.48 -23.70
N GLY F 152 18.90 -4.48 -24.09
CA GLY F 152 18.77 -5.09 -25.40
C GLY F 152 17.35 -5.56 -25.65
N ILE F 153 16.83 -6.40 -24.75
CA ILE F 153 15.48 -6.93 -24.90
C ILE F 153 14.47 -5.80 -25.02
N ILE F 154 14.53 -4.83 -24.10
CA ILE F 154 13.57 -3.72 -24.12
C ILE F 154 13.69 -2.92 -25.40
N VAL F 155 14.91 -2.53 -25.76
CA VAL F 155 15.12 -1.78 -27.00
C VAL F 155 14.58 -2.56 -28.19
N TYR F 156 14.93 -3.84 -28.28
CA TYR F 156 14.43 -4.67 -29.37
C TYR F 156 12.91 -4.66 -29.43
N ILE F 157 12.26 -5.02 -28.31
CA ILE F 157 10.81 -5.12 -28.30
C ILE F 157 10.17 -3.76 -28.58
N SER F 158 10.67 -2.71 -27.94
CA SER F 158 10.08 -1.38 -28.10
C SER F 158 10.11 -0.92 -29.55
N ALA F 159 11.28 -1.00 -30.19
CA ALA F 159 11.39 -0.53 -31.56
C ALA F 159 10.66 -1.46 -32.53
N ASN F 160 10.75 -2.78 -32.32
CA ASN F 160 10.10 -3.72 -33.20
C ASN F 160 8.58 -3.62 -33.11
N ALA F 161 8.05 -3.05 -32.03
CA ALA F 161 6.62 -2.81 -31.89
C ALA F 161 6.16 -1.56 -32.63
N GLY F 162 6.94 -1.06 -33.58
CA GLY F 162 6.60 0.17 -34.28
C GLY F 162 5.32 0.08 -35.09
N ASN F 172 -1.27 -8.57 -37.29
CA ASN F 172 0.05 -9.15 -37.16
C ASN F 172 0.19 -9.91 -35.84
N SER F 173 0.26 -11.24 -35.94
CA SER F 173 0.47 -12.11 -34.79
C SER F 173 1.92 -12.56 -34.80
N TYR F 174 2.70 -12.07 -33.84
CA TYR F 174 4.14 -12.32 -33.78
C TYR F 174 4.46 -13.16 -32.56
N SER F 175 5.45 -14.04 -32.70
CA SER F 175 5.87 -14.94 -31.63
C SER F 175 7.39 -15.01 -31.61
N TYR F 176 7.94 -15.09 -30.41
CA TYR F 176 9.40 -15.03 -30.23
C TYR F 176 10.00 -16.42 -30.41
N GLY F 177 11.06 -16.50 -31.21
CA GLY F 177 11.68 -17.78 -31.54
C GLY F 177 12.75 -18.17 -30.54
N TRP F 178 13.41 -19.29 -30.85
CA TRP F 178 14.45 -19.81 -29.96
C TRP F 178 15.56 -18.80 -29.75
N SER F 179 15.93 -18.05 -30.79
CA SER F 179 17.04 -17.11 -30.67
C SER F 179 16.76 -16.09 -29.58
N PHE F 180 15.55 -15.55 -29.53
CA PHE F 180 15.22 -14.56 -28.52
C PHE F 180 15.35 -15.15 -27.12
N TYR F 181 14.89 -16.39 -26.94
CA TYR F 181 14.95 -17.02 -25.64
C TYR F 181 16.38 -17.40 -25.25
N PHE F 182 17.24 -17.69 -26.23
CA PHE F 182 18.65 -17.88 -25.91
C PHE F 182 19.24 -16.60 -25.32
N GLY F 183 18.96 -15.46 -25.94
CA GLY F 183 19.39 -14.19 -25.36
C GLY F 183 18.88 -14.01 -23.94
N ALA F 184 17.59 -14.28 -23.73
CA ALA F 184 17.02 -14.15 -22.40
C ALA F 184 17.60 -15.17 -21.43
N LEU F 185 17.82 -16.41 -21.89
CA LEU F 185 18.41 -17.42 -21.03
C LEU F 185 19.85 -17.08 -20.69
N SER F 186 20.58 -16.50 -21.63
CA SER F 186 21.96 -16.08 -21.37
C SER F 186 22.00 -15.08 -20.22
N PHE F 187 21.11 -14.09 -20.23
CA PHE F 187 21.00 -13.15 -19.13
C PHE F 187 20.90 -13.87 -17.79
N ILE F 188 19.97 -14.82 -17.67
CA ILE F 188 19.80 -15.54 -16.42
C ILE F 188 21.09 -16.25 -16.03
N ILE F 189 21.67 -16.99 -16.98
CA ILE F 189 22.91 -17.72 -16.70
C ILE F 189 24.02 -16.75 -16.27
N ALA F 190 24.07 -15.58 -16.90
CA ALA F 190 25.12 -14.62 -16.57
C ALA F 190 24.92 -14.04 -15.18
N GLU F 191 23.69 -13.68 -14.83
CA GLU F 191 23.41 -13.20 -13.47
C GLU F 191 23.77 -14.26 -12.44
N MET F 192 23.51 -15.53 -12.74
CA MET F 192 23.88 -16.61 -11.82
C MET F 192 25.39 -16.72 -11.70
N VAL F 193 26.11 -16.53 -12.80
CA VAL F 193 27.57 -16.57 -12.73
C VAL F 193 28.11 -15.28 -12.13
N GLY F 194 27.30 -14.23 -12.05
CA GLY F 194 27.76 -13.00 -11.41
C GLY F 194 27.62 -12.99 -9.91
N VAL F 195 26.65 -13.73 -9.36
CA VAL F 195 26.57 -13.89 -7.92
C VAL F 195 27.62 -14.88 -7.43
N LEU F 196 27.81 -15.97 -8.17
CA LEU F 196 28.80 -16.97 -7.77
C LEU F 196 30.20 -16.37 -7.71
N ALA F 197 30.53 -15.53 -8.68
CA ALA F 197 31.84 -14.87 -8.67
C ALA F 197 32.00 -14.00 -7.43
N VAL F 198 30.96 -13.26 -7.07
CA VAL F 198 31.03 -12.39 -5.90
C VAL F 198 31.23 -13.22 -4.63
N HIS F 199 30.55 -14.37 -4.52
CA HIS F 199 30.77 -15.25 -3.39
C HIS F 199 32.22 -15.73 -3.35
N MET F 200 32.77 -16.09 -4.51
CA MET F 200 34.16 -16.54 -4.55
C MET F 200 35.10 -15.44 -4.08
N PHE F 201 34.85 -14.19 -4.51
CA PHE F 201 35.64 -13.07 -4.02
C PHE F 201 35.48 -12.91 -2.51
N ILE F 202 34.25 -13.00 -2.01
CA ILE F 202 34.01 -12.89 -0.58
C ILE F 202 34.78 -13.98 0.16
N ASP F 203 34.72 -15.22 -0.33
CA ASP F 203 35.41 -16.32 0.35
C ASP F 203 36.91 -16.08 0.41
N ARG F 204 37.50 -15.57 -0.67
CA ARG F 204 38.92 -15.22 -0.66
C ARG F 204 39.25 -14.33 0.53
N HIS F 205 38.47 -13.24 0.70
CA HIS F 205 38.76 -12.30 1.77
C HIS F 205 38.49 -12.88 3.15
N LYS F 206 37.52 -13.79 3.27
CA LYS F 206 37.29 -14.45 4.55
C LYS F 206 38.51 -15.23 4.99
N GLN F 207 39.14 -15.96 4.06
CA GLN F 207 40.36 -16.69 4.39
C GLN F 207 41.48 -15.73 4.78
N LEU F 208 41.56 -14.58 4.11
CA LEU F 208 42.56 -13.58 4.48
C LEU F 208 42.32 -13.04 5.88
N ARG F 209 41.06 -12.81 6.24
CA ARG F 209 40.74 -12.25 7.55
C ARG F 209 40.79 -13.30 8.64
N ALA F 210 40.66 -14.58 8.30
CA ALA F 210 40.79 -15.63 9.30
C ALA F 210 42.25 -15.88 9.65
N THR F 211 43.05 -16.30 8.67
CA THR F 211 44.45 -16.61 8.91
C THR F 211 45.19 -15.43 9.52
N ALA F 212 44.76 -14.21 9.23
CA ALA F 212 45.43 -13.02 9.73
C ALA F 212 44.44 -12.04 10.35
N GLY G 7 -4.16 -36.46 25.73
CA GLY G 7 -5.32 -36.68 26.57
C GLY G 7 -6.62 -36.24 25.94
N VAL G 8 -7.15 -35.11 26.42
CA VAL G 8 -8.37 -34.56 25.83
C VAL G 8 -8.08 -33.91 24.49
N GLN G 9 -6.85 -33.48 24.24
CA GLN G 9 -6.50 -32.93 22.93
C GLN G 9 -6.67 -33.98 21.84
N MET G 10 -6.22 -35.21 22.10
CA MET G 10 -6.41 -36.29 21.13
C MET G 10 -7.89 -36.57 20.91
N LEU G 11 -8.70 -36.46 21.96
CA LEU G 11 -10.14 -36.70 21.84
C LEU G 11 -10.76 -35.78 20.80
N LEU G 12 -10.48 -34.48 20.90
CA LEU G 12 -11.01 -33.53 19.92
C LEU G 12 -10.62 -33.91 18.50
N THR G 13 -9.33 -34.19 18.29
CA THR G 13 -8.84 -34.56 16.96
C THR G 13 -9.66 -35.71 16.38
N ILE G 14 -9.80 -36.80 17.14
CA ILE G 14 -10.55 -37.97 16.65
C ILE G 14 -11.96 -37.56 16.26
N VAL G 15 -12.69 -36.95 17.19
CA VAL G 15 -14.05 -36.52 16.92
C VAL G 15 -14.09 -35.57 15.73
N GLY G 16 -13.19 -34.58 15.73
CA GLY G 16 -13.16 -33.63 14.63
C GLY G 16 -12.80 -34.25 13.30
N ALA G 17 -11.86 -35.20 13.30
CA ALA G 17 -11.52 -35.90 12.08
C ALA G 17 -12.71 -36.70 11.54
N PHE G 18 -13.42 -37.39 12.43
CA PHE G 18 -14.60 -38.13 12.00
C PHE G 18 -15.66 -37.19 11.43
N ALA G 19 -15.87 -36.05 12.08
CA ALA G 19 -16.87 -35.09 11.60
C ALA G 19 -16.51 -34.59 10.21
N ALA G 20 -15.26 -34.16 10.03
CA ALA G 20 -14.81 -33.72 8.71
C ALA G 20 -15.05 -34.78 7.65
N PHE G 21 -14.58 -36.00 7.90
CA PHE G 21 -14.80 -37.10 6.96
C PHE G 21 -16.27 -37.30 6.67
N SER G 22 -17.10 -37.40 7.71
CA SER G 22 -18.52 -37.66 7.52
C SER G 22 -19.18 -36.56 6.70
N LEU G 23 -18.90 -35.29 7.03
CA LEU G 23 -19.48 -34.18 6.29
C LEU G 23 -19.16 -34.28 4.80
N MET G 24 -17.88 -34.43 4.46
CA MET G 24 -17.49 -34.43 3.05
C MET G 24 -18.14 -35.58 2.29
N THR G 25 -18.21 -36.77 2.90
CA THR G 25 -18.78 -37.92 2.21
C THR G 25 -20.24 -37.68 1.86
N ILE G 26 -21.02 -37.19 2.83
CA ILE G 26 -22.41 -36.80 2.56
C ILE G 26 -22.48 -35.85 1.37
N ALA G 27 -21.67 -34.79 1.41
CA ALA G 27 -21.64 -33.81 0.33
C ALA G 27 -21.53 -34.48 -1.04
N VAL G 28 -20.45 -35.22 -1.26
CA VAL G 28 -20.21 -35.86 -2.56
C VAL G 28 -21.39 -36.73 -2.96
N GLY G 29 -21.87 -37.56 -2.03
CA GLY G 29 -22.89 -38.54 -2.38
C GLY G 29 -24.27 -37.94 -2.62
N THR G 30 -24.57 -36.80 -1.99
CA THR G 30 -25.90 -36.20 -2.09
C THR G 30 -26.07 -35.52 -3.45
N ASP G 31 -27.17 -34.78 -3.59
CA ASP G 31 -27.53 -34.14 -4.86
C ASP G 31 -28.09 -32.73 -4.66
N TYR G 32 -27.76 -32.08 -3.54
CA TYR G 32 -28.35 -30.79 -3.21
C TYR G 32 -27.30 -29.70 -3.16
N TRP G 33 -26.52 -29.58 -4.24
CA TRP G 33 -25.41 -28.65 -4.29
C TRP G 33 -25.79 -27.29 -4.88
N LEU G 34 -26.60 -27.28 -5.94
CA LEU G 34 -26.91 -26.06 -6.68
C LEU G 34 -28.38 -26.02 -7.01
N TYR G 35 -29.13 -25.16 -6.31
CA TYR G 35 -30.55 -25.00 -6.59
C TYR G 35 -30.70 -24.11 -7.82
N SER G 36 -30.73 -24.75 -8.98
CA SER G 36 -30.85 -24.10 -10.27
C SER G 36 -32.26 -24.26 -10.81
N ARG G 37 -32.46 -23.99 -12.11
CA ARG G 37 -33.76 -24.13 -12.77
C ARG G 37 -33.53 -24.78 -14.14
N GLY G 38 -33.49 -26.11 -14.15
CA GLY G 38 -33.24 -26.84 -15.38
C GLY G 38 -34.13 -28.05 -15.58
N VAL G 39 -33.81 -28.88 -16.56
CA VAL G 39 -34.61 -30.04 -16.89
C VAL G 39 -34.05 -31.27 -16.17
N CYS G 40 -34.89 -32.31 -16.05
CA CYS G 40 -34.47 -33.58 -15.48
C CYS G 40 -34.90 -34.76 -16.35
N LYS G 41 -35.27 -34.51 -17.60
CA LYS G 41 -35.70 -35.56 -18.53
C LYS G 41 -34.96 -35.37 -19.84
N THR G 42 -34.16 -36.39 -20.20
CA THR G 42 -33.40 -36.42 -21.45
C THR G 42 -34.08 -35.75 -22.64
N SER G 51 -41.40 -34.33 -30.96
CA SER G 51 -41.82 -33.70 -29.72
C SER G 51 -41.52 -32.19 -29.75
N LYS G 52 -40.24 -31.86 -29.75
CA LYS G 52 -39.76 -30.47 -29.81
C LYS G 52 -40.48 -29.59 -28.79
N LYS G 53 -40.30 -29.94 -27.52
CA LYS G 53 -40.84 -29.16 -26.43
C LYS G 53 -39.90 -29.25 -25.23
N ASN G 54 -40.09 -28.33 -24.29
CA ASN G 54 -39.24 -28.26 -23.10
C ASN G 54 -39.93 -27.41 -22.05
N GLU G 55 -39.38 -27.46 -20.84
CA GLU G 55 -39.93 -26.71 -19.71
C GLU G 55 -38.94 -26.73 -18.55
N GLU G 56 -38.34 -25.59 -18.24
CA GLU G 56 -37.35 -25.50 -17.17
C GLU G 56 -38.06 -25.26 -15.85
N VAL G 57 -37.83 -26.16 -14.89
CA VAL G 57 -38.42 -26.06 -13.56
C VAL G 57 -37.27 -26.10 -12.55
N MET G 58 -37.53 -25.55 -11.36
CA MET G 58 -36.52 -25.49 -10.31
C MET G 58 -35.94 -26.87 -10.05
N THR G 59 -34.60 -26.95 -10.01
CA THR G 59 -33.90 -28.19 -9.78
C THR G 59 -32.82 -27.99 -8.74
N HIS G 60 -32.46 -29.08 -8.06
CA HIS G 60 -31.37 -29.07 -7.10
C HIS G 60 -30.27 -29.96 -7.66
N SER G 61 -29.28 -29.34 -8.28
CA SER G 61 -28.22 -30.10 -8.91
C SER G 61 -27.26 -30.66 -7.87
N GLY G 62 -26.41 -31.57 -8.31
CA GLY G 62 -25.41 -32.16 -7.45
C GLY G 62 -24.09 -32.28 -8.18
N LEU G 63 -23.23 -33.20 -7.73
CA LEU G 63 -22.01 -33.47 -8.47
C LEU G 63 -22.22 -34.47 -9.60
N TRP G 64 -23.26 -35.31 -9.50
CA TRP G 64 -23.51 -36.36 -10.48
C TRP G 64 -24.87 -36.25 -11.15
N ARG G 65 -25.94 -36.04 -10.39
CA ARG G 65 -27.29 -36.08 -10.93
C ARG G 65 -28.05 -34.79 -10.64
N THR G 66 -28.91 -34.42 -11.60
CA THR G 66 -29.78 -33.24 -11.48
C THR G 66 -31.18 -33.73 -11.19
N CYS G 67 -31.56 -33.72 -9.91
CA CYS G 67 -32.83 -34.25 -9.45
C CYS G 67 -33.85 -33.11 -9.34
N CYS G 68 -34.98 -33.24 -10.02
CA CYS G 68 -36.04 -32.23 -9.90
C CYS G 68 -36.70 -32.29 -8.53
N LEU G 69 -37.16 -31.13 -8.06
CA LEU G 69 -37.90 -31.04 -6.80
C LEU G 69 -39.25 -30.36 -6.98
N GLU G 70 -39.64 -30.03 -8.20
CA GLU G 70 -40.94 -29.43 -8.45
C GLU G 70 -41.45 -29.87 -9.82
N GLY G 71 -42.77 -29.90 -9.96
CA GLY G 71 -43.41 -30.26 -11.21
C GLY G 71 -43.80 -31.71 -11.27
N ASN G 72 -44.29 -32.12 -12.45
CA ASN G 72 -44.75 -33.47 -12.64
C ASN G 72 -43.61 -34.48 -12.63
N PHE G 73 -42.37 -34.01 -12.82
CA PHE G 73 -41.18 -34.86 -12.75
C PHE G 73 -40.51 -34.78 -11.38
N LYS G 74 -41.28 -34.51 -10.33
CA LYS G 74 -40.72 -34.35 -8.99
C LYS G 74 -40.11 -35.66 -8.50
N GLY G 75 -38.78 -35.69 -8.41
CA GLY G 75 -38.06 -36.86 -7.93
C GLY G 75 -37.28 -37.58 -9.01
N LEU G 76 -37.53 -37.27 -10.29
CA LEU G 76 -36.82 -37.94 -11.37
C LEU G 76 -35.38 -37.44 -11.43
N CYS G 77 -34.43 -38.32 -11.18
CA CYS G 77 -33.02 -37.96 -11.12
C CYS G 77 -32.34 -38.29 -12.44
N LYS G 78 -32.09 -37.27 -13.25
CA LYS G 78 -31.37 -37.44 -14.49
C LYS G 78 -29.86 -37.44 -14.22
N GLN G 79 -29.11 -37.92 -15.20
CA GLN G 79 -27.66 -37.83 -15.16
C GLN G 79 -27.24 -36.46 -15.72
N ILE G 80 -25.96 -36.14 -15.59
CA ILE G 80 -25.44 -34.87 -16.07
C ILE G 80 -24.33 -35.16 -17.07
N ASP G 81 -24.52 -34.69 -18.30
CA ASP G 81 -23.54 -34.85 -19.37
C ASP G 81 -22.57 -33.67 -19.30
N HIS G 82 -21.58 -33.79 -18.41
CA HIS G 82 -20.60 -32.72 -18.24
C HIS G 82 -19.91 -32.38 -19.54
N PHE G 83 -19.81 -33.34 -20.47
CA PHE G 83 -19.28 -33.13 -21.80
C PHE G 83 -20.42 -33.13 -22.81
N PRO G 84 -21.14 -32.00 -22.98
CA PRO G 84 -22.31 -31.91 -23.86
C PRO G 84 -22.04 -32.42 -25.28
N THR G 93 -6.43 -25.81 -24.76
CA THR G 93 -7.14 -26.96 -24.25
C THR G 93 -7.57 -26.67 -22.81
N ALA G 94 -7.54 -25.37 -22.46
CA ALA G 94 -7.92 -24.95 -21.11
C ALA G 94 -9.33 -25.40 -20.76
N GLU G 95 -10.30 -25.14 -21.65
CA GLU G 95 -11.68 -25.45 -21.35
C GLU G 95 -11.90 -26.95 -21.21
N TYR G 96 -11.27 -27.75 -22.07
CA TYR G 96 -11.38 -29.21 -21.97
C TYR G 96 -10.92 -29.70 -20.60
N PHE G 97 -9.74 -29.24 -20.15
CA PHE G 97 -9.20 -29.69 -18.87
C PHE G 97 -10.18 -29.41 -17.74
N LEU G 98 -10.77 -28.21 -17.71
CA LEU G 98 -11.73 -27.87 -16.68
C LEU G 98 -12.89 -28.86 -16.67
N ARG G 99 -13.50 -29.08 -17.83
CA ARG G 99 -14.64 -30.00 -17.92
C ARG G 99 -14.24 -31.41 -17.50
N ALA G 100 -13.06 -31.86 -17.93
CA ALA G 100 -12.61 -33.20 -17.61
C ALA G 100 -12.47 -33.38 -16.10
N VAL G 101 -11.86 -32.40 -15.42
CA VAL G 101 -11.70 -32.49 -13.98
C VAL G 101 -13.04 -32.38 -13.28
N ARG G 102 -13.91 -31.48 -13.76
CA ARG G 102 -15.19 -31.28 -13.10
C ARG G 102 -16.09 -32.50 -13.23
N ALA G 103 -15.91 -33.29 -14.30
CA ALA G 103 -16.78 -34.44 -14.50
C ALA G 103 -16.45 -35.57 -13.54
N SER G 104 -15.16 -35.89 -13.41
CA SER G 104 -14.73 -36.99 -12.55
C SER G 104 -14.73 -36.62 -11.07
N SER G 105 -14.84 -35.34 -10.73
CA SER G 105 -14.80 -34.88 -9.34
C SER G 105 -13.54 -35.35 -8.64
N ILE G 106 -12.43 -35.42 -9.38
CA ILE G 106 -11.15 -35.87 -8.83
C ILE G 106 -10.87 -35.21 -7.49
N PHE G 107 -10.88 -33.88 -7.46
CA PHE G 107 -10.49 -33.17 -6.24
C PHE G 107 -11.48 -33.38 -5.10
N PRO G 108 -12.78 -33.16 -5.25
CA PRO G 108 -13.70 -33.46 -4.14
C PRO G 108 -13.58 -34.88 -3.61
N ILE G 109 -13.46 -35.86 -4.51
CA ILE G 109 -13.27 -37.25 -4.07
C ILE G 109 -11.88 -37.43 -3.46
N LEU G 110 -10.88 -36.72 -3.97
CA LEU G 110 -9.53 -36.82 -3.41
C LEU G 110 -9.51 -36.38 -1.95
N SER G 111 -10.27 -35.34 -1.62
CA SER G 111 -10.36 -34.91 -0.22
C SER G 111 -10.94 -36.02 0.65
N VAL G 112 -11.97 -36.71 0.16
CA VAL G 112 -12.51 -37.86 0.88
C VAL G 112 -11.43 -38.88 1.16
N ILE G 113 -10.63 -39.21 0.14
CA ILE G 113 -9.58 -40.21 0.29
C ILE G 113 -8.54 -39.73 1.30
N LEU G 114 -8.21 -38.44 1.28
CA LEU G 114 -7.17 -37.93 2.17
C LEU G 114 -7.64 -37.92 3.62
N LEU G 115 -8.88 -37.49 3.85
CA LEU G 115 -9.40 -37.47 5.22
C LEU G 115 -9.50 -38.87 5.79
N PHE G 116 -9.95 -39.84 4.97
CA PHE G 116 -9.99 -41.22 5.42
C PHE G 116 -8.59 -41.71 5.81
N MET G 117 -7.61 -41.43 4.96
CA MET G 117 -6.24 -41.84 5.28
C MET G 117 -5.72 -41.13 6.51
N GLY G 118 -6.04 -39.85 6.66
CA GLY G 118 -5.60 -39.11 7.82
C GLY G 118 -6.15 -39.65 9.12
N GLY G 119 -7.31 -40.29 9.06
CA GLY G 119 -7.92 -40.87 10.24
C GLY G 119 -7.26 -42.20 10.59
N LEU G 120 -6.90 -42.96 9.57
CA LEU G 120 -6.15 -44.19 9.79
C LEU G 120 -4.87 -43.92 10.58
N CYS G 121 -4.15 -42.86 10.23
CA CYS G 121 -2.91 -42.52 10.93
C CYS G 121 -3.16 -42.29 12.41
N ILE G 122 -4.19 -41.50 12.73
CA ILE G 122 -4.53 -41.25 14.13
C ILE G 122 -4.87 -42.56 14.84
N ALA G 123 -5.62 -43.44 14.16
CA ALA G 123 -5.89 -44.76 14.73
C ALA G 123 -4.60 -45.55 14.91
N ALA G 124 -3.72 -45.51 13.92
CA ALA G 124 -2.44 -46.20 14.00
C ALA G 124 -1.57 -45.70 15.15
N SER G 125 -1.83 -44.48 15.64
CA SER G 125 -1.00 -43.91 16.69
C SER G 125 -1.05 -44.75 17.95
N GLU G 126 -2.24 -44.92 18.51
CA GLU G 126 -2.46 -45.72 19.72
C GLU G 126 -1.69 -47.04 19.70
N PHE G 127 -1.65 -47.70 18.53
CA PHE G 127 -0.96 -48.98 18.43
C PHE G 127 0.55 -48.81 18.45
N TYR G 128 1.07 -47.88 17.67
CA TYR G 128 2.51 -47.58 17.62
C TYR G 128 2.72 -46.22 18.26
N LYS G 129 3.05 -46.22 19.56
CA LYS G 129 3.23 -44.99 20.32
C LYS G 129 4.70 -44.59 20.45
N THR G 130 5.57 -45.16 19.62
CA THR G 130 7.00 -44.86 19.66
C THR G 130 7.50 -44.24 18.38
N ARG G 131 6.61 -43.94 17.43
CA ARG G 131 6.98 -43.33 16.15
C ARG G 131 6.18 -42.04 16.02
N HIS G 132 6.82 -40.91 16.32
CA HIS G 132 6.13 -39.63 16.31
C HIS G 132 5.66 -39.22 14.93
N ASN G 133 6.28 -39.75 13.87
CA ASN G 133 5.91 -39.35 12.53
C ASN G 133 4.54 -39.86 12.10
N ILE G 134 3.90 -40.70 12.91
CA ILE G 134 2.53 -41.10 12.63
C ILE G 134 1.58 -39.92 12.83
N ILE G 135 1.86 -39.08 13.82
CA ILE G 135 0.96 -37.97 14.12
C ILE G 135 1.17 -36.84 13.12
N LEU G 136 2.43 -36.56 12.75
CA LEU G 136 2.68 -35.50 11.78
C LEU G 136 2.17 -35.87 10.41
N SER G 137 2.12 -37.18 10.10
CA SER G 137 1.52 -37.62 8.85
C SER G 137 0.05 -37.22 8.79
N ALA G 138 -0.69 -37.48 9.87
CA ALA G 138 -2.08 -37.06 9.95
C ALA G 138 -2.22 -35.57 9.70
N GLY G 139 -1.30 -34.77 10.26
CA GLY G 139 -1.37 -33.34 10.07
C GLY G 139 -1.25 -32.94 8.62
N ILE G 140 -0.33 -33.57 7.88
CA ILE G 140 -0.14 -33.21 6.48
C ILE G 140 -1.31 -33.65 5.63
N PHE G 141 -1.85 -34.84 5.89
CA PHE G 141 -3.03 -35.30 5.15
C PHE G 141 -4.20 -34.37 5.37
N PHE G 142 -4.46 -33.98 6.62
CA PHE G 142 -5.61 -33.12 6.90
C PHE G 142 -5.45 -31.74 6.29
N VAL G 143 -4.25 -31.16 6.39
CA VAL G 143 -4.00 -29.87 5.74
C VAL G 143 -4.10 -30.01 4.23
N SER G 144 -3.53 -31.07 3.66
CA SER G 144 -3.61 -31.26 2.23
C SER G 144 -5.02 -31.64 1.78
N ALA G 145 -5.79 -32.30 2.64
CA ALA G 145 -7.18 -32.57 2.32
C ALA G 145 -7.97 -31.28 2.20
N GLY G 146 -7.71 -30.32 3.09
CA GLY G 146 -8.34 -29.02 2.96
C GLY G 146 -8.00 -28.33 1.64
N LEU G 147 -6.74 -28.44 1.21
CA LEU G 147 -6.33 -27.77 -0.03
C LEU G 147 -7.04 -28.37 -1.24
N SER G 148 -7.21 -29.70 -1.25
CA SER G 148 -7.97 -30.32 -2.32
C SER G 148 -9.42 -29.84 -2.31
N ASN G 149 -9.98 -29.67 -1.12
CA ASN G 149 -11.36 -29.18 -1.01
C ASN G 149 -11.50 -27.80 -1.60
N ILE G 150 -10.54 -26.90 -1.35
CA ILE G 150 -10.56 -25.57 -1.94
C ILE G 150 -10.62 -25.67 -3.47
N ILE G 151 -9.75 -26.50 -4.05
CA ILE G 151 -9.72 -26.64 -5.50
C ILE G 151 -11.05 -27.17 -6.01
N GLY G 152 -11.63 -28.13 -5.29
CA GLY G 152 -12.91 -28.68 -5.71
C GLY G 152 -14.01 -27.63 -5.77
N ILE G 153 -14.10 -26.81 -4.72
CA ILE G 153 -15.06 -25.71 -4.72
C ILE G 153 -14.83 -24.79 -5.91
N ILE G 154 -13.58 -24.39 -6.14
CA ILE G 154 -13.27 -23.47 -7.23
C ILE G 154 -13.60 -24.09 -8.58
N VAL G 155 -13.26 -25.37 -8.76
CA VAL G 155 -13.46 -26.01 -10.05
C VAL G 155 -14.94 -26.31 -10.27
N TYR G 156 -15.74 -26.34 -9.20
CA TYR G 156 -17.17 -26.52 -9.37
C TYR G 156 -17.87 -25.20 -9.65
N ILE G 157 -17.37 -24.10 -9.08
CA ILE G 157 -17.98 -22.80 -9.29
C ILE G 157 -17.55 -22.21 -10.63
N SER G 158 -16.36 -22.58 -11.13
CA SER G 158 -15.88 -22.05 -12.39
C SER G 158 -16.47 -22.79 -13.58
N ALA G 159 -16.56 -24.12 -13.49
CA ALA G 159 -17.17 -24.89 -14.57
C ALA G 159 -18.65 -24.59 -14.70
N ASN G 160 -19.33 -24.39 -13.56
CA ASN G 160 -20.76 -24.13 -13.56
C ASN G 160 -21.13 -22.82 -14.24
N ALA G 161 -20.16 -21.94 -14.48
CA ALA G 161 -20.45 -20.65 -15.10
C ALA G 161 -19.78 -20.54 -16.47
N ASN G 172 -33.02 -16.61 -14.20
CA ASN G 172 -31.74 -17.32 -14.16
C ASN G 172 -30.98 -17.01 -12.88
N SER G 173 -31.36 -17.67 -11.79
CA SER G 173 -30.74 -17.46 -10.49
C SER G 173 -30.33 -18.80 -9.89
N TYR G 174 -29.44 -18.74 -8.91
CA TYR G 174 -28.96 -19.94 -8.24
C TYR G 174 -28.69 -19.62 -6.78
N SER G 175 -28.71 -20.66 -5.95
CA SER G 175 -28.42 -20.52 -4.53
C SER G 175 -27.93 -21.86 -4.01
N TYR G 176 -26.66 -21.93 -3.64
CA TYR G 176 -26.05 -23.18 -3.23
C TYR G 176 -26.83 -23.82 -2.09
N GLY G 177 -26.74 -25.15 -2.00
CA GLY G 177 -27.52 -25.92 -1.06
C GLY G 177 -26.68 -26.51 0.07
N TRP G 178 -27.40 -27.06 1.06
CA TRP G 178 -26.77 -27.61 2.25
C TRP G 178 -25.65 -28.58 1.91
N SER G 179 -25.77 -29.32 0.81
CA SER G 179 -24.70 -30.24 0.42
C SER G 179 -23.42 -29.48 0.12
N PHE G 180 -23.53 -28.36 -0.60
CA PHE G 180 -22.35 -27.55 -0.91
C PHE G 180 -21.76 -26.97 0.37
N TYR G 181 -22.59 -26.67 1.36
CA TYR G 181 -22.09 -26.12 2.61
C TYR G 181 -21.45 -27.18 3.49
N PHE G 182 -21.87 -28.45 3.36
CA PHE G 182 -21.17 -29.52 4.07
C PHE G 182 -19.75 -29.69 3.53
N GLY G 183 -19.54 -29.40 2.25
CA GLY G 183 -18.20 -29.41 1.71
C GLY G 183 -17.38 -28.29 2.30
N ALA G 184 -17.89 -27.06 2.15
CA ALA G 184 -17.22 -25.90 2.73
C ALA G 184 -16.97 -26.09 4.23
N LEU G 185 -17.97 -26.58 4.96
CA LEU G 185 -17.80 -26.79 6.39
C LEU G 185 -16.76 -27.87 6.67
N SER G 186 -16.72 -28.91 5.84
CA SER G 186 -15.70 -29.95 6.01
C SER G 186 -14.30 -29.38 5.94
N PHE G 187 -14.05 -28.50 4.97
CA PHE G 187 -12.76 -27.83 4.86
C PHE G 187 -12.33 -27.22 6.19
N ILE G 188 -13.22 -26.41 6.80
CA ILE G 188 -12.88 -25.77 8.07
C ILE G 188 -12.62 -26.82 9.14
N ILE G 189 -13.50 -27.81 9.24
CA ILE G 189 -13.34 -28.84 10.27
C ILE G 189 -12.09 -29.68 10.01
N ALA G 190 -11.56 -29.66 8.79
CA ALA G 190 -10.36 -30.42 8.47
C ALA G 190 -9.10 -29.59 8.63
N GLU G 191 -9.19 -28.27 8.47
CA GLU G 191 -8.05 -27.41 8.75
C GLU G 191 -7.82 -27.28 10.25
N MET G 192 -8.89 -27.24 11.04
CA MET G 192 -8.75 -27.17 12.49
C MET G 192 -8.15 -28.45 13.05
N VAL G 193 -8.61 -29.60 12.56
CA VAL G 193 -7.97 -30.86 12.93
C VAL G 193 -6.50 -30.86 12.51
N GLY G 194 -6.21 -30.25 11.35
CA GLY G 194 -4.83 -30.22 10.88
C GLY G 194 -3.89 -29.50 11.83
N VAL G 195 -4.25 -28.28 12.25
CA VAL G 195 -3.41 -27.56 13.20
C VAL G 195 -3.32 -28.32 14.52
N LEU G 196 -4.45 -28.91 14.95
CA LEU G 196 -4.45 -29.65 16.21
C LEU G 196 -3.48 -30.83 16.15
N ALA G 197 -3.47 -31.56 15.03
CA ALA G 197 -2.55 -32.67 14.87
C ALA G 197 -1.10 -32.20 14.90
N VAL G 198 -0.81 -31.06 14.27
CA VAL G 198 0.55 -30.55 14.21
C VAL G 198 1.02 -30.14 15.60
N HIS G 199 0.12 -29.61 16.42
CA HIS G 199 0.46 -29.30 17.80
C HIS G 199 0.82 -30.56 18.57
N MET G 200 0.07 -31.64 18.34
CA MET G 200 0.38 -32.91 18.99
C MET G 200 1.79 -33.37 18.65
N PHE G 201 2.17 -33.28 17.38
CA PHE G 201 3.54 -33.63 16.98
C PHE G 201 4.55 -32.75 17.69
N ILE G 202 4.41 -31.43 17.53
CA ILE G 202 5.28 -30.48 18.24
C ILE G 202 5.37 -30.83 19.72
N ASP G 203 4.21 -30.99 20.37
CA ASP G 203 4.19 -31.20 21.81
C ASP G 203 4.95 -32.46 22.21
N ARG G 204 4.76 -33.55 21.46
CA ARG G 204 5.47 -34.79 21.78
C ARG G 204 6.97 -34.61 21.73
N HIS G 205 7.47 -34.01 20.64
CA HIS G 205 8.91 -33.79 20.52
C HIS G 205 9.42 -32.84 21.59
N LYS G 206 8.59 -31.93 22.08
CA LYS G 206 8.99 -31.07 23.18
C LYS G 206 9.24 -31.88 24.45
N GLN G 207 8.39 -32.88 24.71
CA GLN G 207 8.59 -33.72 25.87
C GLN G 207 9.87 -34.54 25.77
N LEU G 208 10.26 -34.95 24.55
CA LEU G 208 11.51 -35.66 24.37
C LEU G 208 12.70 -34.77 24.72
N ARG G 209 12.66 -33.50 24.31
CA ARG G 209 13.74 -32.58 24.66
C ARG G 209 13.92 -32.47 26.17
N ALA G 210 12.80 -32.42 26.91
CA ALA G 210 12.89 -32.34 28.36
C ALA G 210 13.59 -33.58 28.94
N THR G 211 13.20 -34.76 28.46
CA THR G 211 13.81 -36.00 28.96
C THR G 211 15.30 -36.06 28.65
N ALA G 212 15.73 -35.39 27.58
CA ALA G 212 17.15 -35.33 27.25
C ALA G 212 17.88 -34.34 28.16
N GLY H 7 -8.42 15.76 43.67
CA GLY H 7 -7.41 15.75 42.64
C GLY H 7 -7.78 16.60 41.44
N VAL H 8 -6.77 17.23 40.82
CA VAL H 8 -7.02 18.04 39.62
C VAL H 8 -7.54 17.15 38.50
N GLN H 9 -7.00 15.94 38.37
CA GLN H 9 -7.46 15.02 37.33
C GLN H 9 -8.92 14.65 37.53
N MET H 10 -9.33 14.43 38.78
CA MET H 10 -10.72 14.11 39.06
C MET H 10 -11.64 15.25 38.62
N LEU H 11 -11.22 16.50 38.85
CA LEU H 11 -12.06 17.64 38.49
C LEU H 11 -12.29 17.70 36.98
N LEU H 12 -11.24 17.44 36.20
CA LEU H 12 -11.40 17.43 34.75
C LEU H 12 -12.45 16.42 34.31
N THR H 13 -12.32 15.18 34.79
CA THR H 13 -13.29 14.14 34.46
C THR H 13 -14.71 14.57 34.80
N ILE H 14 -14.92 15.11 36.00
CA ILE H 14 -16.25 15.51 36.44
C ILE H 14 -16.82 16.58 35.52
N VAL H 15 -16.05 17.64 35.29
CA VAL H 15 -16.50 18.72 34.41
C VAL H 15 -16.74 18.17 33.01
N GLY H 16 -15.84 17.32 32.52
CA GLY H 16 -16.00 16.77 31.18
C GLY H 16 -17.20 15.86 31.07
N ALA H 17 -17.45 15.04 32.10
CA ALA H 17 -18.63 14.18 32.11
C ALA H 17 -19.91 15.01 32.00
N PHE H 18 -20.06 16.02 32.85
CA PHE H 18 -21.25 16.85 32.82
C PHE H 18 -21.43 17.51 31.46
N ALA H 19 -20.33 18.06 30.91
CA ALA H 19 -20.39 18.71 29.61
C ALA H 19 -20.92 17.76 28.54
N ALA H 20 -20.33 16.57 28.44
CA ALA H 20 -20.79 15.58 27.46
C ALA H 20 -22.28 15.30 27.62
N PHE H 21 -22.72 14.95 28.84
CA PHE H 21 -24.12 14.67 29.10
C PHE H 21 -25.01 15.83 28.66
N SER H 22 -24.67 17.04 29.11
CA SER H 22 -25.44 18.23 28.76
C SER H 22 -25.62 18.36 27.25
N LEU H 23 -24.50 18.39 26.51
CA LEU H 23 -24.56 18.60 25.07
C LEU H 23 -25.45 17.56 24.40
N MET H 24 -25.23 16.28 24.72
CA MET H 24 -25.98 15.21 24.05
C MET H 24 -27.47 15.33 24.31
N THR H 25 -27.86 15.59 25.57
CA THR H 25 -29.28 15.71 25.89
C THR H 25 -29.90 16.91 25.20
N ILE H 26 -29.19 18.03 25.18
CA ILE H 26 -29.67 19.23 24.48
C ILE H 26 -29.89 18.92 23.00
N ALA H 27 -29.08 18.05 22.43
CA ALA H 27 -29.22 17.71 21.02
C ALA H 27 -30.51 16.90 20.79
N VAL H 28 -30.63 15.76 21.46
CA VAL H 28 -31.79 14.89 21.30
C VAL H 28 -33.10 15.65 21.47
N GLY H 29 -33.11 16.65 22.36
CA GLY H 29 -34.33 17.37 22.66
C GLY H 29 -34.64 18.54 21.75
N THR H 30 -33.60 19.16 21.18
CA THR H 30 -33.79 20.29 20.30
C THR H 30 -34.10 19.83 18.87
N ASP H 31 -34.49 20.78 18.03
CA ASP H 31 -34.95 20.54 16.67
C ASP H 31 -34.16 21.39 15.69
N TYR H 32 -32.84 21.31 15.77
CA TYR H 32 -31.95 22.04 14.87
C TYR H 32 -30.85 21.13 14.35
N TRP H 33 -31.23 19.94 13.90
CA TRP H 33 -30.24 18.98 13.40
C TRP H 33 -29.96 19.16 11.91
N LEU H 34 -30.98 19.44 11.11
CA LEU H 34 -30.86 19.47 9.66
C LEU H 34 -31.72 20.59 9.09
N TYR H 35 -31.09 21.65 8.59
CA TYR H 35 -31.81 22.72 7.92
C TYR H 35 -32.13 22.28 6.50
N SER H 36 -33.41 22.02 6.23
CA SER H 36 -33.85 21.55 4.92
C SER H 36 -34.93 22.49 4.38
N ARG H 37 -35.66 22.04 3.36
CA ARG H 37 -36.71 22.86 2.74
C ARG H 37 -37.87 21.93 2.37
N GLY H 38 -38.82 21.81 3.30
CA GLY H 38 -39.97 20.95 3.13
C GLY H 38 -41.16 21.49 3.90
N VAL H 39 -42.30 20.81 3.72
CA VAL H 39 -43.54 21.22 4.37
C VAL H 39 -43.44 20.98 5.87
N CYS H 40 -44.25 21.74 6.63
CA CYS H 40 -44.31 21.56 8.07
C CYS H 40 -45.70 21.20 8.60
N LYS H 41 -46.76 21.43 7.84
CA LYS H 41 -48.09 21.00 8.27
C LYS H 41 -48.58 19.84 7.41
N LYS H 53 -50.53 18.93 -1.45
CA LYS H 53 -49.93 19.98 -2.27
C LYS H 53 -49.76 21.26 -1.47
N ASN H 54 -48.51 21.64 -1.21
CA ASN H 54 -48.22 22.85 -0.45
C ASN H 54 -46.96 23.52 -0.97
N GLU H 55 -46.18 24.13 -0.07
CA GLU H 55 -44.98 24.85 -0.44
C GLU H 55 -43.82 24.37 0.42
N GLU H 56 -42.61 24.57 -0.09
CA GLU H 56 -41.39 24.08 0.55
C GLU H 56 -40.61 25.25 1.13
N VAL H 57 -41.12 25.78 2.24
CA VAL H 57 -40.42 26.83 2.97
C VAL H 57 -39.27 26.22 3.77
N MET H 58 -38.24 27.03 4.01
CA MET H 58 -37.13 26.60 4.86
C MET H 58 -37.64 25.99 6.17
N THR H 59 -36.99 24.92 6.61
CA THR H 59 -37.34 24.28 7.86
C THR H 59 -36.06 23.86 8.58
N HIS H 60 -36.20 23.60 9.87
CA HIS H 60 -35.11 23.13 10.73
C HIS H 60 -35.56 21.83 11.38
N SER H 61 -35.38 20.72 10.67
CA SER H 61 -35.81 19.43 11.18
C SER H 61 -34.93 19.00 12.36
N GLY H 62 -35.33 17.90 12.99
CA GLY H 62 -34.60 17.36 14.11
C GLY H 62 -34.70 15.85 14.18
N LEU H 63 -34.98 15.33 15.37
CA LEU H 63 -35.13 13.89 15.58
C LEU H 63 -36.59 13.48 15.72
N TRP H 64 -37.35 14.21 16.53
CA TRP H 64 -38.76 13.90 16.77
C TRP H 64 -39.71 14.87 16.10
N ARG H 65 -39.23 15.99 15.57
CA ARG H 65 -40.09 17.02 15.03
C ARG H 65 -39.39 17.75 13.90
N THR H 66 -40.17 18.29 12.98
CA THR H 66 -39.68 19.13 11.89
C THR H 66 -40.56 20.37 11.85
N CYS H 67 -39.97 21.51 12.22
CA CYS H 67 -40.71 22.77 12.39
C CYS H 67 -40.15 23.76 11.38
N CYS H 68 -40.96 24.13 10.38
CA CYS H 68 -40.53 25.15 9.41
C CYS H 68 -40.10 26.43 10.11
N LEU H 69 -39.07 27.07 9.53
CA LEU H 69 -38.49 28.25 10.15
C LEU H 69 -39.00 29.54 9.53
N GLU H 70 -38.49 29.86 8.34
CA GLU H 70 -38.90 31.05 7.58
C GLU H 70 -40.10 30.71 6.70
N GLY H 71 -41.29 30.82 7.26
CA GLY H 71 -42.50 30.45 6.53
C GLY H 71 -43.69 31.25 7.01
N ASN H 72 -44.77 31.14 6.23
CA ASN H 72 -46.02 31.79 6.62
C ASN H 72 -46.50 31.27 7.98
N PHE H 73 -46.38 29.97 8.19
CA PHE H 73 -46.73 29.33 9.46
C PHE H 73 -45.50 29.18 10.33
N LYS H 74 -44.74 30.27 10.47
CA LYS H 74 -43.53 30.27 11.28
C LYS H 74 -43.79 29.78 12.69
N GLY H 75 -43.06 28.75 13.09
CA GLY H 75 -43.18 28.17 14.42
C GLY H 75 -44.15 27.02 14.55
N LEU H 76 -44.68 26.50 13.44
CA LEU H 76 -45.55 25.33 13.47
C LEU H 76 -44.67 24.09 13.36
N CYS H 77 -44.79 23.19 14.33
CA CYS H 77 -43.91 22.03 14.42
C CYS H 77 -44.75 20.76 14.40
N LYS H 78 -44.36 19.80 13.57
CA LYS H 78 -45.11 18.57 13.39
C LYS H 78 -44.21 17.35 13.49
N GLN H 79 -44.64 16.34 14.25
CA GLN H 79 -43.92 15.09 14.41
C GLN H 79 -43.36 14.62 13.08
N ILE H 80 -42.06 14.32 13.04
CA ILE H 80 -41.47 13.80 11.82
C ILE H 80 -42.22 12.56 11.36
N ASP H 81 -42.69 12.59 10.12
CA ASP H 81 -43.45 11.48 9.55
C ASP H 81 -42.52 10.32 9.27
N HIS H 82 -42.70 9.21 9.97
CA HIS H 82 -41.91 8.01 9.75
C HIS H 82 -42.74 6.98 9.01
N PHE H 83 -42.08 5.89 8.63
CA PHE H 83 -42.69 4.77 7.91
C PHE H 83 -43.62 5.25 6.80
N PRO H 84 -43.11 5.92 5.76
CA PRO H 84 -43.99 6.44 4.70
C PRO H 84 -44.27 5.40 3.62
N THR H 93 -37.63 -6.73 5.12
CA THR H 93 -37.46 -6.71 6.57
C THR H 93 -36.18 -5.96 6.95
N ALA H 94 -35.17 -6.04 6.09
CA ALA H 94 -33.93 -5.32 6.36
C ALA H 94 -34.14 -3.81 6.34
N GLU H 95 -34.93 -3.31 5.38
CA GLU H 95 -35.27 -1.89 5.37
C GLU H 95 -36.16 -1.54 6.55
N TYR H 96 -37.04 -2.45 6.95
CA TYR H 96 -37.89 -2.23 8.11
C TYR H 96 -37.06 -2.01 9.37
N PHE H 97 -36.01 -2.81 9.55
CA PHE H 97 -35.17 -2.70 10.74
C PHE H 97 -34.55 -1.31 10.85
N LEU H 98 -34.02 -0.78 9.74
CA LEU H 98 -33.38 0.53 9.79
C LEU H 98 -34.40 1.63 10.09
N ARG H 99 -35.60 1.53 9.52
CA ARG H 99 -36.65 2.51 9.79
C ARG H 99 -36.94 2.59 11.28
N ALA H 100 -37.11 1.43 11.92
CA ALA H 100 -37.41 1.42 13.35
C ALA H 100 -36.26 1.99 14.17
N VAL H 101 -35.02 1.66 13.79
CA VAL H 101 -33.87 2.14 14.55
C VAL H 101 -33.78 3.66 14.50
N ARG H 102 -34.03 4.24 13.32
CA ARG H 102 -33.93 5.69 13.19
C ARG H 102 -35.11 6.38 13.86
N ALA H 103 -36.31 5.79 13.75
CA ALA H 103 -37.50 6.44 14.27
C ALA H 103 -37.45 6.53 15.78
N SER H 104 -37.07 5.44 16.44
CA SER H 104 -37.05 5.40 17.90
C SER H 104 -35.82 6.10 18.48
N SER H 105 -34.87 6.54 17.65
CA SER H 105 -33.63 7.13 18.10
C SER H 105 -33.01 6.34 19.25
N ILE H 106 -33.12 5.01 19.18
CA ILE H 106 -32.59 4.14 20.23
C ILE H 106 -31.13 4.48 20.55
N PHE H 107 -30.32 4.70 19.51
CA PHE H 107 -28.90 4.95 19.75
C PHE H 107 -28.66 6.32 20.38
N PRO H 108 -29.10 7.44 19.79
CA PRO H 108 -28.94 8.73 20.50
C PRO H 108 -29.41 8.69 21.94
N ILE H 109 -30.59 8.12 22.18
CA ILE H 109 -31.09 8.00 23.55
C ILE H 109 -30.17 7.10 24.38
N LEU H 110 -29.72 5.99 23.80
CA LEU H 110 -28.86 5.07 24.53
C LEU H 110 -27.57 5.76 24.96
N SER H 111 -27.01 6.62 24.11
CA SER H 111 -25.79 7.33 24.46
C SER H 111 -26.02 8.20 25.71
N VAL H 112 -27.13 8.93 25.74
CA VAL H 112 -27.47 9.73 26.92
C VAL H 112 -27.47 8.86 28.17
N ILE H 113 -28.13 7.70 28.09
CA ILE H 113 -28.24 6.81 29.24
C ILE H 113 -26.86 6.35 29.69
N LEU H 114 -26.02 5.93 28.74
CA LEU H 114 -24.69 5.46 29.09
C LEU H 114 -23.84 6.60 29.64
N LEU H 115 -23.97 7.80 29.07
CA LEU H 115 -23.25 8.95 29.61
C LEU H 115 -23.72 9.28 31.01
N PHE H 116 -25.02 9.16 31.27
CA PHE H 116 -25.55 9.37 32.61
C PHE H 116 -24.94 8.37 33.60
N MET H 117 -24.95 7.09 33.25
CA MET H 117 -24.39 6.08 34.13
C MET H 117 -22.91 6.30 34.36
N GLY H 118 -22.20 6.81 33.35
CA GLY H 118 -20.80 7.18 33.55
C GLY H 118 -20.62 8.21 34.65
N GLY H 119 -21.51 9.20 34.69
CA GLY H 119 -21.44 10.18 35.77
C GLY H 119 -21.73 9.58 37.13
N LEU H 120 -22.69 8.65 37.19
CA LEU H 120 -22.96 7.96 38.45
C LEU H 120 -21.74 7.20 38.94
N CYS H 121 -21.01 6.56 38.02
CA CYS H 121 -19.81 5.83 38.41
C CYS H 121 -18.74 6.78 38.93
N ILE H 122 -18.58 7.94 38.28
CA ILE H 122 -17.64 8.95 38.76
C ILE H 122 -18.02 9.38 40.17
N ALA H 123 -19.32 9.57 40.42
CA ALA H 123 -19.79 10.00 41.73
C ALA H 123 -19.98 8.84 42.68
N ALA H 124 -19.30 7.72 42.42
CA ALA H 124 -19.30 6.57 43.31
C ALA H 124 -17.90 6.14 43.72
N SER H 125 -16.87 6.55 42.98
CA SER H 125 -15.49 6.30 43.39
C SER H 125 -14.98 7.35 44.35
N GLU H 126 -15.81 8.31 44.74
CA GLU H 126 -15.47 9.28 45.76
C GLU H 126 -15.98 8.87 47.14
N PHE H 127 -16.71 7.76 47.20
CA PHE H 127 -17.20 7.20 48.46
C PHE H 127 -16.65 5.80 48.70
N TYR H 128 -16.86 4.89 47.74
CA TYR H 128 -16.28 3.54 47.81
C TYR H 128 -14.94 3.54 47.06
N LYS H 129 -13.97 4.22 47.64
CA LYS H 129 -12.68 4.44 46.99
C LYS H 129 -11.70 3.31 47.24
N THR H 130 -12.18 2.14 47.66
CA THR H 130 -11.35 0.96 47.80
C THR H 130 -11.53 -0.04 46.66
N ARG H 131 -12.67 0.01 45.96
CA ARG H 131 -12.93 -0.93 44.87
C ARG H 131 -11.98 -0.68 43.70
N HIS H 132 -12.09 0.49 43.08
CA HIS H 132 -11.32 0.98 41.93
C HIS H 132 -11.79 0.35 40.63
N ASN H 133 -12.62 -0.69 40.65
CA ASN H 133 -13.25 -1.17 39.44
C ASN H 133 -14.39 -0.26 38.98
N ILE H 134 -14.90 0.58 39.89
CA ILE H 134 -15.93 1.54 39.52
C ILE H 134 -15.38 2.51 38.48
N ILE H 135 -14.15 2.97 38.66
CA ILE H 135 -13.57 3.92 37.71
C ILE H 135 -13.40 3.28 36.35
N LEU H 136 -13.02 2.00 36.31
CA LEU H 136 -12.93 1.29 35.04
C LEU H 136 -14.30 1.18 34.38
N SER H 137 -15.34 0.95 35.17
CA SER H 137 -16.70 0.95 34.64
C SER H 137 -17.04 2.30 34.02
N ALA H 138 -16.73 3.39 34.75
CA ALA H 138 -16.91 4.73 34.21
C ALA H 138 -16.25 4.86 32.84
N GLY H 139 -14.98 4.45 32.75
CA GLY H 139 -14.28 4.53 31.48
C GLY H 139 -15.00 3.80 30.36
N ILE H 140 -15.35 2.53 30.62
CA ILE H 140 -16.03 1.73 29.61
C ILE H 140 -17.36 2.36 29.22
N PHE H 141 -18.11 2.86 30.20
CA PHE H 141 -19.38 3.53 29.92
C PHE H 141 -19.18 4.72 28.97
N PHE H 142 -18.24 5.61 29.31
CA PHE H 142 -17.99 6.77 28.46
C PHE H 142 -17.47 6.35 27.09
N VAL H 143 -16.57 5.35 27.05
CA VAL H 143 -16.05 4.90 25.76
C VAL H 143 -17.14 4.21 24.95
N SER H 144 -18.02 3.46 25.62
CA SER H 144 -19.11 2.80 24.91
C SER H 144 -20.22 3.76 24.55
N ALA H 145 -20.40 4.82 25.34
CA ALA H 145 -21.36 5.86 24.95
C ALA H 145 -20.88 6.62 23.73
N GLY H 146 -19.56 6.72 23.54
CA GLY H 146 -19.04 7.33 22.33
C GLY H 146 -19.32 6.49 21.10
N LEU H 147 -19.18 5.17 21.22
CA LEU H 147 -19.42 4.30 20.06
C LEU H 147 -20.89 4.29 19.68
N SER H 148 -21.78 4.33 20.67
CA SER H 148 -23.21 4.44 20.38
C SER H 148 -23.51 5.73 19.63
N ASN H 149 -22.81 6.81 20.00
CA ASN H 149 -23.04 8.10 19.35
C ASN H 149 -22.69 8.04 17.88
N ILE H 150 -21.58 7.36 17.53
CA ILE H 150 -21.19 7.22 16.13
C ILE H 150 -22.32 6.57 15.33
N ILE H 151 -22.85 5.46 15.82
CA ILE H 151 -23.89 4.74 15.09
C ILE H 151 -25.13 5.61 14.97
N GLY H 152 -25.44 6.40 16.00
CA GLY H 152 -26.57 7.30 15.92
C GLY H 152 -26.42 8.32 14.81
N ILE H 153 -25.23 8.91 14.71
CA ILE H 153 -24.95 9.85 13.63
C ILE H 153 -25.07 9.15 12.28
N ILE H 154 -24.52 7.95 12.16
CA ILE H 154 -24.54 7.23 10.88
C ILE H 154 -25.97 6.89 10.48
N VAL H 155 -26.77 6.42 11.44
CA VAL H 155 -28.17 6.10 11.14
C VAL H 155 -28.92 7.36 10.71
N TYR H 156 -28.66 8.48 11.39
CA TYR H 156 -29.33 9.72 11.03
C TYR H 156 -28.97 10.17 9.62
N ILE H 157 -27.68 10.10 9.27
CA ILE H 157 -27.26 10.58 7.97
C ILE H 157 -27.75 9.66 6.86
N SER H 158 -27.97 8.39 7.18
CA SER H 158 -28.33 7.41 6.17
C SER H 158 -29.84 7.40 5.90
N ALA H 159 -30.66 7.63 6.93
CA ALA H 159 -32.09 7.73 6.70
C ALA H 159 -32.47 8.99 5.94
N ASN H 160 -31.63 10.02 5.97
CA ASN H 160 -31.89 11.23 5.19
C ASN H 160 -31.41 11.04 3.75
N ALA H 161 -31.82 9.95 3.12
CA ALA H 161 -31.45 9.64 1.74
C ALA H 161 -32.62 9.77 0.79
N GLY H 162 -33.77 9.20 1.14
CA GLY H 162 -34.94 9.27 0.29
C GLY H 162 -35.87 10.41 0.64
N ASN H 172 -29.57 18.70 -1.79
CA ASN H 172 -29.89 19.91 -2.52
C ASN H 172 -29.71 21.15 -1.65
N SER H 173 -30.34 21.13 -0.48
CA SER H 173 -30.20 22.22 0.48
C SER H 173 -30.13 21.70 1.91
N TYR H 174 -29.67 20.46 2.09
CA TYR H 174 -29.58 19.84 3.41
C TYR H 174 -28.30 20.32 4.09
N SER H 175 -28.43 21.20 5.07
CA SER H 175 -27.31 21.64 5.88
C SER H 175 -27.56 21.27 7.34
N TYR H 176 -26.49 21.04 8.07
CA TYR H 176 -26.58 20.61 9.46
C TYR H 176 -26.51 21.81 10.40
N GLY H 177 -27.24 21.72 11.50
CA GLY H 177 -27.34 22.81 12.45
C GLY H 177 -26.48 22.63 13.67
N TRP H 178 -26.83 23.35 14.74
CA TRP H 178 -26.02 23.30 15.95
C TRP H 178 -26.36 22.09 16.81
N SER H 179 -27.61 21.62 16.76
CA SER H 179 -27.97 20.43 17.54
C SER H 179 -27.21 19.22 17.03
N PHE H 180 -27.01 19.11 15.72
CA PHE H 180 -26.25 17.99 15.18
C PHE H 180 -24.80 18.07 15.61
N TYR H 181 -24.25 19.28 15.70
CA TYR H 181 -22.85 19.45 16.06
C TYR H 181 -22.65 19.34 17.57
N PHE H 182 -23.69 19.60 18.35
CA PHE H 182 -23.62 19.35 19.79
C PHE H 182 -23.51 17.86 20.06
N GLY H 183 -24.30 17.05 19.36
CA GLY H 183 -24.13 15.61 19.45
C GLY H 183 -22.73 15.19 19.04
N ALA H 184 -22.24 15.72 17.92
CA ALA H 184 -20.89 15.38 17.47
C ALA H 184 -19.85 15.88 18.46
N LEU H 185 -20.04 17.08 19.01
CA LEU H 185 -19.10 17.61 19.99
C LEU H 185 -19.13 16.78 21.27
N SER H 186 -20.31 16.30 21.66
CA SER H 186 -20.41 15.43 22.83
C SER H 186 -19.53 14.19 22.66
N PHE H 187 -19.54 13.59 21.47
CA PHE H 187 -18.74 12.40 21.23
C PHE H 187 -17.28 12.62 21.58
N ILE H 188 -16.70 13.71 21.09
CA ILE H 188 -15.30 14.02 21.38
C ILE H 188 -15.10 14.22 22.87
N ILE H 189 -16.00 14.99 23.50
CA ILE H 189 -15.89 15.23 24.94
C ILE H 189 -16.01 13.91 25.70
N ALA H 190 -16.94 13.06 25.29
CA ALA H 190 -17.10 11.76 25.93
C ALA H 190 -15.84 10.92 25.81
N GLU H 191 -15.31 10.78 24.60
CA GLU H 191 -14.12 9.97 24.39
C GLU H 191 -12.93 10.49 25.19
N MET H 192 -12.80 11.81 25.31
CA MET H 192 -11.70 12.36 26.10
C MET H 192 -11.85 12.00 27.57
N VAL H 193 -13.07 12.08 28.09
CA VAL H 193 -13.32 11.62 29.45
C VAL H 193 -12.98 10.13 29.58
N GLY H 194 -13.25 9.36 28.53
CA GLY H 194 -12.99 7.93 28.59
C GLY H 194 -11.52 7.60 28.78
N VAL H 195 -10.64 8.21 27.97
CA VAL H 195 -9.22 8.01 28.15
C VAL H 195 -8.77 8.53 29.51
N LEU H 196 -9.26 9.71 29.90
CA LEU H 196 -8.91 10.27 31.19
C LEU H 196 -9.29 9.32 32.32
N ALA H 197 -10.46 8.69 32.23
CA ALA H 197 -10.90 7.78 33.28
C ALA H 197 -10.03 6.53 33.31
N VAL H 198 -9.69 5.99 32.14
CA VAL H 198 -8.81 4.83 32.07
C VAL H 198 -7.46 5.15 32.71
N HIS H 199 -6.94 6.35 32.45
CA HIS H 199 -5.69 6.75 33.10
C HIS H 199 -5.87 6.86 34.61
N MET H 200 -6.98 7.45 35.03
CA MET H 200 -7.30 7.54 36.45
C MET H 200 -7.34 6.15 37.08
N PHE H 201 -7.97 5.20 36.39
CA PHE H 201 -7.97 3.81 36.87
C PHE H 201 -6.54 3.25 36.91
N ILE H 202 -5.76 3.48 35.85
CA ILE H 202 -4.41 2.96 35.80
C ILE H 202 -3.56 3.53 36.93
N ASP H 203 -3.72 4.83 37.21
CA ASP H 203 -2.94 5.44 38.29
C ASP H 203 -3.24 4.79 39.64
N ARG H 204 -4.51 4.52 39.92
CA ARG H 204 -4.88 3.84 41.15
C ARG H 204 -4.12 2.52 41.30
N HIS H 205 -4.10 1.69 40.25
CA HIS H 205 -3.45 0.40 40.34
C HIS H 205 -1.93 0.55 40.42
N LYS H 206 -1.36 1.56 39.75
CA LYS H 206 0.09 1.77 39.85
C LYS H 206 0.48 2.13 41.28
N GLN H 207 -0.35 2.93 41.95
CA GLN H 207 -0.08 3.25 43.36
C GLN H 207 -0.19 2.01 44.22
N LEU H 208 -1.19 1.16 43.96
CA LEU H 208 -1.32 -0.07 44.72
C LEU H 208 -0.15 -1.01 44.48
N ARG H 209 0.44 -0.98 43.28
CA ARG H 209 1.58 -1.83 42.98
C ARG H 209 2.82 -1.38 43.74
N ALA H 210 2.98 -0.06 43.93
CA ALA H 210 4.16 0.44 44.63
C ALA H 210 4.11 0.12 46.11
N THR H 211 2.92 0.17 46.72
CA THR H 211 2.79 -0.16 48.13
C THR H 211 3.06 -1.63 48.40
N ALA H 212 2.89 -2.50 47.42
CA ALA H 212 3.16 -3.93 47.60
C ALA H 212 4.64 -4.22 47.34
C1 PLM I . 13.12 29.91 22.34
O2 PLM I . 13.80 30.21 23.30
C2 PLM I . 13.49 30.24 20.93
C3 PLM I . 14.87 29.80 20.54
C4 PLM I . 15.09 29.72 19.04
C5 PLM I . 14.83 30.99 18.29
C6 PLM I . 14.88 30.81 16.79
C7 PLM I . 14.58 32.07 15.99
C8 PLM I . 13.16 32.54 16.10
C9 PLM I . 12.16 31.64 15.43
CA PLM I . 12.09 31.79 13.93
CB PLM I . 11.51 33.10 13.46
CC PLM I . 10.36 32.95 12.49
CD PLM I . 10.76 32.59 11.09
CE PLM I . 9.61 32.27 10.17
CF PLM I . 8.52 33.31 10.16
CG PLM I . 7.47 33.07 9.09
C18 OLC J . 0.25 12.98 17.21
C10 OLC J . -3.53 14.60 8.57
C9 OLC J . -4.25 15.04 7.57
C17 OLC J . -0.12 12.37 15.89
C11 OLC J . -2.64 15.43 9.45
C8 OLC J . -4.48 16.48 7.22
C24 OLC J . -14.58 20.64 3.13
C16 OLC J . -1.22 13.12 15.19
C12 OLC J . -2.88 15.19 10.90
C7 OLC J . -5.94 16.84 7.16
C15 OLC J . -0.83 13.76 13.88
C13 OLC J . -1.66 14.72 11.68
C6 OLC J . -6.20 18.33 7.18
C14 OLC J . -2.00 14.19 13.05
C5 OLC J . -7.61 18.71 6.77
C4 OLC J . -7.87 20.20 6.78
C3 OLC J . -9.32 20.59 6.55
C2 OLC J . -9.67 20.70 5.09
C21 OLC J . -12.59 22.17 3.39
C1 OLC J . -10.80 21.66 4.83
C22 OLC J . -13.91 21.71 3.96
O19 OLC J . -11.00 22.67 5.45
O25 OLC J . -15.95 20.96 2.86
O23 OLC J . -13.72 21.24 5.29
O20 OLC J . -11.54 21.26 3.80
C18 OLC K . -6.02 -12.56 15.47
C10 OLC K . -11.86 -8.69 9.67
C9 OLC K . -12.83 -8.45 8.83
C17 OLC K . -7.48 -12.49 15.08
C11 OLC K . -12.03 -9.03 11.12
C8 OLC K . -14.29 -8.47 9.15
C24 OLC K . -25.66 -10.63 2.47
C16 OLC K . -7.68 -12.08 13.65
C12 OLC K . -10.77 -9.54 11.74
C7 OLC K . -15.16 -8.58 7.93
C15 OLC K . -8.55 -10.85 13.45
C13 OLC K . -10.90 -9.95 13.19
C6 OLC K . -16.65 -8.64 8.21
C14 OLC K . -10.02 -11.12 13.58
C5 OLC K . -17.51 -8.84 7.00
C4 OLC K . -18.99 -8.94 7.28
C3 OLC K . -19.86 -8.94 6.04
C2 OLC K . -21.32 -8.79 6.35
C21 OLC K . -23.88 -10.40 4.25
C1 OLC K . -22.16 -9.89 5.77
C22 OLC K . -24.71 -9.71 3.19
O19 OLC K . -22.07 -11.06 6.05
O25 OLC K . -26.59 -9.91 1.65
O23 OLC K . -25.44 -8.64 3.79
O20 OLC K . -23.04 -9.42 4.89
C18 OLC L . 12.74 -16.29 -1.85
C10 OLC L . 5.53 -15.27 -6.29
C9 OLC L . 4.76 -14.99 -7.31
C17 OLC L . 11.99 -15.81 -3.06
C11 OLC L . 6.39 -16.49 -6.14
C8 OLC L . 4.64 -15.80 -8.57
C24 OLC L . 0.70 -18.12 -19.23
C16 OLC L . 11.50 -16.92 -3.94
C12 OLC L . 6.98 -16.63 -4.78
C7 OLC L . 3.27 -16.37 -8.76
C15 OLC L . 10.41 -17.76 -3.33
C13 OLC L . 8.42 -17.12 -4.75
C6 OLC L . 2.83 -16.50 -10.20
C14 OLC L . 9.04 -17.13 -3.38
C5 OLC L . 3.73 -17.37 -11.05
C4 OLC L . 3.09 -17.87 -12.32
C3 OLC L . 2.43 -16.79 -13.15
C2 OLC L . 2.54 -17.03 -14.63
C21 OLC L . 0.54 -19.11 -16.91
C1 OLC L . 1.81 -18.26 -15.12
C22 OLC L . -0.21 -18.62 -18.12
O19 OLC L . 1.88 -19.36 -14.65
O25 OLC L . -0.02 -17.91 -20.44
O23 OLC L . -1.06 -19.66 -18.62
O20 OLC L . 1.06 -17.98 -16.18
C1 PLM M . 39.20 0.28 -7.67
O2 PLM M . 39.67 -0.30 -6.72
C2 PLM M . 39.40 -0.13 -9.10
C3 PLM M . 40.17 -1.41 -9.27
C4 PLM M . 39.40 -2.66 -8.91
C5 PLM M . 38.39 -3.11 -9.95
C6 PLM M . 37.01 -2.53 -9.77
C7 PLM M . 36.29 -2.24 -11.08
C8 PLM M . 36.25 -3.41 -12.03
C9 PLM M . 35.18 -3.27 -13.10
CA PLM M . 35.47 -2.20 -14.12
CB PLM M . 34.28 -1.82 -14.97
CC PLM M . 33.68 -2.97 -15.74
CD PLM M . 32.95 -2.54 -16.99
CE PLM M . 31.90 -1.48 -16.77
CF PLM M . 31.19 -1.03 -18.01
CG PLM M . 30.20 -2.04 -18.55
C18 OLC N . 19.46 8.51 -0.19
C10 OLC N . 14.65 8.51 -8.87
C9 OLC N . 13.62 8.51 -9.68
C17 OLC N . 18.18 8.55 -0.99
C11 OLC N . 14.73 7.83 -7.54
C8 OLC N . 13.56 9.31 -10.94
C24 OLC N . 10.52 14.90 -22.25
C16 OLC N . 18.41 8.47 -2.47
C12 OLC N . 16.06 7.99 -6.89
C7 OLC N . 12.28 9.11 -11.69
C15 OLC N . 17.16 8.14 -3.24
C13 OLC N . 16.11 7.55 -5.44
C6 OLC N . 11.82 10.33 -12.49
C14 OLC N . 17.36 7.97 -4.71
C5 OLC N . 12.60 10.56 -13.75
C4 OLC N . 12.19 11.80 -14.51
C3 OLC N . 12.64 11.82 -15.96
C2 OLC N . 12.11 13.00 -16.71
C21 OLC N . 11.60 13.78 -20.24
C1 OLC N . 12.34 12.91 -18.18
C22 OLC N . 10.93 15.02 -20.80
O19 OLC N . 12.91 12.02 -18.74
O25 OLC N . 11.64 14.62 -23.09
O23 OLC N . 9.80 15.35 -19.99
O20 OLC N . 11.79 13.94 -18.83
#